data_9MGF
#
_entry.id   9MGF
#
_cell.length_a   1.00
_cell.length_b   1.00
_cell.length_c   1.00
_cell.angle_alpha   90.00
_cell.angle_beta   90.00
_cell.angle_gamma   90.00
#
_symmetry.space_group_name_H-M   'P 1'
#
loop_
_entity.id
_entity.type
_entity.pdbx_description
1 polymer 'Outer membrane protein assembly factor BamA'
2 polymer 'Outer membrane protein assembly factor BamB'
3 polymer 'Outer membrane protein assembly factor BamC'
4 polymer 'Outer membrane protein assembly factor BamD'
5 polymer 'Outer membrane protein assembly factor BamE'
6 polymer 'Outer membrane protein assembly factor BamA'
7 polymer 'Unknown peptide'
#
loop_
_entity_poly.entity_id
_entity_poly.type
_entity_poly.pdbx_seq_one_letter_code
_entity_poly.pdbx_strand_id
1 'polypeptide(L)'
;AEGFVVKDIHFEGLQRVAVGAALLSMPVRTGDTVNDEDISNTIRALFATGNFEDVRVLRDGDTLLVQVKERPTIASITFS
GNKSVKDDMLKQNLEASGVRVGESLDRTTIADIEKGLEDFYYSVGKYSASVKAVVTPLPRNRVDLKLVFQEGVSAEIQQI
NIVGNHAFTTDELISHFQLRDEVPWWNVVGDRKYQKQKLAGDLETLRSYYLDRGYARFNIDSTQVSLTPDKKGIYVTVNI
TEGDQYKLSGVEVSGNLAGHSAEIEQLTKIEPGELYNGTKVTKMEDDIKKLLGRYGYAYPRVQSMPEINDADKTVKLRVN
VDAGNRFYVRKIRFEGNDTSKDAVLRREMRQMEGAWLGSDLVDQGKERLNRLGFFETVDTDTQRVPGSPDQVDVVYKVKE
RNTGSFNFGIGYGTESGVSFQAGVQQDNWLGTGYAVGINGTKNDYQTYAELSVTNPYFTVDGVSLGGRLFYNDFQADDAD
LSDYTNKSYGTCVTLGFPINEYNSLRAGLGYVHNSLSNMQPQVAMWRYLYSMGEHPSTSDQDNSFKTDDFTFNYGWTYNK
LDRGYFPTDGSRVNLTGKVTIPGSDNEYYKVTLDTATYVPIDDDHKWVVLGRTRWGYGDGLGGKEMPFYENFYAGGSSTV
RGFQSNTIGPKAVYFPHQASNYDPDYDYECATQDGAKDLCKSDDAVGGNAMAVASLEFITPTPFISDKYANSVRTSFFWD
MGTVWDTNWDSSQYSGYPDYSDPSNIRMSAGIALQWMSPLGPLVFSYAQPFKKYDGDKAEQFQFNIGKTW
;
A
2 'polypeptide(L)'
;CSLFNSEEDVVKMSPLPTVENQFTPTTAWSTSVGSGIGNFYSNLHPALADNVVYAADRAGLVKALNADDGKEIWSVSLAE
KDGWFSKEPALLSGGVTVSGGHVYIGSEKAQVYALNTSDGTVAWQTKVAGEALSRPVVSDGLVLIHTSNGQLQALNEADG
AVKWTVNLDMPSLSLRGESAPTTAFGAAVVGGDNGRVSAVLMEQGQMIWQQRISQATGSTEIDRLSDVDTTPVVVNGVVF
ALAYNGNLTALDLRSGQIMWKRELGSVNDFIVDGNRIYLVDQNDRVMALTIDGGVTLWTQSDLLHRLLTSPVLYNGNLVV
GDSEGYLHWINVEDGRFVAQQKVDSSGFQTEPVAADGKLLIQAKDGTVYSITR
;
B
3 'polypeptide(L)'
;CSSDSRYKRQVSGDEAYLEAAPLAELHAPAGMILPVTSGDYAIPVTNGSGAVGKALDIRPPAQPLALVSGARTQFTGDTA
SLLVENGRGNTLWPQVVSVLQAKNYTITQRDDAGQTLTTDWVQWNRLDEDEQYRGRYQISVKPQGYQQAVTVKLLNLEQA
GKPVADAASMQRYSTEMMNVISAGLDKSATDAANAAQNRASTTMDVQSAADDTGLPMLVVRGPFNVVWQRLPAALEKVGM
KVTDSTRSQGNMAVTYKPLSDSDWQELGASDPGLASGDYKLQVGDLDNRSSLQFIDPKGHTLTQSQNDALVAVFQAAFSK
;
C
4 'polypeptide(L)'
;CSGSKEEVPDNPPNEIYATAQQKLQDGNWRQAITQLEALDNRYPFGPYSQQVQLDLIYAYYKNADLPLAQAAIDRFIRLN
PTHPNIDYVMYMRGLTNMALDDSALQGFFGVDRSDRDPQHARAAFSDFSKLVRGYPNSQYTTDATKRLVFLKDRLAKYEY
SVAEYYTERGAWVAVVNRVEGMLRDYPDTQATRDALPLMENAYRQMQMNAQAEKVAKIIAANSSNT
;
D
5 'polypeptide(L)'
;CSTLERVVYRPDINQGNYLTANDVSKIRVGMTQQQVAYALGTPLMSDPFGTNTWFYVFRQQPGHEGVTQQTLTLTFNSSG
VLTNIDNKPALSGNGGHHHHHHHH
;
E
6 'polypeptide(L)'
;AWSHPQFEKGGGSGGGSGGSAWSHPQFEKEGFVVKDIHFEGLQRVAVGAALLSMPVRTGDTVNDEDISNTIRALFATGNF
EDVRVLRDGDTLLVQVKERPTIASITFSGNKSVKDDMLKQNLEASGVRVGESLDRTTIADIEKGLEDFYYSVGKYSASVK
AVVTPLPRNRVDLKLVFQENTGSFNFGIGYGTESGVSFQAGVQQDNWLGTGYAVGINGTKNDYQTYAELSVTNPYFTVDG
VSLGGRLFYNDFQADDADLSDYTNKSYGTDVTLGFPINEYNSLRAGLGYVHNSLSNMQPQVAMWRYLYSMGEHPSTSDQD
NSFKTDDFTFNYGWTYNKLDRGYFPTDGSRVNLTCKVTIPGSDNEYYKVTLDTATYVPIDDDHKWVVLGRTRWGYGDGLG
GKEMPFYENFYAGGSSTVRGFQSNTIGPKAVYFPHQASNYDPDYDYECATQDGAKDLCKSDDAVGGNAMAVASLEFITPT
PFISDKYANSVRTSFFWDMGTVWDTNWDSSQYSGYPDYSDPSNIRMSAGIALQWMSPLGPLVFSYAQPFKKYDGDKAEQF
QFNIGKTW
;
F
7 'polyribonucleotide' (UNK)(UNK)(UNK)(UNK)(UNK)(UNK)(UNK)(UNK) G
#
# COMPACT_ATOMS: atom_id res chain seq x y z
N PHE A 4 9.97 -40.30 53.05
CA PHE A 4 9.37 -41.32 52.13
C PHE A 4 10.08 -41.30 50.77
N VAL A 5 10.25 -42.49 50.20
CA VAL A 5 10.88 -42.66 48.89
C VAL A 5 9.93 -43.43 47.99
N VAL A 6 9.73 -42.93 46.77
CA VAL A 6 8.83 -43.54 45.80
C VAL A 6 9.67 -44.32 44.80
N LYS A 7 9.29 -45.58 44.57
CA LYS A 7 10.02 -46.44 43.66
C LYS A 7 9.46 -46.44 42.24
N ASP A 8 8.21 -46.05 42.06
CA ASP A 8 7.60 -46.02 40.74
C ASP A 8 6.51 -44.97 40.70
N ILE A 9 6.18 -44.53 39.50
CA ILE A 9 5.14 -43.53 39.26
C ILE A 9 4.17 -44.09 38.22
N HIS A 10 2.87 -43.95 38.49
CA HIS A 10 1.83 -44.50 37.64
C HIS A 10 1.00 -43.38 37.03
N PHE A 11 0.72 -43.50 35.73
CA PHE A 11 -0.12 -42.56 35.02
C PHE A 11 -1.07 -43.33 34.12
N GLU A 12 -2.14 -42.65 33.69
CA GLU A 12 -3.10 -43.23 32.77
C GLU A 12 -3.49 -42.20 31.73
N GLY A 13 -3.93 -42.68 30.57
CA GLY A 13 -4.30 -41.82 29.46
C GLY A 13 -3.13 -41.44 28.58
N LEU A 14 -2.30 -40.51 29.05
CA LEU A 14 -1.11 -40.08 28.32
C LEU A 14 -1.48 -39.71 26.87
N GLN A 15 -2.60 -39.01 26.72
CA GLN A 15 -3.07 -38.63 25.39
C GLN A 15 -2.12 -37.63 24.73
N ARG A 16 -1.77 -36.57 25.45
CA ARG A 16 -0.95 -35.50 24.89
C ARG A 16 0.54 -35.75 25.04
N VAL A 17 0.97 -36.40 26.12
CA VAL A 17 2.39 -36.56 26.43
C VAL A 17 2.64 -37.99 26.88
N ALA A 18 3.79 -38.53 26.47
CA ALA A 18 4.19 -39.88 26.85
C ALA A 18 4.71 -39.91 28.29
N VAL A 19 4.89 -41.13 28.80
CA VAL A 19 5.33 -41.31 30.18
C VAL A 19 6.71 -40.71 30.38
N GLY A 20 7.64 -40.98 29.46
CA GLY A 20 8.99 -40.48 29.62
C GLY A 20 9.06 -38.96 29.60
N ALA A 21 8.35 -38.34 28.67
CA ALA A 21 8.34 -36.88 28.60
C ALA A 21 7.73 -36.28 29.86
N ALA A 22 6.64 -36.86 30.36
CA ALA A 22 6.03 -36.37 31.59
C ALA A 22 6.99 -36.50 32.76
N LEU A 23 7.68 -37.64 32.87
CA LEU A 23 8.60 -37.86 33.97
C LEU A 23 9.77 -36.88 33.91
N LEU A 24 10.31 -36.63 32.71
CA LEU A 24 11.42 -35.69 32.61
C LEU A 24 10.97 -34.25 32.78
N SER A 25 9.68 -33.97 32.54
CA SER A 25 9.18 -32.60 32.73
C SER A 25 9.02 -32.27 34.21
N MET A 26 8.53 -33.23 35.00
CA MET A 26 8.28 -32.96 36.40
C MET A 26 9.59 -32.77 37.16
N PRO A 27 9.55 -32.05 38.30
CA PRO A 27 10.80 -31.83 39.05
C PRO A 27 11.29 -33.07 39.76
N VAL A 28 10.39 -33.83 40.39
CA VAL A 28 10.75 -35.05 41.11
C VAL A 28 10.38 -36.25 40.27
N ARG A 29 11.29 -37.22 40.19
CA ARG A 29 11.17 -38.36 39.29
C ARG A 29 11.22 -39.66 40.09
N THR A 30 11.25 -40.78 39.37
CA THR A 30 11.26 -42.09 40.00
C THR A 30 12.49 -42.25 40.90
N GLY A 31 12.28 -42.88 42.06
CA GLY A 31 13.36 -43.16 42.98
C GLY A 31 13.78 -42.01 43.86
N ASP A 32 13.10 -40.87 43.78
CA ASP A 32 13.48 -39.70 44.56
C ASP A 32 12.72 -39.67 45.89
N THR A 33 13.33 -39.01 46.87
CA THR A 33 12.67 -38.78 48.15
C THR A 33 11.63 -37.68 47.97
N VAL A 34 10.36 -38.02 48.22
CA VAL A 34 9.25 -37.11 47.92
C VAL A 34 8.28 -37.11 49.09
N ASN A 35 7.47 -36.05 49.15
CA ASN A 35 6.39 -35.93 50.13
C ASN A 35 5.20 -35.28 49.43
N ASP A 36 4.19 -34.88 50.22
CA ASP A 36 3.00 -34.28 49.64
C ASP A 36 3.34 -32.99 48.90
N GLU A 37 4.31 -32.22 49.42
CA GLU A 37 4.69 -30.97 48.76
C GLU A 37 5.28 -31.23 47.38
N ASP A 38 6.14 -32.24 47.27
CA ASP A 38 6.70 -32.58 45.97
C ASP A 38 5.61 -33.11 45.02
N ILE A 39 4.62 -33.81 45.55
CA ILE A 39 3.50 -34.24 44.72
C ILE A 39 2.74 -33.03 44.20
N SER A 40 2.51 -32.04 45.07
CA SER A 40 1.87 -30.81 44.63
C SER A 40 2.72 -30.10 43.58
N ASN A 41 4.04 -30.18 43.70
CA ASN A 41 4.91 -29.63 42.67
C ASN A 41 4.75 -30.35 41.35
N THR A 42 4.58 -31.68 41.39
CA THR A 42 4.30 -32.41 40.16
C THR A 42 2.96 -31.98 39.56
N ILE A 43 1.97 -31.71 40.41
CA ILE A 43 0.70 -31.18 39.92
C ILE A 43 0.91 -29.80 39.29
N ARG A 44 1.80 -29.00 39.87
CA ARG A 44 2.15 -27.72 39.26
C ARG A 44 2.78 -27.92 37.89
N ALA A 45 3.62 -28.95 37.75
CA ALA A 45 4.18 -29.28 36.43
C ALA A 45 3.06 -29.67 35.46
N LEU A 46 2.09 -30.45 35.95
CA LEU A 46 0.94 -30.79 35.12
C LEU A 46 0.19 -29.53 34.69
N PHE A 47 0.09 -28.54 35.58
CA PHE A 47 -0.45 -27.25 35.18
C PHE A 47 0.41 -26.62 34.09
N ALA A 48 1.73 -26.70 34.26
CA ALA A 48 2.65 -26.06 33.32
C ALA A 48 2.48 -26.62 31.91
N THR A 49 2.39 -27.94 31.78
CA THR A 49 2.09 -28.50 30.47
C THR A 49 0.72 -28.05 29.97
N GLY A 50 -0.15 -27.60 30.88
CA GLY A 50 -1.34 -26.87 30.48
C GLY A 50 -2.46 -27.71 29.93
N ASN A 51 -2.51 -28.99 30.27
CA ASN A 51 -3.64 -29.82 29.82
C ASN A 51 -4.85 -29.64 30.72
N PHE A 52 -4.74 -30.03 32.00
CA PHE A 52 -5.88 -30.01 32.91
C PHE A 52 -5.37 -29.90 34.33
N GLU A 53 -6.29 -29.61 35.25
CA GLU A 53 -5.93 -29.29 36.63
C GLU A 53 -6.50 -30.27 37.64
N ASP A 54 -7.74 -30.72 37.48
CA ASP A 54 -8.34 -31.63 38.45
C ASP A 54 -7.56 -32.93 38.50
N VAL A 55 -7.17 -33.34 39.71
CA VAL A 55 -6.30 -34.50 39.90
C VAL A 55 -6.69 -35.22 41.19
N ARG A 56 -6.34 -36.49 41.26
CA ARG A 56 -6.47 -37.28 42.47
C ARG A 56 -5.19 -38.10 42.65
N VAL A 57 -4.75 -38.23 43.90
CA VAL A 57 -3.51 -38.92 44.22
C VAL A 57 -3.75 -39.93 45.32
N LEU A 58 -2.92 -40.96 45.36
CA LEU A 58 -3.00 -42.00 46.39
C LEU A 58 -1.62 -42.51 46.68
N ARG A 59 -1.33 -42.72 47.98
CA ARG A 59 -0.07 -43.30 48.44
C ARG A 59 -0.40 -44.47 49.34
N ASP A 60 -0.60 -45.65 48.74
CA ASP A 60 -0.96 -46.86 49.48
C ASP A 60 0.22 -47.82 49.60
N GLY A 61 1.40 -47.44 49.14
CA GLY A 61 2.56 -48.30 49.21
C GLY A 61 3.84 -47.59 48.83
N ASP A 62 4.78 -48.31 48.22
CA ASP A 62 6.04 -47.74 47.79
C ASP A 62 5.95 -47.06 46.44
N THR A 63 4.78 -47.08 45.80
CA THR A 63 4.57 -46.44 44.51
C THR A 63 3.41 -45.46 44.61
N LEU A 64 3.47 -44.41 43.79
CA LEU A 64 2.49 -43.34 43.81
C LEU A 64 1.58 -43.44 42.60
N LEU A 65 0.27 -43.31 42.82
CA LEU A 65 -0.73 -43.31 41.77
C LEU A 65 -1.33 -41.91 41.66
N VAL A 66 -1.30 -41.34 40.46
CA VAL A 66 -1.83 -40.00 40.21
C VAL A 66 -2.54 -40.00 38.86
N GLN A 67 -3.66 -39.29 38.80
CA GLN A 67 -4.45 -39.18 37.59
C GLN A 67 -5.05 -37.80 37.48
N VAL A 68 -5.29 -37.36 36.24
CA VAL A 68 -5.87 -36.06 35.94
C VAL A 68 -7.13 -36.26 35.12
N LYS A 69 -8.21 -35.57 35.50
CA LYS A 69 -9.48 -35.75 34.80
C LYS A 69 -9.34 -35.30 33.36
N GLU A 70 -9.88 -36.10 32.44
CA GLU A 70 -9.77 -35.86 31.01
C GLU A 70 -11.07 -35.28 30.46
N ARG A 71 -10.96 -34.16 29.75
CA ARG A 71 -12.06 -33.53 29.04
C ARG A 71 -11.54 -33.06 27.69
N PRO A 72 -12.42 -32.86 26.71
CA PRO A 72 -11.97 -32.31 25.42
C PRO A 72 -11.42 -30.89 25.56
N THR A 73 -10.18 -30.70 25.09
CA THR A 73 -9.50 -29.41 25.12
C THR A 73 -8.90 -29.01 23.77
N ILE A 74 -8.40 -29.97 23.00
CA ILE A 74 -7.71 -29.66 21.74
C ILE A 74 -8.71 -29.03 20.78
N ALA A 75 -8.45 -27.79 20.38
CA ALA A 75 -9.44 -26.92 19.77
C ALA A 75 -9.05 -26.58 18.34
N SER A 76 -10.00 -26.76 17.42
CA SER A 76 -9.99 -26.08 16.13
C SER A 76 -10.73 -24.75 16.25
N ILE A 77 -10.48 -23.87 15.29
CA ILE A 77 -10.97 -22.49 15.33
C ILE A 77 -11.80 -22.21 14.07
N THR A 78 -12.99 -21.66 14.26
CA THR A 78 -13.81 -21.16 13.17
C THR A 78 -14.45 -19.85 13.58
N PHE A 79 -14.66 -18.98 12.59
CA PHE A 79 -15.07 -17.60 12.82
C PHE A 79 -16.46 -17.34 12.24
N SER A 80 -17.14 -16.36 12.83
CA SER A 80 -18.38 -15.83 12.27
C SER A 80 -18.07 -14.75 11.23
N GLY A 81 -19.11 -14.07 10.76
CA GLY A 81 -18.95 -12.99 9.80
C GLY A 81 -18.25 -11.75 10.31
N ASN A 82 -17.01 -11.56 9.87
CA ASN A 82 -16.23 -10.37 10.19
C ASN A 82 -16.17 -9.46 8.97
N LYS A 83 -16.51 -8.19 9.16
CA LYS A 83 -16.73 -7.26 8.04
C LYS A 83 -15.56 -6.33 7.83
N SER A 84 -15.22 -5.53 8.85
CA SER A 84 -14.15 -4.55 8.71
C SER A 84 -12.78 -5.19 8.93
N VAL A 85 -12.68 -6.13 9.85
CA VAL A 85 -11.42 -6.83 10.10
C VAL A 85 -11.42 -8.11 9.29
N LYS A 86 -10.42 -8.24 8.41
CA LYS A 86 -10.32 -9.34 7.46
C LYS A 86 -9.90 -10.64 8.14
N ASP A 87 -10.10 -11.73 7.39
CA ASP A 87 -9.77 -13.07 7.89
C ASP A 87 -8.31 -13.18 8.31
N ASP A 88 -7.37 -12.77 7.45
CA ASP A 88 -5.96 -12.93 7.81
C ASP A 88 -5.61 -12.13 9.06
N MET A 89 -6.09 -10.88 9.14
CA MET A 89 -5.89 -10.10 10.35
C MET A 89 -6.44 -10.83 11.57
N LEU A 90 -7.69 -11.30 11.47
CA LEU A 90 -8.32 -12.01 12.58
C LEU A 90 -7.49 -13.20 13.03
N LYS A 91 -7.14 -14.09 12.10
CA LYS A 91 -6.45 -15.32 12.47
C LYS A 91 -5.04 -15.04 13.00
N GLN A 92 -4.32 -14.11 12.38
CA GLN A 92 -2.99 -13.78 12.89
C GLN A 92 -3.07 -13.19 14.31
N ASN A 93 -4.02 -12.27 14.53
CA ASN A 93 -4.24 -11.76 15.88
C ASN A 93 -4.56 -12.88 16.87
N LEU A 94 -5.47 -13.77 16.49
CA LEU A 94 -5.79 -14.92 17.34
C LEU A 94 -4.55 -15.73 17.69
N GLU A 95 -3.75 -16.10 16.68
CA GLU A 95 -2.57 -16.90 16.92
C GLU A 95 -1.58 -16.17 17.82
N ALA A 96 -1.37 -14.88 17.58
CA ALA A 96 -0.45 -14.11 18.41
C ALA A 96 -0.95 -14.06 19.86
N SER A 97 -2.26 -13.92 20.03
CA SER A 97 -2.83 -13.90 21.38
C SER A 97 -2.40 -15.13 22.17
N GLY A 98 -2.45 -16.30 21.56
CA GLY A 98 -2.02 -17.52 22.22
C GLY A 98 -2.86 -18.75 21.93
N VAL A 99 -3.94 -18.59 21.16
CA VAL A 99 -4.83 -19.71 20.84
C VAL A 99 -4.29 -20.34 19.56
N ARG A 100 -3.33 -21.24 19.72
CA ARG A 100 -2.78 -21.97 18.58
C ARG A 100 -3.78 -23.00 18.07
N VAL A 101 -3.86 -23.11 16.74
CA VAL A 101 -4.69 -24.14 16.12
C VAL A 101 -4.23 -25.52 16.54
N GLY A 102 -5.19 -26.38 16.89
CA GLY A 102 -4.89 -27.70 17.39
C GLY A 102 -4.09 -27.73 18.67
N GLU A 103 -4.48 -26.90 19.64
CA GLU A 103 -3.75 -26.75 20.89
C GLU A 103 -4.75 -26.68 22.03
N SER A 104 -4.24 -26.84 23.26
CA SER A 104 -5.11 -26.88 24.42
C SER A 104 -5.93 -25.59 24.54
N LEU A 105 -7.16 -25.73 25.02
CA LEU A 105 -8.05 -24.61 25.23
C LEU A 105 -8.87 -24.86 26.48
N ASP A 106 -9.38 -23.77 27.08
CA ASP A 106 -10.10 -23.86 28.34
C ASP A 106 -11.10 -22.70 28.41
N ARG A 107 -12.09 -22.85 29.30
CA ARG A 107 -13.07 -21.80 29.52
C ARG A 107 -12.40 -20.48 29.87
N THR A 108 -11.43 -20.53 30.78
CA THR A 108 -10.64 -19.34 31.10
C THR A 108 -9.98 -18.77 29.85
N THR A 109 -9.37 -19.64 29.05
CA THR A 109 -8.78 -19.22 27.79
C THR A 109 -9.81 -18.58 26.87
N ILE A 110 -11.00 -19.18 26.77
CA ILE A 110 -12.07 -18.59 25.96
C ILE A 110 -12.39 -17.17 26.42
N ALA A 111 -12.63 -16.98 27.71
CA ALA A 111 -12.88 -15.63 28.24
C ALA A 111 -11.73 -14.68 27.89
N ASP A 112 -10.49 -15.12 28.12
CA ASP A 112 -9.34 -14.28 27.84
C ASP A 112 -9.29 -13.88 26.37
N ILE A 113 -9.44 -14.84 25.47
CA ILE A 113 -9.39 -14.52 24.04
C ILE A 113 -10.56 -13.63 23.65
N GLU A 114 -11.73 -13.81 24.25
CA GLU A 114 -12.83 -12.88 24.06
C GLU A 114 -12.38 -11.44 24.32
N LYS A 115 -11.85 -11.20 25.52
CA LYS A 115 -11.41 -9.84 25.85
C LYS A 115 -10.25 -9.37 24.98
N GLY A 116 -9.38 -10.28 24.57
CA GLY A 116 -8.31 -9.91 23.64
C GLY A 116 -8.82 -9.46 22.29
N LEU A 117 -9.76 -10.21 21.72
CA LEU A 117 -10.40 -9.81 20.47
C LEU A 117 -11.13 -8.49 20.60
N GLU A 118 -11.82 -8.27 21.73
CA GLU A 118 -12.42 -6.96 21.97
C GLU A 118 -11.37 -5.85 21.98
N ASP A 119 -10.28 -6.06 22.71
CA ASP A 119 -9.19 -5.08 22.71
C ASP A 119 -8.68 -4.82 21.30
N PHE A 120 -8.57 -5.85 20.48
CA PHE A 120 -8.14 -5.66 19.10
C PHE A 120 -9.14 -4.81 18.32
N TYR A 121 -10.42 -5.17 18.39
CA TYR A 121 -11.45 -4.42 17.68
C TYR A 121 -11.44 -2.94 18.09
N TYR A 122 -11.41 -2.67 19.39
CA TYR A 122 -11.39 -1.29 19.83
C TYR A 122 -10.10 -0.58 19.44
N SER A 123 -8.98 -1.31 19.41
CA SER A 123 -7.74 -0.72 18.92
C SER A 123 -7.85 -0.27 17.47
N VAL A 124 -8.45 -1.09 16.61
CA VAL A 124 -8.73 -0.69 15.24
C VAL A 124 -9.94 0.22 15.16
N GLY A 125 -10.46 0.64 16.31
CA GLY A 125 -11.49 1.67 16.33
C GLY A 125 -12.90 1.20 16.06
N LYS A 126 -13.18 -0.10 16.18
CA LYS A 126 -14.55 -0.61 16.14
C LYS A 126 -15.08 -0.70 17.59
N TYR A 127 -15.21 0.49 18.18
CA TYR A 127 -15.76 0.61 19.52
C TYR A 127 -17.18 0.05 19.59
N SER A 128 -17.62 -0.22 20.83
CA SER A 128 -18.90 -0.86 21.11
C SER A 128 -19.01 -2.29 20.61
N ALA A 129 -17.94 -2.84 20.02
CA ALA A 129 -17.96 -4.22 19.58
C ALA A 129 -18.13 -5.17 20.76
N SER A 130 -18.60 -6.38 20.46
CA SER A 130 -18.81 -7.44 21.44
C SER A 130 -18.30 -8.75 20.86
N VAL A 131 -17.67 -9.56 21.70
CA VAL A 131 -17.10 -10.84 21.29
C VAL A 131 -17.67 -11.95 22.16
N LYS A 132 -18.19 -13.00 21.52
CA LYS A 132 -18.72 -14.18 22.19
C LYS A 132 -18.13 -15.43 21.56
N ALA A 133 -17.53 -16.29 22.38
CA ALA A 133 -16.85 -17.49 21.93
C ALA A 133 -17.41 -18.72 22.62
N VAL A 134 -17.60 -19.79 21.83
CA VAL A 134 -18.12 -21.07 22.33
C VAL A 134 -17.32 -22.19 21.69
N VAL A 135 -17.40 -23.38 22.31
CA VAL A 135 -16.70 -24.56 21.83
C VAL A 135 -17.67 -25.74 21.79
N THR A 136 -17.35 -26.71 20.94
CA THR A 136 -18.12 -27.94 20.84
C THR A 136 -17.20 -29.16 20.91
N PRO A 137 -17.69 -30.27 21.45
CA PRO A 137 -16.83 -31.45 21.60
C PRO A 137 -16.57 -32.17 20.28
N LEU A 138 -15.42 -32.84 20.23
CA LEU A 138 -15.05 -33.75 19.16
C LEU A 138 -14.45 -35.01 19.77
N PRO A 139 -14.59 -36.16 19.10
CA PRO A 139 -14.03 -37.39 19.65
C PRO A 139 -12.53 -37.32 19.88
N ARG A 140 -12.08 -38.05 20.90
CA ARG A 140 -10.67 -38.18 21.27
C ARG A 140 -10.03 -36.82 21.57
N ASN A 141 -10.62 -36.13 22.54
CA ASN A 141 -10.05 -34.96 23.20
C ASN A 141 -9.99 -33.71 22.32
N ARG A 142 -10.74 -33.66 21.23
CA ARG A 142 -10.73 -32.49 20.36
C ARG A 142 -12.01 -31.68 20.53
N VAL A 143 -11.91 -30.39 20.21
CA VAL A 143 -13.05 -29.47 20.21
C VAL A 143 -12.92 -28.53 19.01
N ASP A 144 -14.01 -27.84 18.71
CA ASP A 144 -14.03 -26.81 17.68
C ASP A 144 -14.49 -25.50 18.30
N LEU A 145 -13.73 -24.43 18.08
CA LEU A 145 -13.98 -23.13 18.69
C LEU A 145 -14.74 -22.24 17.71
N LYS A 146 -15.96 -21.87 18.09
CA LYS A 146 -16.81 -20.96 17.31
C LYS A 146 -16.97 -19.67 18.10
N LEU A 147 -16.51 -18.57 17.53
CA LEU A 147 -16.60 -17.26 18.18
C LEU A 147 -17.28 -16.27 17.24
N VAL A 148 -18.23 -15.51 17.79
CA VAL A 148 -19.03 -14.57 17.00
C VAL A 148 -18.91 -13.17 17.59
N PHE A 149 -19.02 -12.17 16.71
CA PHE A 149 -18.86 -10.77 17.05
C PHE A 149 -20.08 -9.96 16.61
N GLN A 150 -20.39 -8.94 17.40
CA GLN A 150 -21.34 -7.90 17.03
C GLN A 150 -20.67 -6.55 17.20
N GLU A 151 -20.83 -5.68 16.20
CA GLU A 151 -20.05 -4.44 16.14
C GLU A 151 -20.86 -3.39 15.40
N GLY A 152 -21.19 -2.30 16.11
CA GLY A 152 -22.02 -1.24 15.58
C GLY A 152 -21.29 -0.31 14.61
N VAL A 153 -21.90 0.85 14.39
CA VAL A 153 -21.33 1.89 13.56
C VAL A 153 -19.94 2.26 14.05
N SER A 154 -18.99 2.32 13.12
CA SER A 154 -17.63 2.73 13.44
C SER A 154 -17.60 4.17 13.96
N ALA A 155 -16.63 4.44 14.84
CA ALA A 155 -16.55 5.73 15.51
C ALA A 155 -16.26 6.87 14.53
N GLU A 156 -17.08 7.90 14.58
CA GLU A 156 -17.00 9.06 13.70
C GLU A 156 -16.43 10.23 14.48
N ILE A 157 -15.35 10.83 13.98
CA ILE A 157 -14.76 11.97 14.68
C ILE A 157 -15.70 13.16 14.49
N GLN A 158 -16.29 13.61 15.60
CA GLN A 158 -17.27 14.70 15.52
C GLN A 158 -16.60 16.03 15.20
N GLN A 159 -15.48 16.33 15.83
CA GLN A 159 -14.73 17.54 15.49
C GLN A 159 -13.25 17.35 15.81
N ILE A 160 -12.43 18.11 15.09
CA ILE A 160 -11.07 18.44 15.50
C ILE A 160 -11.09 19.89 15.96
N ASN A 161 -10.70 20.13 17.20
CA ASN A 161 -10.78 21.46 17.81
C ASN A 161 -9.38 21.84 18.26
N ILE A 162 -8.62 22.45 17.35
CA ILE A 162 -7.36 23.08 17.72
C ILE A 162 -7.65 24.25 18.64
N VAL A 163 -6.84 24.41 19.68
CA VAL A 163 -7.01 25.53 20.61
C VAL A 163 -5.66 26.12 20.95
N GLY A 164 -5.65 27.43 21.14
CA GLY A 164 -4.44 28.20 21.36
C GLY A 164 -3.74 28.65 20.10
N ASN A 165 -4.20 28.23 18.93
CA ASN A 165 -3.67 28.77 17.68
C ASN A 165 -3.99 30.25 17.58
N HIS A 166 -3.05 31.02 17.03
CA HIS A 166 -3.30 32.40 16.68
C HIS A 166 -2.64 32.71 15.34
N ALA A 167 -3.11 33.78 14.70
CA ALA A 167 -2.74 34.11 13.33
C ALA A 167 -3.14 33.07 12.29
N PHE A 168 -3.69 31.94 12.71
CA PHE A 168 -4.22 30.95 11.78
C PHE A 168 -5.55 30.42 12.28
N THR A 169 -6.49 30.25 11.36
CA THR A 169 -7.80 29.73 11.71
C THR A 169 -7.78 28.21 11.81
N THR A 170 -8.68 27.67 12.63
CA THR A 170 -8.77 26.23 12.82
C THR A 170 -9.09 25.50 11.52
N ASP A 171 -10.03 26.03 10.73
CA ASP A 171 -10.43 25.37 9.50
C ASP A 171 -9.28 25.21 8.50
N GLU A 172 -8.36 26.16 8.44
CA GLU A 172 -7.18 25.99 7.58
C GLU A 172 -6.27 24.86 8.06
N LEU A 173 -5.96 24.86 9.35
CA LEU A 173 -5.08 23.83 9.90
C LEU A 173 -5.71 22.46 9.72
N ILE A 174 -7.00 22.32 10.01
CA ILE A 174 -7.66 21.04 9.83
C ILE A 174 -7.84 20.71 8.36
N SER A 175 -7.87 21.72 7.48
CA SER A 175 -7.83 21.46 6.05
C SER A 175 -6.57 20.72 5.69
N HIS A 176 -5.47 21.02 6.39
CA HIS A 176 -4.23 20.30 6.14
C HIS A 176 -4.18 18.92 6.81
N PHE A 177 -5.07 18.62 7.75
CA PHE A 177 -5.20 17.27 8.28
C PHE A 177 -5.69 16.29 7.21
N GLN A 178 -5.28 15.03 7.35
CA GLN A 178 -5.90 13.96 6.59
C GLN A 178 -7.22 13.50 7.21
N LEU A 179 -7.36 13.64 8.53
CA LEU A 179 -8.66 13.48 9.17
C LEU A 179 -9.61 14.56 8.67
N ARG A 180 -10.91 14.23 8.66
CA ARG A 180 -11.96 15.16 8.30
C ARG A 180 -13.08 15.09 9.33
N ASP A 181 -13.35 16.23 9.97
CA ASP A 181 -14.51 16.33 10.85
C ASP A 181 -15.81 16.47 10.07
N GLU A 182 -15.75 17.06 8.88
CA GLU A 182 -16.87 17.09 7.95
C GLU A 182 -16.41 16.65 6.57
N VAL A 183 -17.27 15.94 5.86
CA VAL A 183 -17.08 15.62 4.45
C VAL A 183 -18.18 16.31 3.65
N PRO A 184 -17.84 17.19 2.70
CA PRO A 184 -18.87 17.84 1.91
C PRO A 184 -19.70 16.84 1.12
N TRP A 185 -20.96 17.21 0.87
CA TRP A 185 -21.81 16.41 0.00
C TRP A 185 -21.30 16.38 -1.44
N TRP A 186 -20.37 17.27 -1.79
CA TRP A 186 -19.67 17.17 -3.06
C TRP A 186 -18.71 15.99 -3.10
N ASN A 187 -18.29 15.49 -1.93
CA ASN A 187 -17.20 14.52 -1.83
C ASN A 187 -17.57 13.40 -0.87
N VAL A 188 -18.83 12.95 -0.95
CA VAL A 188 -19.35 11.94 -0.01
C VAL A 188 -18.48 10.69 0.01
N VAL A 189 -17.71 10.44 -1.04
CA VAL A 189 -16.76 9.34 -1.09
C VAL A 189 -15.59 9.53 -0.12
N GLY A 190 -15.57 10.66 0.60
CA GLY A 190 -14.53 10.88 1.58
C GLY A 190 -14.64 9.93 2.77
N ASP A 191 -13.81 10.22 3.78
CA ASP A 191 -13.65 9.35 4.95
C ASP A 191 -13.88 10.13 6.24
N ARG A 192 -14.33 9.40 7.27
CA ARG A 192 -14.58 9.98 8.58
C ARG A 192 -14.06 9.09 9.70
N LYS A 193 -13.51 7.92 9.38
CA LYS A 193 -13.11 6.94 10.39
C LYS A 193 -11.90 7.42 11.19
N TYR A 194 -12.01 7.30 12.52
CA TYR A 194 -10.87 7.52 13.40
C TYR A 194 -9.82 6.41 13.24
N GLN A 195 -8.54 6.81 13.37
CA GLN A 195 -7.43 5.87 13.46
C GLN A 195 -6.42 6.37 14.49
N LYS A 196 -5.94 5.44 15.33
CA LYS A 196 -5.00 5.80 16.39
C LYS A 196 -3.71 6.43 15.84
N GLN A 197 -3.10 5.80 14.84
CA GLN A 197 -1.78 6.24 14.36
C GLN A 197 -1.87 7.42 13.39
N LYS A 198 -3.00 7.56 12.69
CA LYS A 198 -3.12 8.65 11.76
C LYS A 198 -3.18 9.97 12.50
N LEU A 199 -3.75 9.98 13.70
CA LEU A 199 -3.73 11.17 14.54
C LEU A 199 -2.30 11.63 14.80
N ALA A 200 -1.38 10.70 15.11
CA ALA A 200 0.01 11.07 15.30
C ALA A 200 0.62 11.64 14.03
N GLY A 201 0.30 11.04 12.89
CA GLY A 201 0.77 11.59 11.62
C GLY A 201 0.26 13.00 11.34
N ASP A 202 -1.00 13.26 11.69
CA ASP A 202 -1.55 14.61 11.53
C ASP A 202 -1.00 15.60 12.54
N LEU A 203 -0.71 15.18 13.77
CA LEU A 203 -0.05 16.07 14.71
C LEU A 203 1.35 16.45 14.22
N GLU A 204 2.07 15.50 13.63
CA GLU A 204 3.34 15.87 13.01
C GLU A 204 3.14 16.77 11.79
N THR A 205 2.02 16.64 11.07
CA THR A 205 1.74 17.57 10.00
C THR A 205 1.47 19.00 10.52
N LEU A 206 0.75 19.11 11.62
CA LEU A 206 0.54 20.42 12.26
C LEU A 206 1.85 21.04 12.74
N ARG A 207 2.68 20.23 13.41
CA ARG A 207 4.01 20.70 13.79
C ARG A 207 4.80 21.16 12.58
N SER A 208 4.78 20.38 11.50
CA SER A 208 5.48 20.77 10.29
C SER A 208 4.96 22.09 9.75
N TYR A 209 3.64 22.28 9.75
CA TYR A 209 3.06 23.54 9.28
C TYR A 209 3.59 24.74 10.07
N TYR A 210 3.53 24.66 11.39
CA TYR A 210 4.01 25.81 12.18
C TYR A 210 5.51 26.01 12.05
N LEU A 211 6.30 24.93 12.01
CA LEU A 211 7.73 25.08 11.79
C LEU A 211 8.04 25.66 10.42
N ASP A 212 7.24 25.31 9.40
CA ASP A 212 7.41 25.91 8.08
C ASP A 212 7.04 27.38 8.05
N ARG A 213 6.06 27.80 8.87
CA ARG A 213 5.78 29.23 8.97
C ARG A 213 6.77 29.95 9.88
N GLY A 214 7.58 29.22 10.64
CA GLY A 214 8.72 29.79 11.33
C GLY A 214 8.60 29.85 12.84
N TYR A 215 7.52 29.35 13.43
CA TYR A 215 7.31 29.42 14.87
C TYR A 215 8.17 28.37 15.56
N ALA A 216 9.47 28.66 15.62
CA ALA A 216 10.44 27.68 16.11
C ALA A 216 10.17 27.24 17.54
N ARG A 217 9.49 28.05 18.34
CA ARG A 217 9.15 27.66 19.71
C ARG A 217 7.89 26.80 19.79
N PHE A 218 7.28 26.49 18.66
CA PHE A 218 6.01 25.75 18.63
C PHE A 218 6.12 24.46 19.43
N ASN A 219 5.12 24.23 20.28
CA ASN A 219 5.04 23.01 21.08
C ASN A 219 3.60 22.58 21.21
N ILE A 220 3.36 21.28 21.06
CA ILE A 220 2.02 20.69 21.29
C ILE A 220 2.01 20.23 22.75
N ASP A 221 1.69 21.17 23.64
CA ASP A 221 1.84 20.92 25.07
C ASP A 221 0.74 20.03 25.65
N SER A 222 -0.29 19.68 24.87
CA SER A 222 -1.16 18.57 25.23
C SER A 222 -2.01 18.18 24.04
N THR A 223 -2.21 16.88 23.85
CA THR A 223 -3.09 16.35 22.82
C THR A 223 -3.85 15.16 23.38
N GLN A 224 -5.13 15.07 23.06
CA GLN A 224 -5.99 14.11 23.74
C GLN A 224 -7.22 13.81 22.90
N VAL A 225 -7.88 12.71 23.25
CA VAL A 225 -9.06 12.23 22.54
C VAL A 225 -10.14 11.92 23.58
N SER A 226 -11.40 12.19 23.22
CA SER A 226 -12.52 11.88 24.09
C SER A 226 -13.64 11.25 23.26
N LEU A 227 -14.56 10.59 23.96
CA LEU A 227 -15.48 9.64 23.34
C LEU A 227 -16.86 9.81 23.97
N THR A 228 -17.86 10.09 23.13
CA THR A 228 -19.20 10.36 23.64
C THR A 228 -19.80 9.11 24.27
N PRO A 229 -20.68 9.28 25.28
CA PRO A 229 -21.25 8.10 25.96
C PRO A 229 -21.90 7.09 25.03
N ASP A 230 -22.68 7.56 24.04
CA ASP A 230 -22.97 6.76 22.86
C ASP A 230 -21.76 6.81 21.94
N LYS A 231 -21.09 5.68 21.77
CA LYS A 231 -19.70 5.65 21.36
C LYS A 231 -19.52 5.81 19.85
N LYS A 232 -20.48 6.41 19.16
CA LYS A 232 -20.27 6.80 17.78
C LYS A 232 -19.29 7.97 17.67
N GLY A 233 -19.44 8.96 18.55
CA GLY A 233 -18.69 10.21 18.43
C GLY A 233 -17.37 10.21 19.16
N ILE A 234 -16.29 10.47 18.43
CA ILE A 234 -14.97 10.75 19.00
C ILE A 234 -14.66 12.23 18.85
N TYR A 235 -14.18 12.85 19.91
CA TYR A 235 -13.73 14.24 19.89
C TYR A 235 -12.21 14.27 20.01
N VAL A 236 -11.55 14.99 19.10
CA VAL A 236 -10.11 15.24 19.16
C VAL A 236 -9.88 16.71 19.49
N THR A 237 -9.04 16.98 20.48
CA THR A 237 -8.65 18.34 20.82
C THR A 237 -7.15 18.40 21.05
N VAL A 238 -6.56 19.55 20.71
CA VAL A 238 -5.11 19.71 20.65
C VAL A 238 -4.76 21.11 21.14
N ASN A 239 -4.04 21.20 22.24
CA ASN A 239 -3.50 22.48 22.69
C ASN A 239 -2.25 22.85 21.90
N ILE A 240 -2.05 24.16 21.71
CA ILE A 240 -0.86 24.68 21.05
C ILE A 240 -0.35 25.90 21.81
N THR A 241 0.98 26.06 21.82
CA THR A 241 1.61 27.37 21.94
C THR A 241 2.65 27.52 20.85
N GLU A 242 2.58 28.61 20.08
CA GLU A 242 3.61 28.88 19.09
C GLU A 242 4.86 29.53 19.68
N GLY A 243 4.74 30.20 20.82
CA GLY A 243 5.78 31.10 21.30
C GLY A 243 5.92 32.38 20.52
N ASP A 244 6.65 32.37 19.41
CA ASP A 244 6.88 33.60 18.65
C ASP A 244 7.38 33.25 17.24
N GLN A 245 7.35 34.27 16.37
CA GLN A 245 7.89 34.18 15.02
C GLN A 245 9.36 34.57 15.01
N TYR A 246 10.17 33.85 14.23
CA TYR A 246 11.62 34.02 14.23
C TYR A 246 12.19 34.16 12.83
N LYS A 247 13.19 35.03 12.69
CA LYS A 247 14.06 35.09 11.54
C LYS A 247 15.21 34.08 11.66
N LEU A 248 15.79 33.73 10.51
CA LEU A 248 16.91 32.81 10.43
C LEU A 248 18.21 33.58 10.20
N SER A 249 19.17 33.42 11.11
CA SER A 249 20.50 33.99 10.97
C SER A 249 21.38 33.09 10.12
N GLY A 250 22.63 33.53 9.93
CA GLY A 250 23.61 32.78 9.16
C GLY A 250 23.93 31.39 9.66
N VAL A 251 23.83 30.40 8.77
CA VAL A 251 24.21 29.03 9.08
C VAL A 251 25.72 28.95 9.31
N GLU A 252 26.13 28.07 10.22
CA GLU A 252 27.54 27.73 10.42
C GLU A 252 27.70 26.22 10.40
N VAL A 253 28.76 25.75 9.74
CA VAL A 253 29.04 24.32 9.59
C VAL A 253 30.32 24.00 10.35
N SER A 254 30.28 22.95 11.17
CA SER A 254 31.42 22.52 11.96
C SER A 254 31.53 21.01 11.93
N GLY A 255 32.66 20.50 12.39
CA GLY A 255 32.94 19.08 12.42
C GLY A 255 33.95 18.65 11.38
N ASN A 256 34.10 17.33 11.27
CA ASN A 256 35.07 16.70 10.38
C ASN A 256 34.65 16.74 8.92
N LEU A 257 34.69 17.93 8.31
CA LEU A 257 34.50 18.04 6.87
C LEU A 257 35.70 17.44 6.15
N ALA A 258 35.42 16.60 5.15
CA ALA A 258 36.47 15.94 4.38
C ALA A 258 37.03 16.83 3.26
N GLY A 259 37.38 18.06 3.59
CA GLY A 259 37.90 19.00 2.63
C GLY A 259 36.90 19.52 1.61
N HIS A 260 35.63 19.15 1.73
CA HIS A 260 34.58 19.63 0.84
C HIS A 260 33.99 20.95 1.31
N SER A 261 34.75 21.71 2.10
CA SER A 261 34.21 22.87 2.81
C SER A 261 33.66 23.92 1.85
N ALA A 262 34.29 24.10 0.68
CA ALA A 262 33.79 25.09 -0.27
C ALA A 262 32.41 24.73 -0.81
N GLU A 263 32.22 23.44 -1.17
CA GLU A 263 30.96 22.93 -1.78
C GLU A 263 29.87 22.78 -0.71
N ILE A 264 30.24 22.80 0.56
CA ILE A 264 29.27 22.84 1.65
C ILE A 264 28.90 24.28 2.01
N GLU A 265 29.88 25.19 2.07
CA GLU A 265 29.56 26.58 2.35
C GLU A 265 28.69 27.17 1.26
N GLN A 266 29.03 26.92 -0.01
CA GLN A 266 28.21 27.45 -1.08
C GLN A 266 26.84 26.79 -1.12
N LEU A 267 26.70 25.59 -0.55
CA LEU A 267 25.39 24.98 -0.42
C LEU A 267 24.59 25.59 0.73
N THR A 268 25.25 25.90 1.84
CA THR A 268 24.59 26.36 3.06
C THR A 268 24.39 27.88 3.10
N LYS A 269 24.53 28.57 1.97
CA LYS A 269 24.22 30.00 1.93
C LYS A 269 22.75 30.25 2.23
N ILE A 270 22.49 31.39 2.87
CA ILE A 270 21.13 31.95 2.94
C ILE A 270 21.25 33.47 2.97
N GLU A 271 20.27 34.14 2.38
CA GLU A 271 20.16 35.58 2.53
C GLU A 271 19.91 35.94 4.00
N PRO A 272 20.57 36.98 4.51
CA PRO A 272 20.36 37.36 5.91
C PRO A 272 18.96 37.90 6.16
N GLY A 273 18.48 37.68 7.38
CA GLY A 273 17.11 38.04 7.72
C GLY A 273 16.03 37.17 7.12
N GLU A 274 16.39 36.03 6.54
CA GLU A 274 15.38 35.14 5.98
C GLU A 274 14.43 34.69 7.08
N LEU A 275 13.17 34.46 6.70
CA LEU A 275 12.19 33.89 7.61
C LEU A 275 12.45 32.40 7.79
N TYR A 276 12.41 31.95 9.04
CA TYR A 276 12.69 30.55 9.34
C TYR A 276 11.71 29.62 8.66
N ASN A 277 12.17 28.39 8.40
CA ASN A 277 11.37 27.38 7.74
C ASN A 277 11.98 26.00 8.00
N GLY A 278 11.15 25.07 8.48
CA GLY A 278 11.65 23.76 8.85
C GLY A 278 11.95 22.85 7.68
N THR A 279 11.14 22.92 6.62
CA THR A 279 11.40 22.06 5.47
C THR A 279 12.70 22.43 4.77
N LYS A 280 12.99 23.71 4.61
CA LYS A 280 14.23 24.07 3.93
C LYS A 280 15.47 23.76 4.78
N VAL A 281 15.36 23.81 6.11
CA VAL A 281 16.44 23.31 6.96
C VAL A 281 16.64 21.80 6.77
N THR A 282 15.54 21.05 6.73
CA THR A 282 15.66 19.61 6.50
C THR A 282 16.26 19.32 5.13
N LYS A 283 15.83 20.05 4.11
CA LYS A 283 16.37 19.92 2.78
C LYS A 283 17.86 20.26 2.74
N MET A 284 18.27 21.28 3.49
CA MET A 284 19.69 21.61 3.59
C MET A 284 20.50 20.45 4.17
N GLU A 285 20.04 19.90 5.29
CA GLU A 285 20.74 18.76 5.89
C GLU A 285 20.75 17.53 4.97
N ASP A 286 19.65 17.29 4.28
CA ASP A 286 19.62 16.18 3.33
C ASP A 286 20.55 16.42 2.14
N ASP A 287 20.62 17.65 1.64
CA ASP A 287 21.57 17.93 0.56
C ASP A 287 23.01 17.81 1.03
N ILE A 288 23.29 18.13 2.29
CA ILE A 288 24.63 17.88 2.83
C ILE A 288 24.98 16.40 2.75
N LYS A 289 24.10 15.55 3.32
CA LYS A 289 24.45 14.13 3.36
C LYS A 289 24.36 13.48 1.98
N LYS A 290 23.54 14.01 1.08
CA LYS A 290 23.58 13.59 -0.31
C LYS A 290 24.90 13.96 -0.97
N LEU A 291 25.40 15.18 -0.71
CA LEU A 291 26.64 15.61 -1.32
C LEU A 291 27.81 14.74 -0.87
N LEU A 292 27.93 14.50 0.43
CA LEU A 292 28.97 13.58 0.88
C LEU A 292 28.75 12.17 0.33
N GLY A 293 27.49 11.75 0.22
CA GLY A 293 27.20 10.47 -0.38
C GLY A 293 27.73 10.31 -1.80
N ARG A 294 27.58 11.36 -2.62
CA ARG A 294 28.08 11.30 -4.00
C ARG A 294 29.58 11.05 -4.09
N TYR A 295 30.34 11.51 -3.10
CA TYR A 295 31.80 11.36 -3.12
C TYR A 295 32.28 10.15 -2.31
N GLY A 296 31.39 9.23 -1.96
CA GLY A 296 31.80 7.94 -1.45
C GLY A 296 31.74 7.77 0.05
N TYR A 297 31.11 8.68 0.78
CA TYR A 297 30.88 8.53 2.21
C TYR A 297 29.45 8.02 2.36
N ALA A 298 29.31 6.71 2.51
CA ALA A 298 27.99 6.11 2.53
C ALA A 298 27.19 6.45 3.79
N TYR A 299 27.85 6.66 4.93
CA TYR A 299 27.15 6.83 6.21
C TYR A 299 27.69 8.04 6.97
N PRO A 300 27.53 9.24 6.44
CA PRO A 300 27.85 10.43 7.24
C PRO A 300 26.78 10.71 8.28
N ARG A 301 27.21 11.32 9.39
CA ARG A 301 26.32 11.91 10.37
C ARG A 301 26.22 13.42 10.17
N VAL A 302 25.00 13.94 10.19
CA VAL A 302 24.72 15.37 10.17
C VAL A 302 23.64 15.66 11.22
N GLN A 303 23.75 16.79 11.91
CA GLN A 303 22.72 17.20 12.86
C GLN A 303 22.69 18.72 12.98
N SER A 304 21.57 19.31 12.54
CA SER A 304 21.23 20.69 12.86
C SER A 304 20.84 20.83 14.33
N MET A 305 21.31 21.92 14.96
CA MET A 305 21.11 22.16 16.39
C MET A 305 20.91 23.66 16.61
N PRO A 306 19.74 24.19 16.27
CA PRO A 306 19.56 25.64 16.24
C PRO A 306 19.66 26.27 17.63
N GLU A 307 20.22 27.48 17.66
CA GLU A 307 20.23 28.34 18.84
C GLU A 307 19.20 29.45 18.68
N ILE A 308 18.36 29.65 19.69
CA ILE A 308 17.22 30.57 19.61
C ILE A 308 17.54 31.81 20.44
N ASN A 309 17.44 32.97 19.80
CA ASN A 309 17.49 34.27 20.47
C ASN A 309 16.07 34.79 20.65
N ASP A 310 15.47 34.50 21.80
CA ASP A 310 14.10 34.95 22.06
C ASP A 310 13.98 36.47 22.11
N ALA A 311 15.06 37.16 22.45
CA ALA A 311 15.03 38.62 22.45
C ALA A 311 15.16 39.19 21.04
N ASP A 312 16.11 38.68 20.27
CA ASP A 312 16.37 39.20 18.93
C ASP A 312 15.42 38.64 17.88
N LYS A 313 14.67 37.59 18.21
CA LYS A 313 13.82 36.88 17.27
C LYS A 313 14.64 36.26 16.13
N THR A 314 15.87 35.83 16.44
CA THR A 314 16.73 35.23 15.45
C THR A 314 17.18 33.85 15.92
N VAL A 315 17.33 32.93 14.96
CA VAL A 315 17.91 31.61 15.19
C VAL A 315 19.21 31.51 14.41
N LYS A 316 20.27 31.07 15.07
CA LYS A 316 21.51 30.69 14.42
C LYS A 316 21.53 29.17 14.27
N LEU A 317 21.37 28.70 13.04
CA LEU A 317 21.31 27.27 12.73
C LEU A 317 22.72 26.70 12.65
N ARG A 318 23.20 26.13 13.75
CA ARG A 318 24.41 25.32 13.72
C ARG A 318 24.13 23.98 13.05
N VAL A 319 24.99 23.60 12.10
CA VAL A 319 25.01 22.26 11.51
C VAL A 319 26.35 21.62 11.82
N ASN A 320 26.32 20.44 12.45
CA ASN A 320 27.51 19.67 12.74
C ASN A 320 27.60 18.48 11.78
N VAL A 321 28.76 18.30 11.18
CA VAL A 321 28.97 17.32 10.10
C VAL A 321 30.25 16.55 10.39
N ASP A 322 30.19 15.23 10.25
CA ASP A 322 31.40 14.42 10.08
C ASP A 322 31.17 13.39 8.98
N ALA A 323 32.11 13.33 8.03
CA ALA A 323 31.95 12.47 6.86
C ALA A 323 32.09 11.00 7.19
N GLY A 324 32.69 10.64 8.32
CA GLY A 324 32.87 9.26 8.69
C GLY A 324 34.01 8.59 7.95
N ASN A 325 33.73 7.52 7.21
CA ASN A 325 34.74 6.91 6.35
C ASN A 325 34.11 6.43 5.05
N ARG A 326 34.96 6.25 4.04
CA ARG A 326 34.52 5.81 2.72
C ARG A 326 34.02 4.37 2.81
N PHE A 327 33.10 4.02 1.90
CA PHE A 327 32.61 2.65 1.83
C PHE A 327 32.69 2.13 0.40
N TYR A 328 33.11 0.87 0.27
CA TYR A 328 33.28 0.21 -1.02
C TYR A 328 32.36 -1.00 -1.12
N VAL A 329 31.71 -1.14 -2.27
CA VAL A 329 30.88 -2.31 -2.56
C VAL A 329 31.78 -3.45 -3.04
N ARG A 330 31.98 -4.46 -2.19
CA ARG A 330 32.72 -5.64 -2.63
C ARG A 330 31.85 -6.66 -3.34
N LYS A 331 30.54 -6.68 -3.05
CA LYS A 331 29.61 -7.59 -3.68
C LYS A 331 28.31 -6.87 -3.95
N ILE A 332 27.71 -7.11 -5.11
CA ILE A 332 26.28 -6.93 -5.32
C ILE A 332 25.66 -8.31 -5.41
N ARG A 333 24.54 -8.50 -4.70
CA ARG A 333 23.84 -9.77 -4.70
C ARG A 333 22.39 -9.55 -5.08
N PHE A 334 21.79 -10.55 -5.69
CA PHE A 334 20.36 -10.56 -6.00
C PHE A 334 19.74 -11.84 -5.47
N GLU A 335 18.54 -11.72 -4.91
CA GLU A 335 17.88 -12.83 -4.25
C GLU A 335 16.41 -12.82 -4.59
N GLY A 336 15.83 -14.00 -4.73
CA GLY A 336 14.49 -14.16 -5.24
C GLY A 336 14.40 -14.13 -6.75
N ASN A 337 15.54 -14.00 -7.42
CA ASN A 337 15.61 -13.93 -8.88
C ASN A 337 15.57 -15.34 -9.48
N ASP A 338 14.46 -16.03 -9.23
CA ASP A 338 14.35 -17.42 -9.65
C ASP A 338 14.36 -17.58 -11.16
N THR A 339 13.93 -16.57 -11.91
CA THR A 339 13.69 -16.71 -13.34
C THR A 339 14.55 -15.78 -14.19
N SER A 340 14.51 -14.48 -13.93
CA SER A 340 15.28 -13.53 -14.75
C SER A 340 16.77 -13.82 -14.70
N LYS A 341 17.36 -13.99 -15.88
CA LYS A 341 18.80 -14.10 -16.00
C LYS A 341 19.47 -12.97 -15.21
N ASP A 342 20.48 -13.34 -14.42
CA ASP A 342 21.11 -12.37 -13.52
C ASP A 342 21.61 -11.13 -14.26
N ALA A 343 22.22 -11.30 -15.43
CA ALA A 343 22.60 -10.13 -16.22
C ALA A 343 21.43 -9.21 -16.55
N VAL A 344 20.21 -9.74 -16.57
CA VAL A 344 19.02 -8.90 -16.77
C VAL A 344 18.78 -7.94 -15.61
N LEU A 345 19.26 -8.26 -14.42
CA LEU A 345 19.24 -7.28 -13.33
C LEU A 345 20.49 -6.40 -13.29
N ARG A 346 21.68 -7.00 -13.34
CA ARG A 346 22.89 -6.21 -13.20
C ARG A 346 23.00 -5.12 -14.27
N ARG A 347 22.60 -5.43 -15.51
CA ARG A 347 22.74 -4.46 -16.59
C ARG A 347 21.96 -3.18 -16.30
N GLU A 348 20.87 -3.27 -15.53
CA GLU A 348 20.00 -2.12 -15.32
C GLU A 348 20.59 -1.12 -14.35
N MET A 349 21.30 -1.58 -13.32
CA MET A 349 21.70 -0.73 -12.21
C MET A 349 23.00 0.03 -12.50
N ARG A 350 23.20 1.09 -11.72
CA ARG A 350 24.28 2.05 -11.92
C ARG A 350 25.45 1.88 -10.96
N GLN A 351 25.23 1.27 -9.79
CA GLN A 351 26.31 1.00 -8.87
C GLN A 351 27.19 -0.12 -9.40
N MET A 352 28.44 0.20 -9.71
CA MET A 352 29.43 -0.82 -10.04
C MET A 352 29.81 -1.62 -8.81
N GLU A 353 30.26 -2.85 -9.05
CA GLU A 353 30.89 -3.66 -8.03
C GLU A 353 32.39 -3.39 -8.01
N GLY A 354 33.00 -3.57 -6.84
CA GLY A 354 34.40 -3.21 -6.68
C GLY A 354 34.66 -1.73 -6.81
N ALA A 355 33.79 -0.90 -6.22
CA ALA A 355 33.90 0.55 -6.34
C ALA A 355 33.33 1.17 -5.08
N TRP A 356 33.58 2.47 -4.92
CA TRP A 356 33.04 3.20 -3.77
C TRP A 356 31.52 3.30 -3.87
N LEU A 357 30.88 3.31 -2.69
CA LEU A 357 29.44 3.22 -2.56
C LEU A 357 28.80 4.60 -2.74
N GLY A 358 28.11 4.81 -3.86
CA GLY A 358 27.26 5.98 -4.01
C GLY A 358 25.85 5.66 -3.56
N SER A 359 25.46 6.21 -2.40
CA SER A 359 24.18 5.85 -1.79
C SER A 359 22.99 6.29 -2.63
N ASP A 360 23.17 7.21 -3.57
CA ASP A 360 22.13 7.51 -4.54
C ASP A 360 22.15 6.59 -5.75
N LEU A 361 23.32 6.04 -6.10
CA LEU A 361 23.39 5.10 -7.21
C LEU A 361 22.68 3.79 -6.91
N VAL A 362 22.83 3.27 -5.69
CA VAL A 362 22.08 2.08 -5.27
C VAL A 362 20.58 2.33 -5.33
N ASP A 363 20.11 3.50 -4.87
CA ASP A 363 18.69 3.77 -4.87
C ASP A 363 18.13 3.99 -6.26
N GLN A 364 18.85 4.71 -7.13
CA GLN A 364 18.38 4.81 -8.51
C GLN A 364 18.53 3.50 -9.27
N GLY A 365 19.42 2.60 -8.85
CA GLY A 365 19.36 1.23 -9.31
C GLY A 365 18.07 0.53 -8.95
N LYS A 366 17.65 0.67 -7.69
CA LYS A 366 16.38 0.09 -7.28
C LYS A 366 15.21 0.70 -8.03
N GLU A 367 15.27 2.00 -8.29
CA GLU A 367 14.28 2.65 -9.14
C GLU A 367 14.27 2.09 -10.54
N ARG A 368 15.44 1.86 -11.12
CA ARG A 368 15.53 1.26 -12.46
C ARG A 368 14.97 -0.16 -12.47
N LEU A 369 15.19 -0.92 -11.40
CA LEU A 369 14.60 -2.26 -11.31
C LEU A 369 13.09 -2.21 -11.19
N ASN A 370 12.55 -1.25 -10.45
CA ASN A 370 11.10 -1.08 -10.44
C ASN A 370 10.57 -0.70 -11.82
N ARG A 371 11.19 0.30 -12.45
CA ARG A 371 10.74 0.75 -13.77
C ARG A 371 10.95 -0.28 -14.87
N LEU A 372 11.77 -1.31 -14.62
CA LEU A 372 11.81 -2.46 -15.50
C LEU A 372 10.45 -3.16 -15.56
N GLY A 373 9.78 -3.29 -14.41
CA GLY A 373 8.44 -3.81 -14.32
C GLY A 373 8.28 -5.30 -14.12
N PHE A 374 9.34 -6.09 -14.25
CA PHE A 374 9.19 -7.54 -14.08
C PHE A 374 8.90 -7.92 -12.62
N PHE A 375 9.14 -7.02 -11.67
CA PHE A 375 9.12 -7.35 -10.25
C PHE A 375 7.98 -6.62 -9.54
N GLU A 376 7.24 -7.38 -8.74
CA GLU A 376 6.23 -6.82 -7.86
C GLU A 376 6.85 -5.90 -6.82
N THR A 377 7.94 -6.33 -6.18
CA THR A 377 8.63 -5.50 -5.22
C THR A 377 10.13 -5.66 -5.38
N VAL A 378 10.85 -4.59 -5.04
CA VAL A 378 12.29 -4.58 -4.90
C VAL A 378 12.64 -3.88 -3.59
N ASP A 379 13.53 -4.46 -2.81
CA ASP A 379 14.02 -3.81 -1.61
C ASP A 379 15.48 -4.15 -1.40
N THR A 380 16.29 -3.12 -1.20
CA THR A 380 17.72 -3.27 -0.97
C THR A 380 18.01 -3.55 0.50
N ASP A 381 19.16 -4.18 0.74
CA ASP A 381 19.80 -4.17 2.04
C ASP A 381 21.28 -3.93 1.83
N THR A 382 21.97 -3.62 2.92
CA THR A 382 23.39 -3.30 2.86
C THR A 382 24.01 -3.65 4.21
N GLN A 383 25.01 -4.53 4.20
CA GLN A 383 25.54 -5.09 5.44
C GLN A 383 27.05 -5.04 5.39
N ARG A 384 27.64 -4.56 6.48
CA ARG A 384 29.09 -4.52 6.62
C ARG A 384 29.60 -5.95 6.73
N VAL A 385 30.63 -6.29 5.96
CA VAL A 385 31.20 -7.62 6.03
C VAL A 385 31.96 -7.78 7.34
N PRO A 386 32.03 -9.00 7.89
CA PRO A 386 32.74 -9.19 9.15
C PRO A 386 34.24 -8.93 9.02
N GLY A 387 34.80 -8.29 10.05
CA GLY A 387 36.23 -8.03 10.08
C GLY A 387 36.73 -6.92 9.19
N SER A 388 35.86 -6.14 8.56
CA SER A 388 36.32 -5.07 7.68
C SER A 388 35.59 -3.77 8.01
N PRO A 389 36.32 -2.66 8.17
CA PRO A 389 35.66 -1.38 8.41
C PRO A 389 35.12 -0.69 7.17
N ASP A 390 35.63 -1.00 5.98
CA ASP A 390 35.51 -0.13 4.83
C ASP A 390 34.62 -0.64 3.71
N GLN A 391 34.06 -1.85 3.80
CA GLN A 391 33.44 -2.44 2.62
C GLN A 391 32.23 -3.29 2.99
N VAL A 392 31.27 -3.34 2.06
CA VAL A 392 29.93 -3.85 2.33
C VAL A 392 29.51 -4.75 1.17
N ASP A 393 28.64 -5.71 1.47
CA ASP A 393 27.73 -6.26 0.47
C ASP A 393 26.47 -5.40 0.37
N VAL A 394 26.00 -5.18 -0.86
CA VAL A 394 24.65 -4.73 -1.14
C VAL A 394 23.86 -5.87 -1.77
N VAL A 395 22.66 -6.13 -1.27
CA VAL A 395 21.82 -7.24 -1.72
C VAL A 395 20.44 -6.71 -2.07
N TYR A 396 19.92 -7.11 -3.23
CA TYR A 396 18.57 -6.77 -3.69
C TYR A 396 17.65 -7.98 -3.57
N LYS A 397 16.66 -7.91 -2.69
CA LYS A 397 15.55 -8.86 -2.71
C LYS A 397 14.53 -8.45 -3.76
N VAL A 398 13.97 -9.44 -4.47
CA VAL A 398 12.89 -9.16 -5.42
C VAL A 398 11.79 -10.22 -5.31
N LYS A 399 10.59 -9.84 -5.75
CA LYS A 399 9.53 -10.76 -6.19
C LYS A 399 9.32 -10.63 -7.68
N GLU A 400 9.63 -11.68 -8.44
CA GLU A 400 9.36 -11.70 -9.87
C GLU A 400 7.86 -11.80 -10.15
N ARG A 401 7.31 -10.75 -10.75
CA ARG A 401 5.94 -10.76 -11.26
C ARG A 401 5.81 -11.77 -12.39
N ASN A 402 4.61 -12.35 -12.54
CA ASN A 402 4.26 -13.13 -13.73
C ASN A 402 3.94 -12.20 -14.89
N THR A 403 4.89 -12.07 -15.82
CA THR A 403 4.78 -11.14 -16.94
C THR A 403 4.07 -11.71 -18.16
N GLY A 404 4.23 -13.00 -18.43
CA GLY A 404 3.65 -13.59 -19.62
C GLY A 404 2.14 -13.59 -19.63
N SER A 405 1.57 -13.51 -20.84
CA SER A 405 0.13 -13.45 -21.05
C SER A 405 -0.24 -14.29 -22.26
N PHE A 406 -1.46 -14.81 -22.25
CA PHE A 406 -1.97 -15.63 -23.35
C PHE A 406 -3.49 -15.50 -23.40
N ASN A 407 -4.02 -15.07 -24.54
CA ASN A 407 -5.47 -14.99 -24.74
C ASN A 407 -5.85 -15.60 -26.08
N PHE A 408 -6.91 -16.40 -26.09
CA PHE A 408 -7.40 -17.05 -27.30
C PHE A 408 -8.93 -16.95 -27.34
N GLY A 409 -9.47 -16.67 -28.53
CA GLY A 409 -10.90 -16.48 -28.68
C GLY A 409 -11.47 -17.00 -29.98
N ILE A 410 -12.65 -17.64 -29.94
CA ILE A 410 -13.40 -18.02 -31.13
C ILE A 410 -14.80 -17.43 -31.05
N GLY A 411 -15.32 -16.98 -32.20
CA GLY A 411 -16.69 -16.55 -32.32
C GLY A 411 -17.41 -17.32 -33.41
N TYR A 412 -18.73 -17.43 -33.27
CA TYR A 412 -19.57 -18.05 -34.29
C TYR A 412 -20.90 -17.33 -34.32
N GLY A 413 -21.56 -17.33 -35.48
CA GLY A 413 -22.71 -16.46 -35.65
C GLY A 413 -23.75 -16.90 -36.66
N THR A 414 -24.72 -16.03 -36.90
CA THR A 414 -25.64 -16.11 -38.01
C THR A 414 -25.46 -14.91 -38.91
N GLU A 415 -25.65 -15.11 -40.21
CA GLU A 415 -25.30 -14.14 -41.25
C GLU A 415 -23.81 -13.81 -41.26
N SER A 416 -22.99 -14.53 -40.50
CA SER A 416 -21.54 -14.40 -40.60
C SER A 416 -20.92 -15.70 -40.12
N GLY A 417 -19.72 -16.00 -40.63
CA GLY A 417 -19.01 -17.21 -40.26
C GLY A 417 -18.24 -17.16 -38.95
N VAL A 418 -17.29 -18.11 -38.86
CA VAL A 418 -16.36 -18.20 -37.74
C VAL A 418 -15.55 -16.92 -37.57
N SER A 419 -15.15 -16.65 -36.32
CA SER A 419 -14.16 -15.62 -36.00
C SER A 419 -13.09 -16.15 -35.07
N PHE A 420 -11.85 -15.69 -35.26
CA PHE A 420 -10.71 -16.03 -34.41
C PHE A 420 -10.02 -14.79 -33.86
N GLN A 421 -9.49 -14.93 -32.64
CA GLN A 421 -8.45 -14.05 -32.12
C GLN A 421 -7.42 -14.91 -31.40
N ALA A 422 -6.18 -14.41 -31.36
CA ALA A 422 -5.16 -14.98 -30.50
C ALA A 422 -4.18 -13.88 -30.11
N GLY A 423 -3.62 -14.00 -28.90
CA GLY A 423 -2.61 -13.06 -28.47
C GLY A 423 -1.62 -13.56 -27.43
N VAL A 424 -0.43 -13.97 -27.85
CA VAL A 424 0.63 -14.39 -26.95
C VAL A 424 1.61 -13.23 -26.81
N GLN A 425 1.93 -12.84 -25.58
CA GLN A 425 3.01 -11.89 -25.35
C GLN A 425 3.73 -12.22 -24.05
N GLN A 426 5.04 -11.98 -24.04
CA GLN A 426 5.79 -12.01 -22.80
C GLN A 426 7.02 -11.14 -22.95
N ASP A 427 6.99 -9.97 -22.33
CA ASP A 427 8.19 -9.26 -21.89
C ASP A 427 8.93 -10.10 -20.86
N ASN A 428 10.27 -10.04 -20.87
CA ASN A 428 11.11 -10.92 -20.02
C ASN A 428 10.88 -12.33 -20.60
N TRP A 429 11.47 -12.61 -21.75
CA TRP A 429 11.23 -13.88 -22.50
C TRP A 429 12.20 -14.95 -22.01
N LEU A 430 11.67 -16.00 -21.37
CA LEU A 430 12.52 -17.12 -20.86
C LEU A 430 13.54 -16.54 -19.89
N GLY A 431 13.21 -15.42 -19.22
CA GLY A 431 14.10 -14.77 -18.25
C GLY A 431 15.17 -13.90 -18.90
N THR A 432 15.48 -14.07 -20.20
CA THR A 432 16.60 -13.38 -20.89
C THR A 432 16.31 -11.90 -21.14
N GLY A 433 15.12 -11.38 -20.76
CA GLY A 433 14.76 -9.99 -20.93
C GLY A 433 14.34 -9.55 -22.32
N TYR A 434 14.34 -10.41 -23.32
CA TYR A 434 13.61 -10.12 -24.55
C TYR A 434 12.13 -9.97 -24.26
N ALA A 435 11.46 -9.15 -25.08
CA ALA A 435 10.01 -9.13 -25.14
C ALA A 435 9.55 -9.63 -26.51
N VAL A 436 8.64 -10.60 -26.50
CA VAL A 436 8.03 -11.12 -27.72
C VAL A 436 6.52 -10.91 -27.64
N GLY A 437 5.89 -10.74 -28.80
CA GLY A 437 4.46 -10.85 -28.93
C GLY A 437 4.02 -11.32 -30.30
N ILE A 438 3.02 -12.20 -30.36
CA ILE A 438 2.41 -12.64 -31.61
C ILE A 438 0.89 -12.58 -31.49
N ASN A 439 0.25 -11.90 -32.45
CA ASN A 439 -1.14 -11.47 -32.35
C ASN A 439 -1.81 -11.75 -33.68
N GLY A 440 -3.04 -12.26 -33.64
CA GLY A 440 -3.76 -12.60 -34.87
C GLY A 440 -5.24 -12.37 -34.75
N THR A 441 -5.89 -12.16 -35.90
CA THR A 441 -7.32 -11.86 -35.95
C THR A 441 -7.82 -12.24 -37.35
N LYS A 442 -8.38 -13.44 -37.48
CA LYS A 442 -9.14 -13.83 -38.67
C LYS A 442 -10.62 -13.55 -38.45
N ASN A 443 -11.07 -12.38 -38.86
CA ASN A 443 -12.49 -12.07 -38.89
C ASN A 443 -13.16 -12.84 -40.03
N ASP A 444 -14.44 -12.55 -40.22
CA ASP A 444 -15.15 -13.01 -41.42
C ASP A 444 -14.77 -12.21 -42.65
N TYR A 445 -14.44 -10.93 -42.49
CA TYR A 445 -14.20 -10.04 -43.62
C TYR A 445 -12.89 -9.29 -43.47
N GLN A 446 -12.01 -9.73 -42.58
CA GLN A 446 -10.72 -9.12 -42.35
C GLN A 446 -9.75 -10.22 -41.94
N THR A 447 -8.46 -10.03 -42.23
CA THR A 447 -7.39 -10.77 -41.57
C THR A 447 -6.32 -9.81 -41.08
N TYR A 448 -5.90 -9.98 -39.83
CA TYR A 448 -4.83 -9.19 -39.23
C TYR A 448 -3.92 -10.07 -38.40
N ALA A 449 -2.61 -9.92 -38.57
CA ALA A 449 -1.63 -10.62 -37.76
C ALA A 449 -0.36 -9.79 -37.67
N GLU A 450 0.30 -9.85 -36.51
CA GLU A 450 1.60 -9.22 -36.35
C GLU A 450 2.46 -9.98 -35.35
N LEU A 451 3.78 -9.85 -35.51
CA LEU A 451 4.78 -10.47 -34.64
C LEU A 451 5.75 -9.40 -34.20
N SER A 452 5.96 -9.27 -32.89
CA SER A 452 6.89 -8.29 -32.33
C SER A 452 7.91 -8.96 -31.43
N VAL A 453 9.19 -8.64 -31.64
CA VAL A 453 10.29 -9.06 -30.78
C VAL A 453 11.22 -7.88 -30.59
N THR A 454 11.57 -7.56 -29.35
CA THR A 454 12.47 -6.45 -29.04
C THR A 454 13.46 -6.85 -27.97
N ASN A 455 14.75 -6.73 -28.29
CA ASN A 455 15.88 -6.94 -27.39
C ASN A 455 16.30 -5.59 -26.80
N PRO A 456 15.95 -5.26 -25.56
CA PRO A 456 16.25 -3.92 -25.03
C PRO A 456 17.74 -3.63 -24.85
N TYR A 457 18.63 -4.61 -24.95
CA TYR A 457 20.07 -4.37 -24.84
C TYR A 457 20.81 -5.20 -25.89
N PHE A 458 20.74 -4.74 -27.13
CA PHE A 458 21.52 -5.35 -28.20
C PHE A 458 23.01 -5.14 -27.99
N THR A 459 23.39 -4.03 -27.36
CA THR A 459 24.71 -3.86 -26.77
C THR A 459 24.55 -3.27 -25.37
N VAL A 460 25.49 -3.61 -24.49
CA VAL A 460 25.30 -3.36 -23.07
C VAL A 460 25.10 -1.89 -22.76
N ASP A 461 25.50 -1.00 -23.67
CA ASP A 461 25.28 0.43 -23.47
C ASP A 461 23.79 0.79 -23.43
N GLY A 462 22.92 -0.09 -23.89
CA GLY A 462 21.49 0.15 -23.89
C GLY A 462 20.87 0.32 -25.26
N VAL A 463 21.62 0.11 -26.33
CA VAL A 463 21.06 0.06 -27.67
C VAL A 463 20.08 -1.10 -27.74
N SER A 464 18.79 -0.79 -27.88
CA SER A 464 17.80 -1.82 -28.15
C SER A 464 17.77 -2.11 -29.64
N LEU A 465 17.42 -3.35 -29.99
CA LEU A 465 17.11 -3.72 -31.37
C LEU A 465 15.72 -4.33 -31.40
N GLY A 466 14.77 -3.63 -32.01
CA GLY A 466 13.43 -4.14 -32.22
C GLY A 466 13.24 -4.72 -33.60
N GLY A 467 12.27 -5.61 -33.71
CA GLY A 467 11.79 -6.06 -35.01
C GLY A 467 10.30 -6.31 -34.97
N ARG A 468 9.66 -6.14 -36.11
CA ARG A 468 8.23 -6.38 -36.20
C ARG A 468 7.87 -6.92 -37.58
N LEU A 469 6.84 -7.77 -37.63
CA LEU A 469 6.23 -8.21 -38.86
C LEU A 469 4.73 -8.04 -38.74
N PHE A 470 4.08 -7.71 -39.86
CA PHE A 470 2.64 -7.50 -39.83
C PHE A 470 2.02 -7.91 -41.16
N TYR A 471 0.75 -8.26 -41.11
CA TYR A 471 -0.05 -8.54 -42.29
C TYR A 471 -1.48 -8.05 -42.06
N ASN A 472 -2.05 -7.38 -43.06
CA ASN A 472 -3.46 -7.02 -43.04
C ASN A 472 -4.04 -7.31 -44.41
N ASP A 473 -5.28 -7.81 -44.46
CA ASP A 473 -6.06 -7.72 -45.68
C ASP A 473 -7.54 -7.57 -45.35
N PHE A 474 -8.27 -6.97 -46.29
CA PHE A 474 -9.69 -6.66 -46.13
C PHE A 474 -10.45 -7.05 -47.39
N GLN A 475 -11.75 -7.25 -47.23
CA GLN A 475 -12.66 -7.38 -48.35
C GLN A 475 -13.91 -6.54 -48.11
N TYR A 484 -11.96 1.17 -49.38
CA TYR A 484 -11.48 0.38 -50.50
C TYR A 484 -10.76 -0.90 -50.07
N THR A 485 -10.77 -1.89 -50.96
CA THR A 485 -10.09 -3.15 -50.73
C THR A 485 -8.59 -2.96 -50.60
N ASN A 486 -8.03 -3.45 -49.50
CA ASN A 486 -6.66 -3.16 -49.09
C ASN A 486 -6.01 -4.44 -48.59
N LYS A 487 -4.78 -4.69 -49.01
CA LYS A 487 -3.92 -5.69 -48.38
C LYS A 487 -2.53 -5.11 -48.25
N SER A 488 -1.90 -5.34 -47.11
CA SER A 488 -0.50 -4.97 -46.91
C SER A 488 0.16 -5.91 -45.93
N TYR A 489 1.46 -6.11 -46.11
CA TYR A 489 2.28 -6.83 -45.16
C TYR A 489 3.71 -6.34 -45.30
N GLY A 490 4.49 -6.51 -44.23
CA GLY A 490 5.81 -5.91 -44.21
C GLY A 490 6.55 -6.26 -42.94
N THR A 491 7.74 -5.68 -42.81
CA THR A 491 8.58 -5.84 -41.64
C THR A 491 9.29 -4.52 -41.35
N CYS A 492 9.82 -4.40 -40.14
CA CYS A 492 10.85 -3.40 -39.89
C CYS A 492 11.73 -3.86 -38.73
N VAL A 493 12.93 -3.29 -38.68
CA VAL A 493 13.83 -3.41 -37.54
C VAL A 493 14.29 -2.01 -37.17
N THR A 494 14.42 -1.74 -35.86
CA THR A 494 14.81 -0.42 -35.42
C THR A 494 15.86 -0.52 -34.32
N LEU A 495 16.87 0.34 -34.40
CA LEU A 495 17.86 0.51 -33.35
C LEU A 495 17.58 1.81 -32.63
N GLY A 496 17.46 1.77 -31.31
CA GLY A 496 17.13 2.96 -30.55
C GLY A 496 17.97 3.11 -29.30
N PHE A 497 18.67 4.24 -29.18
CA PHE A 497 19.75 4.34 -28.22
C PHE A 497 19.88 5.76 -27.68
N PRO A 498 19.87 5.93 -26.36
CA PRO A 498 19.91 7.29 -25.80
C PRO A 498 21.26 7.95 -26.02
N ILE A 499 21.24 9.27 -26.07
CA ILE A 499 22.47 10.04 -26.22
C ILE A 499 22.71 10.98 -25.05
N ASN A 500 21.67 11.36 -24.29
CA ASN A 500 21.80 11.92 -22.96
C ASN A 500 20.65 11.37 -22.12
N GLU A 501 20.55 11.84 -20.88
CA GLU A 501 19.37 11.52 -20.08
C GLU A 501 18.11 12.06 -20.74
N TYR A 502 18.21 13.21 -21.40
CA TYR A 502 17.07 13.86 -22.03
C TYR A 502 16.85 13.46 -23.47
N ASN A 503 17.92 13.17 -24.20
CA ASN A 503 17.94 13.22 -25.66
C ASN A 503 18.20 11.83 -26.23
N SER A 504 17.34 11.41 -27.16
CA SER A 504 17.32 10.03 -27.62
C SER A 504 17.15 9.98 -29.13
N LEU A 505 17.78 8.99 -29.75
CA LEU A 505 17.84 8.87 -31.20
C LEU A 505 17.56 7.42 -31.58
N ARG A 506 16.88 7.22 -32.70
CA ARG A 506 16.58 5.86 -33.17
C ARG A 506 16.44 5.86 -34.68
N ALA A 507 16.73 4.70 -35.29
CA ALA A 507 16.70 4.55 -36.73
C ALA A 507 16.37 3.10 -37.06
N GLY A 508 15.83 2.88 -38.27
CA GLY A 508 15.43 1.54 -38.65
C GLY A 508 14.88 1.39 -40.05
N LEU A 509 15.49 0.47 -40.80
CA LEU A 509 14.95 0.06 -42.10
C LEU A 509 13.58 -0.59 -41.96
N GLY A 510 12.79 -0.49 -43.03
CA GLY A 510 11.52 -1.19 -43.10
C GLY A 510 11.15 -1.52 -44.52
N TYR A 511 10.26 -2.51 -44.67
CA TYR A 511 9.71 -2.94 -45.95
C TYR A 511 8.21 -3.09 -45.82
N VAL A 512 7.46 -2.61 -46.82
CA VAL A 512 6.01 -2.67 -46.79
C VAL A 512 5.46 -2.93 -48.19
N HIS A 513 4.93 -4.14 -48.41
CA HIS A 513 4.08 -4.40 -49.56
C HIS A 513 2.68 -3.87 -49.27
N ASN A 514 2.01 -3.31 -50.29
CA ASN A 514 0.57 -3.15 -50.22
C ASN A 514 -0.05 -3.29 -51.60
N SER A 515 -1.29 -3.79 -51.63
CA SER A 515 -2.09 -3.89 -52.84
C SER A 515 -3.38 -3.10 -52.65
N LEU A 516 -3.65 -2.19 -53.58
CA LEU A 516 -4.86 -1.36 -53.55
C LEU A 516 -5.77 -1.78 -54.69
N SER A 517 -7.03 -2.05 -54.39
CA SER A 517 -7.99 -2.48 -55.40
C SER A 517 -9.35 -1.87 -55.15
N ASN A 518 -10.13 -1.72 -56.23
CA ASN A 518 -11.55 -1.34 -56.16
C ASN A 518 -11.77 -0.05 -55.37
N MET A 519 -10.91 0.93 -55.63
CA MET A 519 -11.04 2.25 -55.02
C MET A 519 -11.90 3.16 -55.89
N GLN A 520 -12.57 4.13 -55.25
CA GLN A 520 -13.37 5.11 -55.98
C GLN A 520 -12.48 6.08 -56.76
N PRO A 521 -12.76 6.36 -58.03
CA PRO A 521 -11.91 7.27 -58.80
C PRO A 521 -12.08 8.71 -58.36
N GLN A 522 -10.98 9.34 -57.96
CA GLN A 522 -11.03 10.70 -57.43
C GLN A 522 -9.73 11.42 -57.73
N VAL A 523 -9.83 12.74 -57.87
CA VAL A 523 -8.71 13.56 -58.32
C VAL A 523 -7.53 13.46 -57.34
N ALA A 524 -7.83 13.35 -56.04
CA ALA A 524 -6.80 13.31 -55.01
C ALA A 524 -5.85 12.12 -55.11
N MET A 525 -6.14 11.10 -55.93
CA MET A 525 -5.20 9.99 -56.10
C MET A 525 -4.97 9.58 -57.54
N TRP A 526 -5.85 9.90 -58.48
CA TRP A 526 -5.64 9.50 -59.86
C TRP A 526 -4.36 10.11 -60.43
N ARG A 527 -4.05 11.36 -60.08
CA ARG A 527 -2.78 11.93 -60.52
C ARG A 527 -1.59 11.18 -59.92
N TYR A 528 -1.74 10.66 -58.71
CA TYR A 528 -0.69 9.85 -58.12
C TYR A 528 -0.49 8.57 -58.92
N LEU A 529 -1.58 7.87 -59.22
CA LEU A 529 -1.49 6.69 -60.06
C LEU A 529 -0.85 7.01 -61.41
N TYR A 530 -1.27 8.13 -62.03
CA TYR A 530 -0.63 8.55 -63.27
C TYR A 530 0.88 8.70 -63.12
N SER A 531 1.33 9.25 -61.98
CA SER A 531 2.76 9.40 -61.80
C SER A 531 3.46 8.04 -61.73
N MET A 532 2.76 7.01 -61.25
CA MET A 532 3.30 5.65 -61.25
C MET A 532 3.31 5.01 -62.63
N GLY A 533 2.64 5.61 -63.61
CA GLY A 533 2.40 4.95 -64.88
C GLY A 533 1.25 3.96 -64.84
N GLU A 534 0.39 4.05 -63.83
CA GLU A 534 -0.83 3.25 -63.76
C GLU A 534 -1.98 4.16 -64.18
N HIS A 535 -2.65 3.80 -65.27
CA HIS A 535 -3.66 4.66 -65.91
C HIS A 535 -5.02 3.99 -65.91
N PRO A 536 -5.65 3.86 -64.74
CA PRO A 536 -6.98 3.24 -64.68
C PRO A 536 -8.06 4.17 -65.18
N SER A 537 -9.09 3.57 -65.78
CA SER A 537 -10.22 4.34 -66.29
C SER A 537 -11.01 4.97 -65.16
N THR A 538 -11.41 6.23 -65.36
CA THR A 538 -12.16 6.99 -64.36
C THR A 538 -13.64 6.63 -64.32
N SER A 539 -14.12 5.85 -65.27
CA SER A 539 -15.53 5.50 -65.37
C SER A 539 -15.91 4.28 -64.54
N ASP A 540 -14.95 3.65 -63.86
CA ASP A 540 -15.08 2.26 -63.47
C ASP A 540 -14.31 2.03 -62.18
N GLN A 541 -14.53 0.85 -61.59
CA GLN A 541 -13.94 0.49 -60.30
C GLN A 541 -13.22 -0.85 -60.37
N ASP A 542 -12.81 -1.27 -61.57
CA ASP A 542 -11.98 -2.45 -61.77
C ASP A 542 -10.51 -2.22 -61.43
N ASN A 543 -10.14 -1.02 -61.01
CA ASN A 543 -8.74 -0.67 -60.80
C ASN A 543 -8.11 -1.55 -59.73
N SER A 544 -6.81 -1.82 -59.91
CA SER A 544 -6.02 -2.52 -58.90
C SER A 544 -4.55 -2.14 -59.10
N PHE A 545 -3.90 -1.71 -58.02
CA PHE A 545 -2.51 -1.30 -58.06
C PHE A 545 -1.70 -1.95 -56.94
N LYS A 546 -0.46 -2.33 -57.26
CA LYS A 546 0.41 -3.07 -56.36
C LYS A 546 1.78 -2.41 -56.32
N THR A 547 2.40 -2.37 -55.14
CA THR A 547 3.67 -1.69 -54.97
C THR A 547 4.39 -2.26 -53.76
N ASP A 548 5.68 -1.95 -53.66
CA ASP A 548 6.56 -2.48 -52.60
C ASP A 548 7.51 -1.38 -52.16
N ASP A 549 7.23 -0.77 -51.01
CA ASP A 549 8.14 0.20 -50.42
C ASP A 549 9.29 -0.51 -49.70
N PHE A 550 10.51 -0.06 -49.95
CA PHE A 550 11.62 -0.19 -49.02
C PHE A 550 11.93 1.16 -48.40
N THR A 551 12.12 1.19 -47.09
CA THR A 551 12.10 2.44 -46.33
C THR A 551 13.28 2.49 -45.38
N PHE A 552 13.91 3.66 -45.28
CA PHE A 552 14.76 4.03 -44.15
C PHE A 552 14.01 4.99 -43.24
N ASN A 553 13.48 4.47 -42.13
CA ASN A 553 12.92 5.32 -41.09
C ASN A 553 14.02 5.89 -40.22
N TYR A 554 13.75 7.05 -39.63
CA TYR A 554 14.60 7.58 -38.57
C TYR A 554 13.73 8.38 -37.60
N GLY A 555 14.29 8.68 -36.43
CA GLY A 555 13.60 9.55 -35.49
C GLY A 555 14.51 10.08 -34.42
N TRP A 556 14.13 11.22 -33.87
CA TRP A 556 14.85 11.88 -32.78
C TRP A 556 13.83 12.35 -31.75
N THR A 557 14.29 12.56 -30.53
CA THR A 557 13.39 12.93 -29.44
C THR A 557 14.15 13.77 -28.42
N TYR A 558 13.42 14.63 -27.72
CA TYR A 558 13.98 15.43 -26.64
C TYR A 558 12.91 15.62 -25.57
N ASN A 559 13.20 15.24 -24.33
CA ASN A 559 12.35 15.52 -23.18
C ASN A 559 13.12 16.27 -22.11
N LYS A 560 12.69 17.52 -21.80
CA LYS A 560 13.10 18.18 -20.56
C LYS A 560 11.84 18.87 -20.00
N LEU A 561 11.00 18.09 -19.31
CA LEU A 561 9.77 18.61 -18.74
C LEU A 561 9.76 18.66 -17.21
N ASP A 562 10.63 17.89 -16.56
CA ASP A 562 10.92 18.03 -15.13
C ASP A 562 9.65 18.02 -14.28
N ARG A 563 8.59 17.38 -14.77
CA ARG A 563 7.34 17.32 -14.03
C ARG A 563 6.60 16.04 -14.38
N GLY A 564 5.67 15.67 -13.50
CA GLY A 564 4.76 14.58 -13.78
C GLY A 564 3.53 14.96 -14.60
N TYR A 565 2.35 14.83 -13.98
CA TYR A 565 1.08 15.00 -14.68
C TYR A 565 1.03 16.30 -15.48
N PHE A 566 1.26 17.44 -14.82
CA PHE A 566 1.24 18.75 -15.47
C PHE A 566 2.63 19.37 -15.51
N PRO A 567 3.25 19.49 -16.67
CA PRO A 567 4.52 20.21 -16.76
C PRO A 567 4.37 21.67 -16.38
N THR A 568 5.43 22.19 -15.78
CA THR A 568 5.53 23.58 -15.35
C THR A 568 6.46 24.40 -16.23
N ASP A 569 7.58 23.80 -16.63
CA ASP A 569 8.62 24.55 -17.36
C ASP A 569 9.40 23.56 -18.22
N GLY A 570 10.16 24.05 -19.20
CA GLY A 570 10.96 23.24 -20.09
C GLY A 570 10.28 22.98 -21.41
N SER A 571 10.79 21.97 -22.12
CA SER A 571 10.49 21.82 -23.54
C SER A 571 10.50 20.34 -23.92
N ARG A 572 9.79 20.03 -25.01
CA ARG A 572 9.84 18.73 -25.64
C ARG A 572 9.86 18.91 -27.15
N VAL A 573 10.64 18.07 -27.83
CA VAL A 573 10.65 18.03 -29.29
C VAL A 573 10.67 16.57 -29.72
N ASN A 574 9.96 16.27 -30.81
CA ASN A 574 9.99 14.96 -31.43
C ASN A 574 10.10 15.13 -32.94
N LEU A 575 10.96 14.34 -33.56
CA LEU A 575 11.18 14.40 -35.00
C LEU A 575 11.23 13.00 -35.57
N THR A 576 10.51 12.76 -36.67
CA THR A 576 10.54 11.50 -37.38
C THR A 576 10.53 11.76 -38.87
N GLY A 577 10.95 10.76 -39.64
CA GLY A 577 10.96 10.92 -41.08
C GLY A 577 11.05 9.58 -41.78
N LYS A 578 10.91 9.63 -43.10
CA LYS A 578 11.05 8.46 -43.95
C LYS A 578 11.74 8.88 -45.24
N VAL A 579 12.54 7.98 -45.79
CA VAL A 579 12.97 8.06 -47.18
C VAL A 579 12.87 6.67 -47.79
N THR A 580 12.29 6.59 -48.99
CA THR A 580 12.31 5.33 -49.73
C THR A 580 13.71 5.06 -50.26
N ILE A 581 14.20 3.84 -50.01
CA ILE A 581 15.49 3.42 -50.56
C ILE A 581 15.35 3.18 -52.06
N PRO A 582 16.32 3.57 -52.88
CA PRO A 582 16.22 3.32 -54.33
C PRO A 582 15.92 1.86 -54.63
N GLY A 583 15.07 1.66 -55.64
CA GLY A 583 14.51 0.36 -55.96
C GLY A 583 13.18 0.06 -55.32
N SER A 584 12.63 0.97 -54.53
CA SER A 584 11.24 0.88 -54.14
C SER A 584 10.34 1.16 -55.34
N ASP A 585 9.19 0.48 -55.39
CA ASP A 585 8.27 0.66 -56.51
C ASP A 585 7.50 1.96 -56.41
N ASN A 586 7.57 2.66 -55.28
CA ASN A 586 7.31 4.09 -55.23
C ASN A 586 8.40 4.75 -54.40
N GLU A 587 8.58 6.05 -54.61
CA GLU A 587 9.71 6.77 -54.02
C GLU A 587 9.26 8.13 -53.51
N TYR A 588 9.53 8.39 -52.24
CA TYR A 588 9.04 9.60 -51.58
C TYR A 588 9.86 9.82 -50.32
N TYR A 589 9.62 10.95 -49.66
CA TYR A 589 10.07 11.16 -48.30
C TYR A 589 8.99 11.90 -47.52
N LYS A 590 9.08 11.87 -46.20
CA LYS A 590 8.31 12.78 -45.37
C LYS A 590 9.08 13.09 -44.10
N VAL A 591 8.74 14.21 -43.47
CA VAL A 591 9.33 14.61 -42.20
C VAL A 591 8.20 15.09 -41.29
N THR A 592 8.52 15.22 -40.01
CA THR A 592 7.54 15.61 -39.01
C THR A 592 8.27 16.26 -37.84
N LEU A 593 7.63 17.26 -37.23
CA LEU A 593 8.00 17.70 -35.91
C LEU A 593 6.76 17.79 -35.03
N ASP A 594 6.92 17.38 -33.77
CA ASP A 594 6.08 17.83 -32.67
C ASP A 594 6.94 18.64 -31.74
N THR A 595 6.40 19.71 -31.18
CA THR A 595 7.10 20.46 -30.15
C THR A 595 6.12 20.88 -29.07
N ALA A 596 6.67 21.07 -27.86
CA ALA A 596 5.95 21.68 -26.76
C ALA A 596 6.94 22.54 -25.99
N THR A 597 6.44 23.63 -25.41
CA THR A 597 7.32 24.58 -24.74
C THR A 597 6.52 25.31 -23.67
N TYR A 598 6.88 25.08 -22.41
CA TYR A 598 6.19 25.68 -21.29
C TYR A 598 7.06 26.82 -20.75
N VAL A 599 6.53 28.03 -20.76
CA VAL A 599 7.25 29.17 -20.19
C VAL A 599 6.46 29.71 -19.01
N PRO A 600 6.97 29.59 -17.78
CA PRO A 600 6.27 30.20 -16.64
C PRO A 600 6.44 31.72 -16.68
N ILE A 601 5.33 32.43 -16.55
CA ILE A 601 5.34 33.89 -16.56
C ILE A 601 5.38 34.49 -15.17
N ASP A 602 5.19 33.70 -14.12
CA ASP A 602 5.62 34.04 -12.77
C ASP A 602 6.57 32.98 -12.24
N ASP A 603 7.50 33.40 -11.39
CA ASP A 603 8.53 32.52 -10.88
C ASP A 603 8.01 31.51 -9.87
N ASP A 604 6.74 31.64 -9.44
CA ASP A 604 6.08 30.59 -8.68
C ASP A 604 5.48 29.51 -9.58
N HIS A 605 5.61 29.65 -10.90
CA HIS A 605 5.09 28.70 -11.88
C HIS A 605 3.57 28.51 -11.78
N LYS A 606 2.84 29.52 -11.32
CA LYS A 606 1.39 29.42 -11.24
C LYS A 606 0.69 29.95 -12.49
N TRP A 607 1.30 30.88 -13.21
CA TRP A 607 0.88 31.25 -14.55
C TRP A 607 1.92 30.74 -15.54
N VAL A 608 1.47 30.03 -16.57
CA VAL A 608 2.36 29.45 -17.57
C VAL A 608 1.84 29.77 -18.95
N VAL A 609 2.75 30.14 -19.86
CA VAL A 609 2.47 30.25 -21.29
C VAL A 609 2.98 28.98 -21.94
N LEU A 610 2.10 28.26 -22.62
CA LEU A 610 2.47 27.02 -23.32
C LEU A 610 2.33 27.23 -24.83
N GLY A 611 3.45 27.13 -25.55
CA GLY A 611 3.43 27.01 -26.99
C GLY A 611 3.42 25.55 -27.42
N ARG A 612 2.69 25.26 -28.49
CA ARG A 612 2.80 23.98 -29.17
C ARG A 612 2.81 24.21 -30.67
N THR A 613 3.41 23.26 -31.40
CA THR A 613 3.28 23.21 -32.85
C THR A 613 3.29 21.75 -33.29
N ARG A 614 2.86 21.53 -34.52
CA ARG A 614 3.27 20.38 -35.30
C ARG A 614 3.58 20.84 -36.71
N TRP A 615 4.42 20.07 -37.40
CA TRP A 615 4.76 20.37 -38.78
C TRP A 615 4.88 19.07 -39.55
N GLY A 616 4.83 19.18 -40.87
CA GLY A 616 5.00 18.02 -41.72
C GLY A 616 5.12 18.39 -43.18
N TYR A 617 5.92 17.64 -43.93
CA TYR A 617 6.00 17.80 -45.37
C TYR A 617 6.37 16.46 -45.99
N GLY A 618 5.91 16.23 -47.21
CA GLY A 618 6.27 15.04 -47.93
C GLY A 618 6.02 15.20 -49.41
N ASP A 619 6.85 14.55 -50.21
CA ASP A 619 6.88 14.84 -51.63
C ASP A 619 7.49 13.66 -52.37
N GLY A 620 7.30 13.65 -53.69
CA GLY A 620 7.87 12.61 -54.51
C GLY A 620 9.35 12.81 -54.78
N LEU A 621 10.00 11.73 -55.16
CA LEU A 621 11.38 11.76 -55.64
C LEU A 621 11.44 11.15 -57.03
N GLY A 622 12.28 11.73 -57.88
CA GLY A 622 12.40 11.27 -59.25
C GLY A 622 11.21 11.59 -60.13
N GLY A 623 10.36 12.52 -59.71
CA GLY A 623 9.17 12.87 -60.47
C GLY A 623 7.97 11.99 -60.20
N LYS A 624 8.10 10.97 -59.36
CA LYS A 624 6.97 10.25 -58.81
C LYS A 624 6.22 11.18 -57.84
N GLU A 625 5.26 10.62 -57.10
CA GLU A 625 4.49 11.42 -56.15
C GLU A 625 4.23 10.61 -54.89
N MET A 626 4.07 11.32 -53.79
CA MET A 626 3.91 10.69 -52.49
C MET A 626 2.60 9.93 -52.42
N PRO A 627 2.59 8.69 -51.92
CA PRO A 627 1.34 7.92 -51.89
C PRO A 627 0.32 8.55 -50.95
N PHE A 628 -0.92 8.63 -51.44
CA PHE A 628 -1.97 9.35 -50.72
C PHE A 628 -2.27 8.76 -49.36
N TYR A 629 -2.05 7.46 -49.16
CA TYR A 629 -2.24 6.86 -47.86
C TYR A 629 -1.21 7.30 -46.83
N GLU A 630 -0.14 7.97 -47.24
CA GLU A 630 0.82 8.57 -46.34
C GLU A 630 0.51 10.04 -46.02
N ASN A 631 -0.59 10.57 -46.53
CA ASN A 631 -0.92 11.98 -46.35
C ASN A 631 -1.14 12.34 -44.87
N PHE A 632 -1.04 13.64 -44.60
CA PHE A 632 -1.21 14.22 -43.27
C PHE A 632 -2.65 14.65 -43.03
N TYR A 633 -3.13 14.41 -41.81
CA TYR A 633 -4.45 14.84 -41.39
C TYR A 633 -4.31 15.74 -40.15
N ALA A 634 -5.21 16.70 -40.03
CA ALA A 634 -5.23 17.60 -38.88
C ALA A 634 -6.65 17.81 -38.41
N GLY A 635 -6.79 18.39 -37.23
CA GLY A 635 -8.08 18.54 -36.59
C GLY A 635 -8.31 17.53 -35.49
N GLY A 636 -9.14 17.92 -34.51
CA GLY A 636 -9.33 17.18 -33.30
C GLY A 636 -8.40 17.58 -32.17
N SER A 637 -8.78 17.13 -30.96
CA SER A 637 -8.12 17.56 -29.74
C SER A 637 -6.62 17.26 -29.76
N SER A 638 -6.19 16.27 -30.53
CA SER A 638 -4.75 16.03 -30.66
C SER A 638 -4.03 17.15 -31.40
N THR A 639 -4.75 18.01 -32.11
CA THR A 639 -4.09 18.84 -33.12
C THR A 639 -4.60 20.27 -33.04
N VAL A 640 -5.87 20.50 -33.37
CA VAL A 640 -6.52 21.77 -33.07
C VAL A 640 -7.95 21.50 -32.61
N ARG A 641 -8.31 22.05 -31.46
CA ARG A 641 -9.61 21.82 -30.84
C ARG A 641 -10.72 22.66 -31.49
N GLY A 642 -11.93 22.10 -31.46
CA GLY A 642 -13.11 22.66 -32.07
C GLY A 642 -13.43 22.15 -33.46
N PHE A 643 -12.66 21.19 -33.98
CA PHE A 643 -12.92 20.59 -35.27
C PHE A 643 -13.04 19.08 -35.09
N GLN A 644 -13.86 18.46 -35.93
CA GLN A 644 -13.89 17.00 -35.96
C GLN A 644 -12.54 16.47 -36.44
N SER A 645 -12.19 15.29 -35.95
CA SER A 645 -10.90 14.70 -36.29
C SER A 645 -10.71 14.57 -37.81
N ASN A 646 -9.49 14.87 -38.25
CA ASN A 646 -9.05 14.73 -39.64
C ASN A 646 -9.84 15.56 -40.64
N THR A 647 -10.75 16.42 -40.17
CA THR A 647 -11.66 17.09 -41.10
C THR A 647 -11.01 18.23 -41.88
N ILE A 648 -9.84 18.73 -41.43
CA ILE A 648 -9.32 19.99 -41.93
C ILE A 648 -8.69 19.91 -43.32
N GLY A 649 -8.30 18.72 -43.78
CA GLY A 649 -7.60 18.60 -45.03
C GLY A 649 -8.38 19.03 -46.27
N PRO A 650 -7.73 18.94 -47.43
CA PRO A 650 -8.46 19.09 -48.70
C PRO A 650 -9.48 17.98 -48.92
N LYS A 651 -10.61 18.35 -49.52
CA LYS A 651 -11.74 17.44 -49.66
C LYS A 651 -11.63 16.58 -50.91
N ALA A 652 -12.27 15.40 -50.84
CA ALA A 652 -12.38 14.50 -51.98
C ALA A 652 -13.14 15.13 -53.13
N VAL A 653 -12.63 14.93 -54.36
CA VAL A 653 -13.31 15.36 -55.58
C VAL A 653 -13.43 14.13 -56.48
N TYR A 654 -14.56 13.44 -56.39
CA TYR A 654 -14.76 12.19 -57.10
C TYR A 654 -15.12 12.40 -58.56
N PHE A 655 -14.67 11.42 -59.45
CA PHE A 655 -15.13 11.32 -60.83
C PHE A 655 -16.41 10.50 -60.92
N PRO A 656 -17.33 10.82 -61.85
CA PRO A 656 -18.47 9.95 -62.11
C PRO A 656 -18.07 8.51 -62.43
N HIS A 657 -18.59 7.53 -61.68
CA HIS A 657 -18.20 6.15 -61.90
C HIS A 657 -19.43 5.24 -61.83
N GLN A 658 -19.58 4.41 -62.85
CA GLN A 658 -20.57 3.34 -62.90
C GLN A 658 -20.06 2.10 -62.18
N ALA A 659 -20.96 1.12 -62.01
CA ALA A 659 -20.67 -0.09 -61.24
C ALA A 659 -20.21 0.24 -59.83
N SER A 660 -20.64 1.38 -59.31
CA SER A 660 -20.23 1.84 -57.98
C SER A 660 -20.50 0.78 -56.93
N ASN A 661 -19.45 0.35 -56.25
CA ASN A 661 -19.52 -0.65 -55.18
C ASN A 661 -20.27 -1.90 -55.62
N TYR A 662 -20.12 -2.27 -56.89
CA TYR A 662 -20.68 -3.50 -57.46
C TYR A 662 -22.19 -3.45 -57.62
N ASP A 663 -22.87 -2.52 -56.95
CA ASP A 663 -24.27 -2.26 -57.22
C ASP A 663 -24.68 -0.93 -56.58
N PRO A 664 -25.57 -0.16 -57.21
CA PRO A 664 -25.92 1.15 -56.63
C PRO A 664 -26.40 1.06 -55.19
N ASP A 665 -27.39 0.20 -54.93
CA ASP A 665 -28.02 0.05 -53.63
C ASP A 665 -28.71 1.33 -53.16
N TYR A 666 -28.78 2.35 -54.00
CA TYR A 666 -29.54 3.58 -53.78
C TYR A 666 -28.87 4.53 -52.79
N ASP A 667 -27.63 4.25 -52.34
CA ASP A 667 -27.00 5.10 -51.34
C ASP A 667 -25.53 5.43 -51.61
N TYR A 668 -25.02 5.17 -52.83
CA TYR A 668 -23.63 5.47 -53.19
C TYR A 668 -23.56 6.95 -53.59
N GLU A 669 -23.80 7.80 -52.60
CA GLU A 669 -24.08 9.21 -52.84
C GLU A 669 -23.04 9.94 -53.68
N CYS A 670 -23.57 10.84 -54.52
CA CYS A 670 -22.90 11.69 -55.52
C CYS A 670 -22.24 10.80 -56.55
N ALA A 671 -22.27 11.20 -57.82
CA ALA A 671 -21.52 10.55 -58.90
C ALA A 671 -21.89 9.08 -59.07
N THR A 672 -23.09 8.73 -58.60
CA THR A 672 -23.54 7.35 -58.49
C THR A 672 -23.82 6.79 -59.88
N GLN A 673 -24.05 5.48 -59.94
CA GLN A 673 -24.52 4.88 -61.19
C GLN A 673 -25.62 5.73 -61.82
N ASP A 674 -26.50 6.28 -60.98
CA ASP A 674 -27.58 7.16 -61.39
C ASP A 674 -27.34 8.60 -60.93
N GLY A 675 -26.09 8.94 -60.64
CA GLY A 675 -25.73 10.22 -60.08
C GLY A 675 -25.42 11.29 -61.11
N ALA A 676 -24.79 12.36 -60.63
CA ALA A 676 -24.48 13.52 -61.44
C ALA A 676 -23.45 13.22 -62.52
N LYS A 677 -23.45 14.09 -63.53
CA LYS A 677 -22.49 14.08 -64.62
C LYS A 677 -21.10 14.56 -64.22
N ASP A 678 -20.97 15.32 -63.12
CA ASP A 678 -19.74 16.04 -62.83
C ASP A 678 -19.24 15.75 -61.42
N LEU A 679 -18.02 16.26 -61.18
CA LEU A 679 -17.22 15.90 -60.01
C LEU A 679 -17.90 16.30 -58.70
N CYS A 680 -17.69 15.48 -57.66
CA CYS A 680 -18.56 15.51 -56.48
C CYS A 680 -18.21 16.68 -55.57
N LYS A 681 -16.91 16.99 -55.43
CA LYS A 681 -16.41 17.96 -54.46
C LYS A 681 -17.09 17.74 -53.11
N SER A 682 -16.71 16.64 -52.49
CA SER A 682 -17.34 16.20 -51.24
C SER A 682 -16.97 17.11 -50.08
N ASP A 683 -17.64 16.88 -48.95
CA ASP A 683 -17.16 17.32 -47.66
C ASP A 683 -16.11 16.38 -47.07
N ASP A 684 -15.99 15.16 -47.59
CA ASP A 684 -15.09 14.18 -47.00
C ASP A 684 -13.64 14.59 -47.24
N ALA A 685 -12.85 14.60 -46.16
CA ALA A 685 -11.50 15.14 -46.20
C ALA A 685 -10.49 14.05 -46.54
N VAL A 686 -9.71 14.29 -47.58
CA VAL A 686 -8.43 13.62 -47.76
C VAL A 686 -7.38 14.41 -46.99
N GLY A 687 -6.26 13.76 -46.70
CA GLY A 687 -5.14 14.48 -46.11
C GLY A 687 -4.46 15.38 -47.11
N GLY A 688 -3.64 16.29 -46.57
CA GLY A 688 -2.68 17.03 -47.36
C GLY A 688 -1.31 16.39 -47.32
N ASN A 689 -0.47 16.77 -48.27
CA ASN A 689 0.94 16.39 -48.24
C ASN A 689 1.78 17.32 -47.37
N ALA A 690 1.21 18.40 -46.84
CA ALA A 690 1.94 19.31 -45.99
C ALA A 690 1.02 19.81 -44.88
N MET A 691 1.61 20.19 -43.75
CA MET A 691 0.83 20.58 -42.59
C MET A 691 1.57 21.67 -41.83
N ALA A 692 0.80 22.56 -41.19
CA ALA A 692 1.31 23.42 -40.14
C ALA A 692 0.25 23.62 -39.05
N VAL A 693 0.67 23.52 -37.79
CA VAL A 693 -0.22 23.70 -36.66
C VAL A 693 0.51 24.47 -35.57
N ALA A 694 -0.21 25.34 -34.86
CA ALA A 694 0.37 26.04 -33.73
C ALA A 694 -0.70 26.24 -32.66
N SER A 695 -0.26 26.31 -31.40
CA SER A 695 -1.08 26.76 -30.29
C SER A 695 -0.32 27.74 -29.44
N LEU A 696 -1.00 28.77 -28.95
CA LEU A 696 -0.60 29.47 -27.73
C LEU A 696 -1.64 29.18 -26.65
N GLU A 697 -1.21 28.59 -25.55
CA GLU A 697 -2.10 28.23 -24.45
C GLU A 697 -1.66 28.93 -23.17
N PHE A 698 -2.60 29.62 -22.51
CA PHE A 698 -2.36 30.33 -21.26
C PHE A 698 -3.05 29.58 -20.13
N ILE A 699 -2.28 29.23 -19.10
CA ILE A 699 -2.72 28.35 -18.03
C ILE A 699 -2.79 29.17 -16.74
N THR A 700 -4.00 29.29 -16.17
CA THR A 700 -4.23 30.19 -15.04
C THR A 700 -5.40 29.70 -14.19
N PRO A 701 -5.16 29.32 -12.93
CA PRO A 701 -6.26 28.85 -12.08
C PRO A 701 -7.18 29.99 -11.66
N THR A 702 -8.40 29.62 -11.30
CA THR A 702 -9.48 30.55 -11.00
C THR A 702 -10.17 30.15 -9.70
N PRO A 703 -10.87 31.10 -9.05
CA PRO A 703 -11.26 30.92 -7.64
C PRO A 703 -12.13 29.70 -7.34
N PHE A 704 -12.45 28.86 -8.31
CA PHE A 704 -13.15 27.61 -8.02
C PHE A 704 -12.21 26.52 -7.50
N ILE A 705 -11.28 26.88 -6.60
CA ILE A 705 -10.19 26.01 -6.22
C ILE A 705 -10.03 26.00 -4.71
N SER A 706 -9.33 24.98 -4.22
CA SER A 706 -8.68 25.00 -2.91
C SER A 706 -7.22 24.64 -3.11
N ASP A 707 -6.35 25.25 -2.30
CA ASP A 707 -4.93 24.94 -2.37
C ASP A 707 -4.64 23.46 -2.17
N LYS A 708 -5.50 22.75 -1.43
CA LYS A 708 -5.30 21.31 -1.28
C LYS A 708 -5.64 20.50 -2.52
N TYR A 709 -6.34 21.08 -3.49
CA TYR A 709 -6.51 20.45 -4.79
C TYR A 709 -6.14 21.38 -5.95
N ALA A 710 -5.60 22.57 -5.67
CA ALA A 710 -5.18 23.46 -6.74
C ALA A 710 -4.03 22.87 -7.55
N ASN A 711 -3.37 21.83 -7.04
CA ASN A 711 -2.46 21.03 -7.85
C ASN A 711 -3.17 19.90 -8.58
N SER A 712 -4.38 19.54 -8.14
CA SER A 712 -5.15 18.45 -8.73
C SER A 712 -5.92 18.86 -9.97
N VAL A 713 -6.17 20.15 -10.18
CA VAL A 713 -6.92 20.62 -11.34
C VAL A 713 -6.20 21.80 -11.98
N ARG A 714 -6.17 21.80 -13.31
CA ARG A 714 -5.57 22.84 -14.13
C ARG A 714 -6.59 23.34 -15.15
N THR A 715 -6.59 24.65 -15.39
CA THR A 715 -7.47 25.27 -16.37
C THR A 715 -6.67 26.22 -17.26
N SER A 716 -7.09 26.31 -18.52
CA SER A 716 -6.39 27.13 -19.50
C SER A 716 -7.35 27.59 -20.59
N PHE A 717 -6.94 28.64 -21.29
CA PHE A 717 -7.58 29.08 -22.53
C PHE A 717 -6.49 29.25 -23.58
N PHE A 718 -6.85 29.07 -24.85
CA PHE A 718 -5.85 28.94 -25.89
C PHE A 718 -6.37 29.47 -27.23
N TRP A 719 -5.41 29.78 -28.11
CA TRP A 719 -5.65 30.09 -29.51
C TRP A 719 -4.96 29.02 -30.35
N ASP A 720 -5.75 28.21 -31.06
CA ASP A 720 -5.24 27.15 -31.93
C ASP A 720 -5.33 27.56 -33.39
N MET A 721 -4.24 27.33 -34.12
CA MET A 721 -4.15 27.62 -35.55
C MET A 721 -3.75 26.35 -36.30
N GLY A 722 -4.37 26.12 -37.44
CA GLY A 722 -4.06 24.94 -38.24
C GLY A 722 -4.23 25.19 -39.71
N THR A 723 -3.46 24.48 -40.52
CA THR A 723 -3.64 24.51 -41.97
C THR A 723 -3.07 23.23 -42.58
N VAL A 724 -3.75 22.71 -43.60
CA VAL A 724 -3.31 21.53 -44.34
C VAL A 724 -3.58 21.78 -45.81
N TRP A 725 -2.62 21.44 -46.66
CA TRP A 725 -2.73 21.79 -48.08
C TRP A 725 -2.05 20.71 -48.92
N ASP A 726 -2.25 20.83 -50.23
CA ASP A 726 -1.87 19.83 -51.23
C ASP A 726 -0.93 20.47 -52.24
N THR A 727 0.36 20.45 -51.93
CA THR A 727 1.32 21.40 -52.50
C THR A 727 1.32 21.39 -54.02
N ASN A 728 1.06 20.26 -54.66
CA ASN A 728 1.08 20.18 -56.12
C ASN A 728 -0.30 19.96 -56.75
N TRP A 729 -1.36 20.34 -56.04
CA TRP A 729 -2.68 20.39 -56.65
C TRP A 729 -2.66 21.27 -57.89
N ASP A 730 -3.09 20.72 -59.03
CA ASP A 730 -3.06 21.43 -60.31
C ASP A 730 -4.29 22.33 -60.41
N SER A 731 -4.10 23.59 -59.99
CA SER A 731 -5.16 24.59 -60.05
C SER A 731 -5.52 25.02 -61.47
N SER A 732 -4.75 24.61 -62.48
CA SER A 732 -5.07 24.98 -63.86
C SER A 732 -6.16 24.12 -64.48
N GLN A 733 -6.27 22.86 -64.08
CA GLN A 733 -7.32 22.00 -64.62
C GLN A 733 -8.63 22.14 -63.87
N TYR A 734 -8.58 22.33 -62.56
CA TYR A 734 -9.76 22.38 -61.70
C TYR A 734 -9.98 23.79 -61.16
N SER A 735 -9.77 24.80 -61.99
CA SER A 735 -9.82 26.19 -61.54
C SER A 735 -11.19 26.57 -61.00
N GLY A 736 -12.23 25.78 -61.31
CA GLY A 736 -13.56 26.01 -60.78
C GLY A 736 -13.80 25.52 -59.38
N TYR A 737 -12.79 24.89 -58.77
CA TYR A 737 -12.89 24.28 -57.45
C TYR A 737 -11.85 24.88 -56.52
N PRO A 738 -12.10 24.85 -55.21
CA PRO A 738 -11.21 25.58 -54.28
C PRO A 738 -9.78 25.10 -54.36
N ASP A 739 -8.86 26.06 -54.41
CA ASP A 739 -7.44 25.79 -54.63
C ASP A 739 -6.83 25.31 -53.32
N TYR A 740 -6.71 23.99 -53.18
CA TYR A 740 -6.02 23.38 -52.05
C TYR A 740 -4.50 23.42 -52.14
N SER A 741 -3.93 23.98 -53.21
CA SER A 741 -2.49 24.22 -53.23
C SER A 741 -2.08 25.41 -52.39
N ASP A 742 -3.04 26.19 -51.89
CA ASP A 742 -2.74 27.48 -51.28
C ASP A 742 -2.59 27.31 -49.78
N PRO A 743 -1.43 27.64 -49.19
CA PRO A 743 -1.28 27.52 -47.74
C PRO A 743 -2.04 28.57 -46.95
N SER A 744 -2.38 29.71 -47.54
CA SER A 744 -2.93 30.84 -46.81
C SER A 744 -4.35 30.59 -46.29
N ASN A 745 -4.97 29.45 -46.60
CA ASN A 745 -6.26 29.11 -46.02
C ASN A 745 -6.11 28.66 -44.57
N ILE A 746 -5.36 29.44 -43.77
CA ILE A 746 -5.23 29.16 -42.35
C ILE A 746 -6.60 29.22 -41.69
N ARG A 747 -6.90 28.21 -40.86
CA ARG A 747 -8.10 28.18 -40.05
C ARG A 747 -7.71 28.00 -38.59
N MET A 748 -8.56 28.49 -37.69
CA MET A 748 -8.15 28.59 -36.29
C MET A 748 -9.38 28.66 -35.40
N SER A 749 -9.16 28.38 -34.12
CA SER A 749 -10.21 28.41 -33.10
C SER A 749 -9.64 29.04 -31.84
N ALA A 750 -10.52 29.40 -30.92
CA ALA A 750 -10.15 29.70 -29.55
C ALA A 750 -11.17 29.08 -28.60
N GLY A 751 -10.74 28.86 -27.35
CA GLY A 751 -11.58 28.11 -26.44
C GLY A 751 -10.97 28.07 -25.05
N ILE A 752 -11.53 27.19 -24.22
CA ILE A 752 -11.00 26.91 -22.88
C ILE A 752 -10.86 25.41 -22.72
N ALA A 753 -10.03 25.01 -21.75
CA ALA A 753 -9.89 23.60 -21.41
C ALA A 753 -9.70 23.40 -19.91
N LEU A 754 -10.14 22.24 -19.42
CA LEU A 754 -9.98 21.84 -18.03
C LEU A 754 -9.36 20.45 -17.97
N GLN A 755 -8.37 20.25 -17.11
CA GLN A 755 -7.62 19.00 -17.02
C GLN A 755 -7.51 18.53 -15.58
N TRP A 756 -7.69 17.23 -15.38
CA TRP A 756 -7.73 16.62 -14.06
C TRP A 756 -6.87 15.36 -14.12
N MET A 757 -6.37 14.92 -12.94
CA MET A 757 -5.36 13.84 -12.87
C MET A 757 -5.64 12.84 -11.73
N SER A 758 -6.69 12.03 -11.89
CA SER A 758 -6.87 10.82 -11.10
C SER A 758 -5.63 9.93 -11.20
N PRO A 759 -5.33 9.14 -10.17
CA PRO A 759 -4.00 8.51 -10.07
C PRO A 759 -3.52 7.75 -11.29
N LEU A 760 -4.40 7.02 -11.98
CA LEU A 760 -3.96 6.23 -13.12
C LEU A 760 -3.89 7.01 -14.43
N GLY A 761 -4.43 8.22 -14.51
CA GLY A 761 -4.36 8.96 -15.77
C GLY A 761 -5.02 10.32 -15.81
N PRO A 762 -4.38 11.27 -16.50
CA PRO A 762 -5.04 12.55 -16.83
C PRO A 762 -6.39 12.42 -17.53
N LEU A 763 -7.21 13.46 -17.37
CA LEU A 763 -8.55 13.55 -17.96
C LEU A 763 -8.80 15.00 -18.37
N VAL A 764 -9.31 15.21 -19.59
CA VAL A 764 -9.36 16.54 -20.20
C VAL A 764 -10.74 16.87 -20.77
N PHE A 765 -11.22 18.09 -20.51
CA PHE A 765 -12.36 18.70 -21.18
C PHE A 765 -11.91 19.94 -21.95
N SER A 766 -12.53 20.20 -23.11
CA SER A 766 -12.28 21.45 -23.81
C SER A 766 -13.52 21.92 -24.56
N TYR A 767 -13.65 23.25 -24.64
CA TYR A 767 -14.63 23.98 -25.45
C TYR A 767 -13.95 25.01 -26.32
N ALA A 768 -14.26 25.01 -27.62
CA ALA A 768 -13.67 25.97 -28.54
C ALA A 768 -14.63 26.28 -29.66
N GLN A 769 -14.51 27.50 -30.21
CA GLN A 769 -15.28 27.97 -31.34
C GLN A 769 -14.39 28.12 -32.56
N PRO A 770 -14.66 27.42 -33.67
CA PRO A 770 -13.79 27.55 -34.86
C PRO A 770 -14.04 28.85 -35.63
N PHE A 771 -13.73 29.96 -34.97
CA PHE A 771 -14.24 31.26 -35.44
C PHE A 771 -13.74 31.63 -36.83
N LYS A 772 -12.65 31.04 -37.30
CA LYS A 772 -12.24 31.15 -38.69
C LYS A 772 -12.14 29.75 -39.29
N LYS A 773 -12.98 29.46 -40.27
CA LYS A 773 -12.95 28.18 -40.95
C LYS A 773 -13.56 28.35 -42.34
N TYR A 774 -13.45 27.31 -43.16
CA TYR A 774 -13.87 27.34 -44.55
C TYR A 774 -14.90 26.23 -44.81
N ASP A 775 -15.28 26.12 -46.08
CA ASP A 775 -16.37 25.24 -46.49
C ASP A 775 -16.12 23.79 -46.08
N GLY A 776 -17.13 23.21 -45.41
CA GLY A 776 -17.13 21.80 -45.09
C GLY A 776 -16.35 21.38 -43.87
N ASP A 777 -15.60 22.27 -43.23
CA ASP A 777 -14.90 21.90 -42.01
C ASP A 777 -15.90 21.56 -40.91
N LYS A 778 -15.94 20.29 -40.50
CA LYS A 778 -16.91 19.83 -39.52
C LYS A 778 -16.52 20.33 -38.14
N ALA A 779 -17.24 21.34 -37.64
CA ALA A 779 -16.97 21.85 -36.30
C ALA A 779 -17.41 20.85 -35.23
N GLU A 780 -16.74 20.91 -34.07
CA GLU A 780 -17.21 20.19 -32.88
C GLU A 780 -16.81 20.99 -31.64
N GLN A 781 -17.75 21.79 -31.11
CA GLN A 781 -17.42 22.71 -30.01
C GLN A 781 -16.86 21.95 -28.80
N PHE A 782 -17.56 20.91 -28.34
CA PHE A 782 -17.22 20.20 -27.10
C PHE A 782 -16.50 18.89 -27.37
N GLN A 783 -15.34 18.73 -26.75
CA GLN A 783 -14.39 17.65 -27.00
C GLN A 783 -13.82 17.15 -25.68
N PHE A 784 -13.65 15.84 -25.58
CA PHE A 784 -13.18 15.18 -24.38
C PHE A 784 -12.25 14.03 -24.75
N ASN A 785 -11.10 13.95 -24.08
CA ASN A 785 -10.20 12.80 -24.23
C ASN A 785 -9.43 12.58 -22.94
N ILE A 786 -8.92 11.35 -22.77
CA ILE A 786 -8.09 10.96 -21.65
C ILE A 786 -6.62 10.99 -22.04
N GLY A 787 -5.77 11.37 -21.08
CA GLY A 787 -4.35 11.12 -21.13
C GLY A 787 -3.50 12.21 -21.77
N LYS A 788 -4.09 13.09 -22.57
CA LYS A 788 -3.31 14.10 -23.30
C LYS A 788 -4.13 15.36 -23.54
N LEU B 3 -23.52 3.29 2.22
CA LEU B 3 -22.16 2.69 2.26
C LEU B 3 -22.22 1.18 2.43
N PHE B 4 -21.09 0.52 2.14
CA PHE B 4 -20.95 -0.91 2.38
C PHE B 4 -21.23 -1.29 3.83
N ASN B 5 -21.03 -0.37 4.78
CA ASN B 5 -21.28 -0.68 6.18
C ASN B 5 -22.75 -0.87 6.50
N SER B 6 -23.66 -0.49 5.61
CA SER B 6 -25.09 -0.73 5.80
C SER B 6 -25.69 -0.10 7.06
N GLU B 7 -24.91 0.63 7.84
CA GLU B 7 -25.42 1.27 9.06
C GLU B 7 -26.08 0.26 10.00
N GLU B 8 -25.46 -0.91 10.16
CA GLU B 8 -26.09 -2.00 10.89
C GLU B 8 -26.39 -1.60 12.33
N ASP B 9 -27.46 -2.17 12.87
CA ASP B 9 -27.94 -1.88 14.22
C ASP B 9 -27.54 -3.00 15.18
N VAL B 10 -26.87 -2.64 16.27
CA VAL B 10 -26.49 -3.61 17.28
C VAL B 10 -27.03 -3.27 18.67
N VAL B 11 -27.48 -2.04 18.92
CA VAL B 11 -27.98 -1.68 20.25
C VAL B 11 -29.36 -2.28 20.51
N LYS B 12 -30.16 -2.50 19.48
CA LYS B 12 -31.48 -3.13 19.61
C LYS B 12 -32.30 -2.46 20.72
N MET B 13 -32.42 -1.14 20.63
CA MET B 13 -33.02 -0.35 21.70
C MET B 13 -34.42 -0.84 22.04
N SER B 14 -34.74 -0.79 23.34
CA SER B 14 -36.01 -1.33 23.84
C SER B 14 -37.19 -0.62 23.21
N PRO B 15 -38.17 -1.34 22.66
CA PRO B 15 -39.40 -0.68 22.19
C PRO B 15 -40.05 0.20 23.26
N LEU B 16 -40.65 1.29 22.79
CA LEU B 16 -41.22 2.36 23.62
C LEU B 16 -42.25 1.86 24.63
N PRO B 17 -41.97 1.91 25.93
CA PRO B 17 -43.02 1.70 26.93
C PRO B 17 -43.98 2.87 26.94
N THR B 18 -45.26 2.59 27.17
CA THR B 18 -46.27 3.64 27.09
C THR B 18 -47.39 3.40 28.08
N VAL B 19 -48.13 4.47 28.37
CA VAL B 19 -49.18 4.46 29.38
C VAL B 19 -50.16 5.58 29.02
N GLU B 20 -51.37 5.49 29.57
CA GLU B 20 -52.29 6.63 29.47
C GLU B 20 -51.69 7.87 30.12
N ASN B 21 -51.85 9.01 29.44
CA ASN B 21 -51.43 10.31 29.94
C ASN B 21 -52.28 10.75 31.13
N GLN B 22 -51.98 10.18 32.30
CA GLN B 22 -52.65 10.63 33.52
C GLN B 22 -52.39 12.11 33.78
N PHE B 23 -51.14 12.53 33.67
CA PHE B 23 -50.75 13.89 34.01
C PHE B 23 -50.99 14.89 32.88
N THR B 24 -51.29 14.42 31.68
CA THR B 24 -51.58 15.29 30.53
C THR B 24 -50.55 16.42 30.40
N PRO B 25 -49.27 16.10 30.25
CA PRO B 25 -48.26 17.14 30.10
C PRO B 25 -48.55 18.05 28.92
N THR B 26 -48.29 19.35 29.09
CA THR B 26 -48.56 20.33 28.05
C THR B 26 -47.50 21.42 28.11
N THR B 27 -47.31 22.08 26.96
CA THR B 27 -46.33 23.15 26.83
C THR B 27 -46.96 24.48 27.28
N ALA B 28 -46.50 24.99 28.43
CA ALA B 28 -46.91 26.34 28.84
C ALA B 28 -46.54 27.36 27.77
N TRP B 29 -45.30 27.33 27.32
CA TRP B 29 -44.84 28.14 26.19
C TRP B 29 -43.61 27.48 25.62
N SER B 30 -43.30 27.82 24.37
CA SER B 30 -42.08 27.37 23.73
C SER B 30 -41.50 28.46 22.86
N THR B 31 -40.17 28.53 22.83
CA THR B 31 -39.44 29.58 22.14
C THR B 31 -38.20 28.96 21.55
N SER B 32 -37.71 29.57 20.47
CA SER B 32 -36.44 29.18 19.87
C SER B 32 -35.36 30.18 20.27
N VAL B 33 -34.24 29.67 20.77
CA VAL B 33 -33.13 30.51 21.19
C VAL B 33 -31.99 30.48 20.17
N GLY B 34 -32.21 29.88 19.01
CA GLY B 34 -31.24 29.91 17.94
C GLY B 34 -31.34 28.63 17.13
N SER B 35 -30.21 28.25 16.55
CA SER B 35 -29.93 26.87 16.19
C SER B 35 -29.75 26.02 17.45
N GLY B 36 -29.65 24.71 17.26
CA GLY B 36 -29.43 23.79 18.36
C GLY B 36 -27.97 23.44 18.54
N ILE B 37 -27.69 22.78 19.67
CA ILE B 37 -26.43 22.05 19.81
C ILE B 37 -26.30 20.97 18.76
N GLY B 38 -27.43 20.49 18.22
CA GLY B 38 -27.40 19.55 17.12
C GLY B 38 -26.69 18.27 17.46
N ASN B 39 -25.79 17.84 16.56
CA ASN B 39 -25.12 16.55 16.69
C ASN B 39 -23.94 16.57 17.65
N PHE B 40 -23.48 17.74 18.09
CA PHE B 40 -22.35 17.84 19.00
C PHE B 40 -22.80 17.69 20.44
N TYR B 41 -22.43 16.57 21.05
CA TYR B 41 -22.57 16.35 22.48
C TYR B 41 -21.94 17.49 23.28
N SER B 42 -22.74 18.12 24.13
CA SER B 42 -22.32 19.30 24.88
C SER B 42 -23.33 19.54 25.99
N ASN B 43 -22.92 20.37 26.96
CA ASN B 43 -23.63 20.51 28.22
C ASN B 43 -24.55 21.73 28.27
N LEU B 44 -24.77 22.42 27.16
CA LEU B 44 -25.61 23.61 27.19
C LEU B 44 -27.00 23.29 27.69
N HIS B 45 -27.44 24.00 28.72
CA HIS B 45 -28.79 23.88 29.24
C HIS B 45 -29.27 25.24 29.71
N PRO B 46 -30.57 25.46 29.79
CA PRO B 46 -31.09 26.74 30.26
C PRO B 46 -30.93 26.91 31.76
N ALA B 47 -31.05 28.17 32.20
CA ALA B 47 -30.97 28.52 33.61
C ALA B 47 -32.06 29.53 33.92
N LEU B 48 -32.30 29.75 35.21
CA LEU B 48 -33.37 30.63 35.67
C LEU B 48 -32.87 31.46 36.84
N ALA B 49 -33.25 32.73 36.87
CA ALA B 49 -33.21 33.51 38.09
C ALA B 49 -34.36 34.51 38.13
N ASP B 50 -35.01 34.59 39.28
CA ASP B 50 -36.08 35.55 39.56
C ASP B 50 -37.03 35.73 38.37
N ASN B 51 -37.52 34.61 37.85
CA ASN B 51 -38.45 34.58 36.72
C ASN B 51 -37.87 35.19 35.45
N VAL B 52 -36.55 35.34 35.36
CA VAL B 52 -35.88 35.56 34.07
C VAL B 52 -35.12 34.29 33.72
N VAL B 53 -35.44 33.72 32.58
CA VAL B 53 -34.71 32.58 32.02
C VAL B 53 -33.55 33.09 31.19
N TYR B 54 -32.48 32.30 31.14
CA TYR B 54 -31.35 32.53 30.26
C TYR B 54 -31.04 31.25 29.50
N ALA B 55 -30.60 31.41 28.26
CA ALA B 55 -30.43 30.27 27.37
C ALA B 55 -29.34 30.62 26.36
N ALA B 56 -28.82 29.58 25.71
CA ALA B 56 -27.58 29.72 24.97
C ALA B 56 -27.57 28.82 23.75
N ASP B 57 -26.77 29.20 22.77
CA ASP B 57 -26.58 28.45 21.54
C ASP B 57 -25.12 28.19 21.24
N ARG B 58 -24.84 26.96 20.81
CA ARG B 58 -23.47 26.58 20.50
C ARG B 58 -22.87 27.49 19.44
N ALA B 59 -23.69 28.10 18.59
CA ALA B 59 -23.17 29.07 17.64
C ALA B 59 -22.62 30.31 18.33
N GLY B 60 -23.19 30.67 19.48
CA GLY B 60 -22.73 31.83 20.22
C GLY B 60 -23.86 32.63 20.83
N LEU B 61 -25.04 32.54 20.21
CA LEU B 61 -26.17 33.34 20.64
C LEU B 61 -26.56 33.02 22.08
N VAL B 62 -26.72 34.07 22.88
CA VAL B 62 -27.23 33.99 24.24
C VAL B 62 -28.47 34.87 24.33
N LYS B 63 -29.53 34.33 24.91
CA LYS B 63 -30.80 35.04 25.02
C LYS B 63 -31.35 34.91 26.43
N ALA B 64 -32.00 35.98 26.88
CA ALA B 64 -32.74 35.98 28.15
C ALA B 64 -34.23 36.04 27.87
N LEU B 65 -34.99 35.21 28.58
CA LEU B 65 -36.42 35.05 28.37
C LEU B 65 -37.15 35.25 29.69
N ASN B 66 -38.35 35.82 29.62
CA ASN B 66 -39.23 35.86 30.77
C ASN B 66 -39.76 34.45 31.06
N ALA B 67 -39.66 34.03 32.32
CA ALA B 67 -40.02 32.66 32.68
C ALA B 67 -41.50 32.38 32.50
N ASP B 68 -42.36 33.39 32.53
CA ASP B 68 -43.79 33.18 32.33
C ASP B 68 -44.26 33.45 30.92
N ASP B 69 -43.74 34.51 30.28
CA ASP B 69 -44.12 34.83 28.91
C ASP B 69 -43.30 34.07 27.89
N GLY B 70 -42.03 33.81 28.17
CA GLY B 70 -41.13 33.27 27.18
C GLY B 70 -40.67 34.27 26.15
N LYS B 71 -40.96 35.56 26.35
CA LYS B 71 -40.56 36.59 25.41
C LYS B 71 -39.13 37.06 25.72
N GLU B 72 -38.42 37.46 24.67
CA GLU B 72 -37.06 37.94 24.84
C GLU B 72 -37.03 39.21 25.66
N ILE B 73 -36.03 39.34 26.51
CA ILE B 73 -35.62 40.63 27.06
C ILE B 73 -34.43 41.21 26.29
N TRP B 74 -33.39 40.40 26.09
CA TRP B 74 -32.22 40.85 25.36
C TRP B 74 -31.55 39.66 24.66
N SER B 75 -30.72 39.99 23.67
CA SER B 75 -30.01 39.01 22.86
C SER B 75 -28.64 39.56 22.51
N VAL B 76 -27.60 38.73 22.64
CA VAL B 76 -26.26 39.10 22.24
C VAL B 76 -25.63 37.96 21.47
N SER B 77 -24.88 38.29 20.41
CA SER B 77 -24.31 37.27 19.54
C SER B 77 -23.02 36.68 20.10
N LEU B 78 -22.29 37.46 20.90
CA LEU B 78 -21.15 36.94 21.66
C LEU B 78 -20.15 36.20 20.77
N ALA B 79 -19.98 36.67 19.53
CA ALA B 79 -19.09 35.99 18.60
C ALA B 79 -18.42 37.02 17.70
N GLU B 80 -17.31 36.61 17.10
CA GLU B 80 -16.58 37.47 16.18
C GLU B 80 -17.35 37.66 14.88
N LYS B 81 -17.12 38.79 14.23
CA LYS B 81 -17.71 39.08 12.92
C LYS B 81 -17.48 37.93 11.95
N PRO B 89 -17.71 30.37 14.46
CA PRO B 89 -18.57 30.32 15.65
C PRO B 89 -17.77 30.30 16.95
N ALA B 90 -18.42 30.66 18.05
CA ALA B 90 -17.79 30.63 19.37
C ALA B 90 -17.71 29.23 19.95
N LEU B 91 -18.35 28.25 19.32
CA LEU B 91 -18.46 26.89 19.87
C LEU B 91 -18.85 26.94 21.35
N LEU B 92 -19.93 27.65 21.63
CA LEU B 92 -20.36 27.86 23.00
C LEU B 92 -20.74 26.54 23.64
N SER B 93 -20.36 26.38 24.91
CA SER B 93 -20.45 25.08 25.60
C SER B 93 -20.41 25.36 27.09
N GLY B 94 -20.27 24.29 27.88
CA GLY B 94 -20.22 24.44 29.33
C GLY B 94 -21.56 24.66 29.97
N GLY B 95 -22.34 25.59 29.46
CA GLY B 95 -23.72 25.75 29.90
C GLY B 95 -23.87 26.88 30.92
N VAL B 96 -25.07 27.44 30.97
CA VAL B 96 -25.31 28.69 31.67
C VAL B 96 -25.35 28.44 33.18
N THR B 97 -24.77 29.36 33.93
CA THR B 97 -24.96 29.43 35.37
C THR B 97 -25.23 30.89 35.73
N VAL B 98 -25.91 31.10 36.85
CA VAL B 98 -26.24 32.45 37.30
C VAL B 98 -25.87 32.58 38.77
N SER B 99 -25.23 33.71 39.11
CA SER B 99 -25.16 34.19 40.48
C SER B 99 -25.35 35.70 40.45
N GLY B 100 -26.19 36.19 41.36
CA GLY B 100 -26.43 37.62 41.40
C GLY B 100 -26.87 38.15 40.06
N GLY B 101 -26.17 39.19 39.60
CA GLY B 101 -26.40 39.80 38.30
C GLY B 101 -25.50 39.31 37.18
N HIS B 102 -24.79 38.21 37.36
CA HIS B 102 -23.84 37.70 36.37
C HIS B 102 -24.32 36.38 35.78
N VAL B 103 -24.22 36.27 34.46
CA VAL B 103 -24.49 35.04 33.73
C VAL B 103 -23.16 34.51 33.20
N TYR B 104 -22.77 33.33 33.65
CA TYR B 104 -21.47 32.75 33.33
C TYR B 104 -21.64 31.62 32.33
N ILE B 105 -20.76 31.60 31.33
CA ILE B 105 -20.87 30.68 30.20
C ILE B 105 -19.47 30.25 29.80
N GLY B 106 -19.33 28.98 29.43
CA GLY B 106 -18.07 28.45 28.94
C GLY B 106 -18.02 28.42 27.42
N SER B 107 -16.90 27.93 26.91
CA SER B 107 -16.74 27.73 25.48
C SER B 107 -15.78 26.59 25.23
N GLU B 108 -15.97 25.90 24.11
CA GLU B 108 -14.99 24.92 23.64
C GLU B 108 -13.74 25.55 23.06
N LYS B 109 -13.63 26.88 23.02
CA LYS B 109 -12.38 27.56 22.67
C LYS B 109 -11.78 28.27 23.89
N ALA B 110 -11.97 27.71 25.08
CA ALA B 110 -11.31 28.10 26.31
C ALA B 110 -11.65 29.49 26.81
N GLN B 111 -12.62 30.17 26.22
CA GLN B 111 -13.10 31.41 26.80
C GLN B 111 -14.08 31.12 27.94
N VAL B 112 -14.14 32.04 28.90
CA VAL B 112 -15.24 32.13 29.86
C VAL B 112 -15.81 33.54 29.80
N TYR B 113 -17.12 33.65 29.72
CA TYR B 113 -17.81 34.93 29.64
C TYR B 113 -18.66 35.13 30.89
N ALA B 114 -18.72 36.36 31.37
CA ALA B 114 -19.71 36.78 32.36
C ALA B 114 -20.55 37.91 31.77
N LEU B 115 -21.86 37.68 31.69
CA LEU B 115 -22.78 38.64 31.09
C LEU B 115 -23.71 39.20 32.17
N ASN B 116 -24.04 40.48 32.04
CA ASN B 116 -24.99 41.10 32.95
C ASN B 116 -26.40 40.57 32.72
N THR B 117 -27.08 40.25 33.82
CA THR B 117 -28.46 39.77 33.73
C THR B 117 -29.39 40.83 33.16
N SER B 118 -29.14 42.10 33.47
CA SER B 118 -30.05 43.17 33.03
C SER B 118 -30.08 43.28 31.52
N ASP B 119 -28.91 43.35 30.88
CA ASP B 119 -28.82 43.63 29.45
C ASP B 119 -27.97 42.65 28.66
N GLY B 120 -27.21 41.78 29.34
CA GLY B 120 -26.30 40.86 28.67
C GLY B 120 -24.99 41.43 28.20
N THR B 121 -24.67 42.68 28.51
CA THR B 121 -23.37 43.22 28.17
C THR B 121 -22.28 42.42 28.87
N VAL B 122 -21.18 42.16 28.16
CA VAL B 122 -20.09 41.38 28.72
C VAL B 122 -19.42 42.21 29.82
N ALA B 123 -19.50 41.72 31.06
CA ALA B 123 -18.88 42.41 32.18
C ALA B 123 -17.39 42.08 32.27
N TRP B 124 -17.01 40.82 32.09
CA TRP B 124 -15.61 40.47 31.91
C TRP B 124 -15.52 39.18 31.10
N GLN B 125 -14.36 38.98 30.49
CA GLN B 125 -14.08 37.78 29.72
C GLN B 125 -12.60 37.43 29.91
N THR B 126 -12.32 36.15 30.17
CA THR B 126 -10.94 35.70 30.34
C THR B 126 -10.78 34.34 29.68
N LYS B 127 -9.54 33.90 29.57
CA LYS B 127 -9.20 32.60 29.01
C LYS B 127 -8.82 31.64 30.14
N VAL B 128 -9.35 30.42 30.06
CA VAL B 128 -8.93 29.34 30.93
C VAL B 128 -8.07 28.35 30.12
N ALA B 129 -7.43 27.44 30.84
CA ALA B 129 -6.55 26.46 30.20
C ALA B 129 -7.34 25.41 29.43
N GLY B 130 -7.52 25.64 28.13
CA GLY B 130 -8.25 24.73 27.27
C GLY B 130 -9.75 24.80 27.44
N GLU B 131 -10.43 24.11 26.50
CA GLU B 131 -11.91 24.13 26.44
C GLU B 131 -12.48 23.98 27.84
N ALA B 132 -13.50 24.75 28.15
CA ALA B 132 -14.20 24.74 29.44
C ALA B 132 -15.50 23.96 29.33
N LEU B 133 -15.37 22.66 29.08
CA LEU B 133 -16.55 21.82 28.86
C LEU B 133 -17.49 21.78 30.06
N SER B 134 -17.04 22.16 31.25
CA SER B 134 -17.89 22.06 32.43
C SER B 134 -18.77 23.28 32.60
N ARG B 135 -19.89 23.09 33.30
CA ARG B 135 -20.69 24.22 33.73
C ARG B 135 -19.95 24.98 34.83
N PRO B 136 -19.82 26.30 34.73
CA PRO B 136 -19.28 27.09 35.85
C PRO B 136 -20.08 26.91 37.13
N VAL B 137 -19.38 26.69 38.23
CA VAL B 137 -19.97 26.52 39.55
C VAL B 137 -19.51 27.70 40.42
N VAL B 138 -20.48 28.45 40.96
CA VAL B 138 -20.23 29.74 41.59
C VAL B 138 -20.43 29.61 43.09
N SER B 139 -19.53 30.19 43.87
CA SER B 139 -19.67 30.18 45.32
C SER B 139 -18.78 31.26 45.94
N ASP B 140 -19.37 32.05 46.82
CA ASP B 140 -18.68 33.02 47.68
C ASP B 140 -17.49 33.69 46.99
N GLY B 141 -17.77 34.34 45.88
CA GLY B 141 -16.76 35.14 45.19
C GLY B 141 -15.87 34.39 44.22
N LEU B 142 -16.07 33.10 44.03
CA LEU B 142 -15.28 32.33 43.07
C LEU B 142 -16.22 31.69 42.04
N VAL B 143 -15.78 31.70 40.79
CA VAL B 143 -16.37 30.90 39.72
C VAL B 143 -15.41 29.77 39.39
N LEU B 144 -15.80 28.55 39.72
CA LEU B 144 -14.94 27.38 39.61
C LEU B 144 -15.30 26.62 38.34
N ILE B 145 -14.31 26.36 37.50
CA ILE B 145 -14.53 25.79 36.17
C ILE B 145 -13.56 24.64 35.96
N HIS B 146 -14.08 23.50 35.49
CA HIS B 146 -13.29 22.34 35.15
C HIS B 146 -13.07 22.30 33.64
N THR B 147 -11.83 22.17 33.21
CA THR B 147 -11.51 22.15 31.79
C THR B 147 -11.24 20.72 31.31
N SER B 148 -11.15 20.58 29.98
CA SER B 148 -10.81 19.31 29.36
C SER B 148 -9.37 18.87 29.63
N ASN B 149 -8.49 19.78 30.04
CA ASN B 149 -7.15 19.41 30.47
C ASN B 149 -7.09 18.90 31.90
N GLY B 150 -8.24 18.67 32.52
CA GLY B 150 -8.28 18.27 33.91
C GLY B 150 -7.93 19.36 34.88
N GLN B 151 -7.69 20.58 34.40
CA GLN B 151 -7.42 21.70 35.28
C GLN B 151 -8.70 22.15 35.97
N LEU B 152 -8.61 22.45 37.26
CA LEU B 152 -9.61 23.24 37.94
C LEU B 152 -9.07 24.66 38.08
N GLN B 153 -9.83 25.63 37.59
CA GLN B 153 -9.44 27.03 37.67
C GLN B 153 -10.56 27.81 38.35
N ALA B 154 -10.23 28.53 39.41
CA ALA B 154 -11.17 29.37 40.13
C ALA B 154 -10.98 30.82 39.71
N LEU B 155 -12.03 31.41 39.15
CA LEU B 155 -11.97 32.78 38.64
C LEU B 155 -12.63 33.73 39.62
N ASN B 156 -12.02 34.90 39.81
CA ASN B 156 -12.60 35.93 40.65
C ASN B 156 -13.95 36.35 40.11
N GLU B 157 -14.97 36.28 40.96
CA GLU B 157 -16.34 36.54 40.51
C GLU B 157 -16.49 37.95 39.95
N ALA B 158 -15.82 38.93 40.57
CA ALA B 158 -15.92 40.31 40.12
C ALA B 158 -14.96 40.63 38.97
N ASP B 159 -14.03 39.75 38.65
CA ASP B 159 -12.84 40.15 37.89
C ASP B 159 -12.37 39.14 36.86
N GLY B 160 -12.72 37.86 36.98
CA GLY B 160 -12.36 36.86 35.99
C GLY B 160 -10.91 36.41 36.02
N ALA B 161 -10.04 37.07 36.77
CA ALA B 161 -8.67 36.59 36.91
C ALA B 161 -8.62 35.34 37.79
N VAL B 162 -7.73 34.43 37.45
CA VAL B 162 -7.59 33.18 38.19
C VAL B 162 -7.02 33.48 39.57
N LYS B 163 -7.65 32.93 40.61
CA LYS B 163 -7.01 32.90 41.93
C LYS B 163 -6.02 31.76 42.06
N TRP B 164 -6.41 30.55 41.67
CA TRP B 164 -5.59 29.38 41.87
C TRP B 164 -5.97 28.34 40.82
N THR B 165 -5.11 27.33 40.67
CA THR B 165 -5.37 26.23 39.75
C THR B 165 -4.85 24.93 40.32
N VAL B 166 -5.55 23.85 40.02
CA VAL B 166 -5.17 22.50 40.42
C VAL B 166 -5.18 21.62 39.17
N ASN B 167 -4.23 20.71 39.08
CA ASN B 167 -4.15 19.77 37.97
C ASN B 167 -4.65 18.41 38.40
N LEU B 168 -5.54 17.83 37.59
CA LEU B 168 -5.98 16.44 37.72
C LEU B 168 -5.49 15.64 36.53
N ASP B 169 -5.03 14.42 36.80
CA ASP B 169 -4.42 13.59 35.77
C ASP B 169 -5.44 13.18 34.71
N MET B 170 -4.93 12.79 33.54
CA MET B 170 -5.74 12.60 32.35
C MET B 170 -5.41 11.25 31.72
N PRO B 171 -6.40 10.42 31.40
CA PRO B 171 -6.11 9.17 30.72
C PRO B 171 -5.79 9.38 29.25
N SER B 172 -5.14 8.37 28.66
CA SER B 172 -4.76 8.46 27.25
C SER B 172 -5.97 8.63 26.34
N LEU B 173 -7.12 8.07 26.73
CA LEU B 173 -8.38 8.38 26.08
C LEU B 173 -9.42 8.66 27.15
N SER B 174 -9.94 9.88 27.18
CA SER B 174 -11.01 10.25 28.11
C SER B 174 -12.36 9.78 27.57
N LEU B 175 -13.34 9.69 28.47
CA LEU B 175 -14.73 9.72 28.04
C LEU B 175 -15.21 11.15 27.79
N ARG B 176 -15.42 11.92 28.86
CA ARG B 176 -15.94 13.28 28.71
C ARG B 176 -15.62 14.05 29.98
N GLY B 177 -14.75 15.05 29.88
CA GLY B 177 -14.32 15.84 31.02
C GLY B 177 -15.32 16.84 31.56
N GLU B 178 -16.61 16.48 31.61
CA GLU B 178 -17.61 17.43 32.09
C GLU B 178 -17.52 17.60 33.61
N SER B 179 -17.56 16.50 34.36
CA SER B 179 -17.04 16.41 35.72
C SER B 179 -17.18 17.70 36.52
N ALA B 180 -18.36 18.33 36.49
CA ALA B 180 -18.52 19.62 37.14
C ALA B 180 -18.30 19.48 38.65
N PRO B 181 -17.62 20.43 39.31
CA PRO B 181 -17.43 20.37 40.76
C PRO B 181 -18.67 20.70 41.58
N THR B 182 -18.55 20.56 42.90
CA THR B 182 -19.55 21.03 43.85
C THR B 182 -18.83 21.59 45.07
N THR B 183 -19.53 22.43 45.82
CA THR B 183 -18.94 23.18 46.93
C THR B 183 -19.66 22.84 48.23
N ALA B 184 -18.88 22.64 49.30
CA ALA B 184 -19.46 22.30 50.59
C ALA B 184 -18.55 22.77 51.72
N PHE B 185 -19.13 23.53 52.65
CA PHE B 185 -18.41 24.01 53.83
C PHE B 185 -17.07 24.64 53.44
N GLY B 186 -17.05 25.35 52.32
CA GLY B 186 -15.84 25.98 51.85
C GLY B 186 -14.84 25.06 51.21
N ALA B 187 -15.21 23.81 50.95
CA ALA B 187 -14.41 22.90 50.14
C ALA B 187 -15.12 22.61 48.84
N ALA B 188 -14.36 22.51 47.75
CA ALA B 188 -14.89 22.09 46.46
C ALA B 188 -14.58 20.62 46.22
N VAL B 189 -15.62 19.84 45.92
CA VAL B 189 -15.49 18.42 45.60
C VAL B 189 -15.73 18.26 44.11
N VAL B 190 -14.89 17.46 43.44
CA VAL B 190 -14.88 17.43 41.98
C VAL B 190 -14.56 16.02 41.51
N GLY B 191 -15.09 15.69 40.34
CA GLY B 191 -14.76 14.46 39.65
C GLY B 191 -13.44 14.54 38.91
N GLY B 192 -13.34 13.77 37.82
CA GLY B 192 -12.15 13.77 37.00
C GLY B 192 -12.03 12.54 36.12
N ASP B 193 -11.43 12.72 34.94
CA ASP B 193 -11.35 11.67 33.94
C ASP B 193 -10.53 10.47 34.42
N ASN B 194 -9.67 10.64 35.42
CA ASN B 194 -8.90 9.52 35.95
C ASN B 194 -9.71 8.65 36.90
N GLY B 195 -10.94 9.03 37.21
CA GLY B 195 -11.78 8.24 38.09
C GLY B 195 -11.50 8.40 39.56
N ARG B 196 -10.94 9.53 39.99
CA ARG B 196 -10.70 9.82 41.39
C ARG B 196 -11.46 11.08 41.77
N VAL B 197 -12.37 10.96 42.73
CA VAL B 197 -12.99 12.13 43.34
C VAL B 197 -11.98 12.84 44.23
N SER B 198 -12.02 14.17 44.21
CA SER B 198 -11.01 14.97 44.90
C SER B 198 -11.71 16.12 45.60
N ALA B 199 -11.02 16.70 46.58
CA ALA B 199 -11.51 17.85 47.31
C ALA B 199 -10.40 18.86 47.50
N VAL B 200 -10.72 20.14 47.34
CA VAL B 200 -9.73 21.21 47.40
C VAL B 200 -10.29 22.35 48.23
N LEU B 201 -9.40 23.03 48.95
CA LEU B 201 -9.79 24.11 49.86
C LEU B 201 -9.93 25.39 49.04
N MET B 202 -11.15 25.94 49.01
CA MET B 202 -11.50 26.92 47.97
C MET B 202 -10.79 28.26 48.14
N GLU B 203 -10.38 28.66 49.34
CA GLU B 203 -9.73 29.97 49.44
C GLU B 203 -8.38 29.98 48.71
N GLN B 204 -7.73 28.82 48.60
CA GLN B 204 -6.32 28.81 48.21
C GLN B 204 -5.91 27.57 47.42
N GLY B 205 -6.82 26.66 47.10
CA GLY B 205 -6.52 25.51 46.26
C GLY B 205 -5.73 24.36 46.86
N GLN B 206 -5.57 24.29 48.19
CA GLN B 206 -4.83 23.17 48.77
C GLN B 206 -5.58 21.86 48.58
N MET B 207 -4.85 20.83 48.16
CA MET B 207 -5.40 19.48 48.11
C MET B 207 -5.73 19.00 49.52
N ILE B 208 -6.96 18.50 49.70
CA ILE B 208 -7.39 17.97 50.98
C ILE B 208 -7.33 16.45 50.95
N TRP B 209 -8.08 15.84 50.03
CA TRP B 209 -8.07 14.39 49.90
C TRP B 209 -8.57 14.00 48.51
N GLN B 210 -8.28 12.76 48.12
CA GLN B 210 -8.78 12.20 46.88
C GLN B 210 -8.87 10.68 47.01
N GLN B 211 -9.75 10.07 46.22
CA GLN B 211 -10.04 8.64 46.37
C GLN B 211 -10.39 8.02 45.02
N ARG B 212 -9.68 6.95 44.67
CA ARG B 212 -10.04 6.15 43.50
C ARG B 212 -11.32 5.37 43.75
N ILE B 213 -12.20 5.34 42.74
CA ILE B 213 -13.48 4.65 42.87
C ILE B 213 -13.80 3.75 41.68
N SER B 214 -12.80 3.17 41.03
CA SER B 214 -13.10 2.13 40.04
C SER B 214 -11.94 1.16 39.89
N GLN B 215 -12.26 -0.02 39.36
CA GLN B 215 -11.30 -1.02 38.96
C GLN B 215 -10.60 -0.62 37.65
N ALA B 216 -9.61 -1.44 37.26
CA ALA B 216 -8.86 -1.24 36.04
C ALA B 216 -8.35 -2.59 35.54
N THR B 217 -7.67 -2.56 34.39
CA THR B 217 -6.97 -3.69 33.78
C THR B 217 -7.89 -4.78 33.26
N GLY B 218 -9.20 -4.57 33.23
CA GLY B 218 -10.06 -5.47 32.46
C GLY B 218 -9.92 -5.31 30.97
N SER B 219 -9.31 -4.22 30.51
CA SER B 219 -9.04 -3.97 29.10
C SER B 219 -7.89 -2.98 29.03
N THR B 220 -7.25 -2.92 27.86
CA THR B 220 -6.32 -1.83 27.63
C THR B 220 -7.03 -0.48 27.51
N GLU B 221 -8.33 -0.47 27.22
CA GLU B 221 -9.02 0.80 27.04
C GLU B 221 -10.42 0.83 27.66
N ILE B 222 -11.35 0.08 27.06
CA ILE B 222 -12.77 0.31 27.31
C ILE B 222 -13.13 0.03 28.78
N ASP B 223 -12.73 -1.14 29.29
CA ASP B 223 -12.98 -1.48 30.69
C ASP B 223 -12.23 -0.60 31.68
N ARG B 224 -11.23 0.16 31.24
CA ARG B 224 -10.57 1.14 32.10
C ARG B 224 -10.94 2.58 31.78
N LEU B 225 -11.87 2.79 30.85
CA LEU B 225 -12.66 4.02 30.84
C LEU B 225 -13.51 4.15 32.11
N SER B 226 -13.21 5.17 32.91
CA SER B 226 -13.59 5.24 34.31
C SER B 226 -14.04 6.65 34.69
N ASP B 227 -14.35 7.48 33.70
CA ASP B 227 -14.55 8.91 33.90
C ASP B 227 -15.65 9.16 34.94
N VAL B 228 -15.32 9.98 35.93
CA VAL B 228 -16.32 10.56 36.85
C VAL B 228 -16.77 11.89 36.26
N ASP B 229 -17.63 11.82 35.25
CA ASP B 229 -18.14 13.04 34.63
C ASP B 229 -19.43 13.53 35.28
N THR B 230 -19.99 12.79 36.21
CA THR B 230 -21.11 13.28 37.01
C THR B 230 -20.64 14.37 37.98
N THR B 231 -21.56 15.27 38.32
CA THR B 231 -21.39 16.07 39.52
C THR B 231 -21.51 15.18 40.75
N PRO B 232 -20.58 15.24 41.69
CA PRO B 232 -20.87 14.75 43.04
C PRO B 232 -21.91 15.61 43.74
N VAL B 233 -22.47 15.05 44.82
CA VAL B 233 -23.47 15.74 45.63
C VAL B 233 -23.15 15.51 47.09
N VAL B 234 -23.35 16.55 47.91
CA VAL B 234 -23.09 16.50 49.34
C VAL B 234 -24.39 16.75 50.09
N VAL B 235 -24.70 15.88 51.04
CA VAL B 235 -25.85 16.09 51.91
C VAL B 235 -25.51 15.54 53.29
N ASN B 236 -25.92 16.26 54.33
CA ASN B 236 -25.64 15.93 55.73
C ASN B 236 -24.16 15.59 55.99
N GLY B 237 -23.26 15.99 55.09
CA GLY B 237 -21.86 15.66 55.24
C GLY B 237 -21.36 14.41 54.53
N VAL B 238 -22.19 13.71 53.78
CA VAL B 238 -21.76 12.55 53.00
C VAL B 238 -21.65 12.98 51.53
N VAL B 239 -20.52 12.66 50.91
CA VAL B 239 -20.32 12.82 49.48
C VAL B 239 -20.73 11.54 48.77
N PHE B 240 -21.53 11.70 47.71
CA PHE B 240 -21.87 10.61 46.81
C PHE B 240 -21.19 10.86 45.46
N ALA B 241 -20.65 9.80 44.87
CA ALA B 241 -19.95 9.90 43.60
C ALA B 241 -20.24 8.65 42.78
N LEU B 242 -20.14 8.78 41.46
CA LEU B 242 -20.72 7.78 40.58
C LEU B 242 -19.91 7.80 39.29
N ALA B 243 -19.38 6.65 38.84
CA ALA B 243 -18.32 6.63 37.86
C ALA B 243 -18.56 5.62 36.76
N TYR B 244 -18.21 5.98 35.52
CA TYR B 244 -18.81 5.40 34.33
C TYR B 244 -18.81 3.87 34.36
N ASN B 245 -17.64 3.28 34.59
CA ASN B 245 -17.54 1.85 34.84
C ASN B 245 -17.39 1.51 36.31
N GLY B 246 -17.23 2.51 37.17
CA GLY B 246 -16.94 2.29 38.57
C GLY B 246 -18.19 2.09 39.38
N ASN B 247 -18.01 2.04 40.69
CA ASN B 247 -19.10 1.87 41.61
C ASN B 247 -19.72 3.23 41.94
N LEU B 248 -21.02 3.22 42.23
CA LEU B 248 -21.57 4.25 43.09
C LEU B 248 -20.93 4.12 44.46
N THR B 249 -20.47 5.24 45.01
CA THR B 249 -19.84 5.23 46.32
C THR B 249 -20.29 6.44 47.12
N ALA B 250 -20.46 6.24 48.41
CA ALA B 250 -20.67 7.31 49.37
C ALA B 250 -19.44 7.48 50.23
N LEU B 251 -19.08 8.72 50.52
CA LEU B 251 -17.86 9.03 51.25
C LEU B 251 -18.13 10.12 52.27
N ASP B 252 -17.32 10.15 53.31
CA ASP B 252 -17.32 11.28 54.24
C ASP B 252 -16.69 12.51 53.59
N LEU B 253 -17.24 13.68 53.95
CA LEU B 253 -16.71 14.93 53.42
C LEU B 253 -15.26 15.15 53.84
N ARG B 254 -14.82 14.58 54.96
CA ARG B 254 -13.48 14.81 55.50
C ARG B 254 -12.54 13.62 55.40
N SER B 255 -13.03 12.39 55.56
CA SER B 255 -12.12 11.26 55.59
C SER B 255 -11.74 10.77 54.21
N GLY B 256 -12.64 10.92 53.24
CA GLY B 256 -12.40 10.32 51.93
C GLY B 256 -12.45 8.81 51.93
N GLN B 257 -12.86 8.19 53.03
CA GLN B 257 -13.03 6.75 53.08
C GLN B 257 -14.36 6.37 52.42
N ILE B 258 -14.37 5.19 51.80
CA ILE B 258 -15.57 4.65 51.18
C ILE B 258 -16.42 3.99 52.26
N MET B 259 -17.65 4.47 52.44
CA MET B 259 -18.56 3.80 53.35
C MET B 259 -19.07 2.50 52.75
N TRP B 260 -19.47 2.54 51.48
CA TRP B 260 -19.94 1.35 50.78
C TRP B 260 -19.82 1.58 49.29
N LYS B 261 -19.86 0.49 48.54
CA LYS B 261 -19.84 0.53 47.08
C LYS B 261 -21.01 -0.25 46.52
N ARG B 262 -21.55 0.25 45.41
CA ARG B 262 -22.56 -0.48 44.64
C ARG B 262 -22.14 -0.57 43.19
N GLU B 263 -22.34 -1.73 42.59
CA GLU B 263 -22.25 -1.91 41.15
C GLU B 263 -23.58 -1.64 40.45
N LEU B 264 -24.64 -1.40 41.23
CA LEU B 264 -26.00 -1.37 40.70
C LEU B 264 -26.17 -0.37 39.58
N GLY B 265 -25.41 0.72 39.59
CA GLY B 265 -25.39 1.63 38.45
C GLY B 265 -24.18 2.53 38.50
N SER B 266 -23.75 2.98 37.30
CA SER B 266 -22.42 3.56 37.17
C SER B 266 -22.33 4.95 36.55
N VAL B 267 -23.30 5.42 35.76
CA VAL B 267 -22.94 6.48 34.81
C VAL B 267 -23.36 7.91 35.15
N ASN B 268 -24.66 8.19 35.28
CA ASN B 268 -25.13 9.53 34.96
C ASN B 268 -25.97 10.23 36.02
N ASP B 269 -25.63 11.51 36.22
CA ASP B 269 -26.50 12.56 36.75
C ASP B 269 -27.46 12.11 37.86
N PHE B 270 -26.92 11.40 38.85
CA PHE B 270 -27.79 10.99 39.95
C PHE B 270 -28.31 12.22 40.69
N ILE B 271 -29.42 12.03 41.41
CA ILE B 271 -29.96 13.05 42.31
C ILE B 271 -30.39 12.37 43.60
N VAL B 272 -30.59 13.17 44.64
CA VAL B 272 -30.99 12.65 45.94
C VAL B 272 -32.11 13.51 46.50
N ASP B 273 -33.16 12.86 47.01
CA ASP B 273 -34.17 13.51 47.83
C ASP B 273 -34.82 12.45 48.71
N GLY B 274 -35.35 12.89 49.86
CA GLY B 274 -35.99 11.98 50.78
C GLY B 274 -35.12 10.82 51.21
N ASN B 275 -33.81 11.02 51.25
CA ASN B 275 -32.82 9.97 51.48
C ASN B 275 -32.87 8.86 50.43
N ARG B 276 -33.51 9.08 49.29
CA ARG B 276 -33.45 8.16 48.16
C ARG B 276 -32.62 8.78 47.05
N ILE B 277 -31.73 7.97 46.47
CA ILE B 277 -30.93 8.38 45.32
C ILE B 277 -31.60 7.85 44.07
N TYR B 278 -31.66 8.69 43.03
CA TYR B 278 -32.22 8.32 41.73
C TYR B 278 -31.12 8.44 40.69
N LEU B 279 -31.05 7.45 39.81
CA LEU B 279 -29.84 7.18 39.05
C LEU B 279 -30.19 6.73 37.64
N VAL B 280 -29.24 6.89 36.73
CA VAL B 280 -29.32 6.35 35.38
C VAL B 280 -28.04 5.57 35.09
N ASP B 281 -28.19 4.43 34.44
CA ASP B 281 -27.13 3.44 34.28
C ASP B 281 -26.49 3.53 32.88
N GLN B 282 -25.47 2.69 32.66
CA GLN B 282 -24.81 2.62 31.37
C GLN B 282 -25.83 2.39 30.26
N ASN B 283 -26.70 1.43 30.47
CA ASN B 283 -27.88 1.24 29.64
C ASN B 283 -29.07 1.82 30.40
N ASP B 284 -29.89 2.60 29.71
CA ASP B 284 -30.75 3.58 30.37
C ASP B 284 -31.87 2.90 31.15
N ARG B 285 -31.50 2.37 32.31
CA ARG B 285 -32.47 1.94 33.32
C ARG B 285 -32.49 2.97 34.44
N VAL B 286 -33.67 3.48 34.74
CA VAL B 286 -33.89 4.29 35.93
C VAL B 286 -34.07 3.39 37.14
N MET B 287 -33.52 3.80 38.28
CA MET B 287 -33.72 3.08 39.52
C MET B 287 -33.65 4.04 40.70
N ALA B 288 -34.19 3.60 41.83
CA ALA B 288 -34.11 4.32 43.08
C ALA B 288 -33.30 3.51 44.09
N LEU B 289 -32.47 4.21 44.87
CA LEU B 289 -31.57 3.57 45.83
C LEU B 289 -31.67 4.31 47.15
N THR B 290 -31.47 3.56 48.23
CA THR B 290 -31.36 4.15 49.56
C THR B 290 -29.95 4.66 49.82
N ILE B 291 -29.86 5.69 50.65
CA ILE B 291 -28.57 6.15 51.17
C ILE B 291 -27.92 5.09 52.04
N ASP B 292 -28.73 4.30 52.77
CA ASP B 292 -28.22 3.38 53.78
C ASP B 292 -27.67 2.10 53.15
N GLY B 293 -26.72 2.29 52.24
CA GLY B 293 -26.23 1.20 51.42
C GLY B 293 -27.07 0.97 50.19
N GLY B 294 -26.52 1.30 49.02
CA GLY B 294 -27.29 1.28 47.79
C GLY B 294 -27.86 -0.08 47.46
N VAL B 295 -29.18 -0.21 47.58
CA VAL B 295 -29.89 -1.41 47.14
C VAL B 295 -31.16 -0.96 46.42
N THR B 296 -31.56 -1.75 45.43
CA THR B 296 -32.66 -1.35 44.56
C THR B 296 -33.97 -1.24 45.32
N LEU B 297 -34.50 -0.02 45.44
CA LEU B 297 -35.85 0.16 45.94
C LEU B 297 -36.87 -0.15 44.86
N TRP B 298 -36.67 0.39 43.66
CA TRP B 298 -37.40 -0.02 42.47
C TRP B 298 -36.52 0.24 41.26
N THR B 299 -36.84 -0.43 40.15
CA THR B 299 -36.07 -0.30 38.92
C THR B 299 -36.99 -0.32 37.72
N GLN B 300 -36.54 0.34 36.65
CA GLN B 300 -37.35 0.64 35.47
C GLN B 300 -36.51 0.40 34.22
N SER B 301 -36.08 -0.86 34.06
CA SER B 301 -35.19 -1.26 32.97
C SER B 301 -35.88 -1.34 31.61
N ASP B 302 -36.86 -0.47 31.35
CA ASP B 302 -37.65 -0.54 30.14
C ASP B 302 -37.16 0.39 29.03
N LEU B 303 -36.27 1.35 29.32
CA LEU B 303 -35.85 2.37 28.36
C LEU B 303 -34.48 2.13 27.73
N LEU B 304 -33.86 0.98 27.97
CA LEU B 304 -32.45 0.78 27.59
C LEU B 304 -32.14 1.25 26.18
N HIS B 305 -31.07 2.05 26.07
CA HIS B 305 -30.50 2.63 24.86
C HIS B 305 -31.38 3.65 24.14
N ARG B 306 -32.56 3.98 24.66
CA ARG B 306 -33.25 5.20 24.22
C ARG B 306 -32.63 6.35 25.03
N LEU B 307 -31.48 6.82 24.54
CA LEU B 307 -30.54 7.62 25.33
C LEU B 307 -31.26 8.68 26.15
N LEU B 308 -31.29 8.48 27.47
CA LEU B 308 -32.01 9.36 28.39
C LEU B 308 -31.19 10.61 28.70
N THR B 309 -31.70 11.41 29.64
CA THR B 309 -31.09 12.64 30.08
C THR B 309 -31.10 12.67 31.60
N SER B 310 -30.42 13.65 32.18
CA SER B 310 -30.45 13.85 33.62
C SER B 310 -31.89 13.83 34.14
N PRO B 311 -32.22 12.97 35.11
CA PRO B 311 -33.57 12.99 35.69
C PRO B 311 -33.76 14.17 36.62
N VAL B 312 -34.88 14.87 36.48
CA VAL B 312 -35.25 15.97 37.37
C VAL B 312 -36.51 15.57 38.13
N LEU B 313 -36.48 15.78 39.45
CA LEU B 313 -37.63 15.54 40.30
C LEU B 313 -38.60 16.73 40.23
N TYR B 314 -39.86 16.45 39.93
CA TYR B 314 -40.83 17.53 39.70
C TYR B 314 -42.24 17.06 40.03
N ASN B 315 -42.92 17.83 40.87
CA ASN B 315 -44.31 17.56 41.29
C ASN B 315 -44.51 16.12 41.76
N GLY B 316 -43.49 15.54 42.38
CA GLY B 316 -43.59 14.17 42.83
C GLY B 316 -43.38 13.13 41.77
N ASN B 317 -42.62 13.46 40.71
CA ASN B 317 -42.30 12.53 39.66
C ASN B 317 -40.82 12.67 39.33
N LEU B 318 -40.30 11.69 38.60
CA LEU B 318 -39.03 11.82 37.90
C LEU B 318 -39.31 12.05 36.43
N VAL B 319 -38.79 13.13 35.88
CA VAL B 319 -38.95 13.50 34.48
C VAL B 319 -37.63 13.26 33.77
N VAL B 320 -37.68 12.58 32.63
CA VAL B 320 -36.47 12.31 31.85
C VAL B 320 -36.82 12.29 30.37
N GLY B 321 -36.05 13.01 29.58
CA GLY B 321 -36.24 13.06 28.14
C GLY B 321 -35.35 12.05 27.44
N ASP B 322 -35.81 11.56 26.30
CA ASP B 322 -35.08 10.55 25.56
C ASP B 322 -34.49 11.13 24.27
N SER B 323 -33.82 10.24 23.51
CA SER B 323 -33.08 10.62 22.33
C SER B 323 -33.94 11.08 21.16
N GLU B 324 -35.26 10.86 21.20
CA GLU B 324 -36.10 11.09 20.03
C GLU B 324 -37.26 12.05 20.27
N GLY B 325 -37.63 12.36 21.51
CA GLY B 325 -38.43 13.53 21.76
C GLY B 325 -39.48 13.41 22.83
N TYR B 326 -39.52 12.28 23.53
CA TYR B 326 -40.56 12.02 24.50
C TYR B 326 -40.05 12.35 25.89
N LEU B 327 -40.86 13.08 26.66
CA LEU B 327 -40.64 13.26 28.09
C LEU B 327 -41.32 12.11 28.82
N HIS B 328 -40.53 11.15 29.29
CA HIS B 328 -41.02 10.08 30.13
C HIS B 328 -41.18 10.58 31.56
N TRP B 329 -42.39 10.44 32.11
CA TRP B 329 -42.66 10.73 33.51
C TRP B 329 -42.73 9.41 34.27
N ILE B 330 -41.94 9.30 35.34
CA ILE B 330 -41.87 8.09 36.13
C ILE B 330 -42.22 8.44 37.57
N ASN B 331 -43.05 7.60 38.19
CA ASN B 331 -43.50 7.85 39.54
C ASN B 331 -42.32 7.83 40.52
N VAL B 332 -42.41 8.67 41.55
CA VAL B 332 -41.29 8.86 42.46
C VAL B 332 -41.13 7.72 43.47
N GLU B 333 -42.17 6.93 43.70
CA GLU B 333 -42.18 5.98 44.82
C GLU B 333 -42.44 4.54 44.39
N ASP B 334 -42.90 4.32 43.17
CA ASP B 334 -42.79 3.02 42.51
C ASP B 334 -42.36 3.22 41.08
N GLY B 335 -41.67 2.22 40.53
CA GLY B 335 -41.18 2.29 39.17
C GLY B 335 -42.21 2.02 38.09
N ARG B 336 -43.16 2.93 37.91
CA ARG B 336 -44.17 2.79 36.88
C ARG B 336 -44.32 4.12 36.16
N PHE B 337 -44.53 4.05 34.84
CA PHE B 337 -44.73 5.26 34.05
C PHE B 337 -46.03 5.96 34.41
N VAL B 338 -46.03 7.28 34.25
CA VAL B 338 -47.19 8.10 34.54
C VAL B 338 -47.70 8.87 33.33
N ALA B 339 -46.86 9.14 32.34
CA ALA B 339 -47.25 9.94 31.19
C ALA B 339 -46.17 9.82 30.13
N GLN B 340 -46.46 10.34 28.94
CA GLN B 340 -45.47 10.41 27.87
C GLN B 340 -45.82 11.64 27.01
N GLN B 341 -45.07 12.71 27.21
CA GLN B 341 -45.30 13.96 26.49
C GLN B 341 -45.13 13.77 24.98
N LYS B 342 -45.55 14.80 24.24
CA LYS B 342 -45.48 14.78 22.79
C LYS B 342 -44.04 14.71 22.31
N VAL B 343 -43.86 14.06 21.16
CA VAL B 343 -42.57 14.01 20.47
C VAL B 343 -42.11 15.43 20.15
N ASP B 344 -41.02 15.85 20.78
CA ASP B 344 -40.48 17.19 20.63
C ASP B 344 -39.29 17.19 19.67
N SER B 345 -38.91 18.40 19.26
CA SER B 345 -38.09 18.64 18.08
C SER B 345 -36.72 17.96 18.09
N SER B 346 -36.61 16.85 17.39
CA SER B 346 -35.36 16.10 17.22
C SER B 346 -34.76 15.60 18.53
N GLY B 347 -35.58 15.47 19.58
CA GLY B 347 -35.12 14.84 20.79
C GLY B 347 -34.28 15.75 21.67
N PHE B 348 -33.78 15.14 22.75
CA PHE B 348 -33.07 15.87 23.80
C PHE B 348 -31.70 15.26 24.03
N GLN B 349 -30.77 16.10 24.47
CA GLN B 349 -29.42 15.64 24.79
C GLN B 349 -28.80 16.46 25.91
N THR B 350 -29.61 17.08 26.78
CA THR B 350 -29.12 18.00 27.79
C THR B 350 -30.11 18.03 28.94
N GLU B 351 -29.63 18.50 30.09
CA GLU B 351 -30.40 18.39 31.31
C GLU B 351 -31.66 19.25 31.24
N PRO B 352 -32.79 18.78 31.77
CA PRO B 352 -33.82 19.70 32.25
C PRO B 352 -33.35 20.37 33.53
N VAL B 353 -33.90 21.56 33.79
CA VAL B 353 -33.51 22.36 34.95
C VAL B 353 -34.58 22.24 36.02
N ALA B 354 -34.14 21.99 37.25
CA ALA B 354 -35.02 21.90 38.41
C ALA B 354 -35.49 23.26 38.90
N ALA B 355 -36.07 24.06 38.02
CA ALA B 355 -36.61 25.34 38.45
C ALA B 355 -37.77 25.13 39.42
N ASP B 356 -38.05 26.16 40.20
CA ASP B 356 -39.20 26.14 41.10
C ASP B 356 -40.48 26.41 40.30
N GLY B 357 -41.39 25.44 40.31
CA GLY B 357 -42.65 25.56 39.59
C GLY B 357 -42.54 25.40 38.10
N LYS B 358 -41.61 26.11 37.47
CA LYS B 358 -41.34 25.91 36.06
C LYS B 358 -40.52 24.64 35.83
N LEU B 359 -40.53 24.16 34.60
CA LEU B 359 -39.47 23.32 34.06
C LEU B 359 -39.06 23.89 32.71
N LEU B 360 -37.77 23.77 32.38
CA LEU B 360 -37.29 24.02 31.03
C LEU B 360 -36.40 22.89 30.55
N ILE B 361 -36.50 22.57 29.26
CA ILE B 361 -35.60 21.65 28.59
C ILE B 361 -35.30 22.17 27.20
N GLN B 362 -34.04 22.06 26.78
CA GLN B 362 -33.62 22.42 25.43
C GLN B 362 -33.52 21.16 24.58
N ALA B 363 -34.29 21.12 23.50
CA ALA B 363 -34.11 20.08 22.49
C ALA B 363 -32.83 20.32 21.70
N LYS B 364 -32.38 19.26 21.02
CA LYS B 364 -31.14 19.33 20.26
C LYS B 364 -31.19 20.36 19.13
N ASP B 365 -32.38 20.80 18.73
CA ASP B 365 -32.51 21.84 17.72
C ASP B 365 -32.50 23.25 18.30
N GLY B 366 -32.41 23.38 19.62
CA GLY B 366 -32.39 24.68 20.27
C GLY B 366 -33.72 25.21 20.72
N THR B 367 -34.81 24.51 20.47
CA THR B 367 -36.10 24.91 21.02
C THR B 367 -36.10 24.70 22.53
N VAL B 368 -36.39 25.75 23.28
CA VAL B 368 -36.71 25.64 24.70
C VAL B 368 -38.19 25.33 24.84
N TYR B 369 -38.52 24.48 25.81
CA TYR B 369 -39.90 24.10 26.09
C TYR B 369 -40.20 24.29 27.57
N SER B 370 -41.34 24.91 27.85
CA SER B 370 -41.88 25.03 29.19
C SER B 370 -42.97 23.99 29.40
N ILE B 371 -42.77 23.09 30.35
CA ILE B 371 -43.64 21.94 30.53
C ILE B 371 -44.46 22.17 31.80
N THR B 372 -45.76 21.89 31.70
CA THR B 372 -46.68 22.11 32.82
C THR B 372 -47.76 21.04 32.77
N ARG B 373 -48.56 21.00 33.83
CA ARG B 373 -49.62 20.00 33.94
C ARG B 373 -50.96 20.68 34.17
N SER C 5 2.91 -26.58 -10.23
CA SER C 5 4.26 -26.57 -9.59
C SER C 5 5.34 -26.79 -10.65
N ARG C 6 6.32 -25.88 -10.66
CA ARG C 6 7.34 -25.82 -11.71
C ARG C 6 8.43 -26.88 -11.54
N TYR C 7 8.55 -27.50 -10.37
CA TYR C 7 9.67 -28.36 -10.05
C TYR C 7 9.47 -29.80 -10.53
N LYS C 8 8.41 -30.06 -11.29
CA LYS C 8 8.03 -31.43 -11.65
C LYS C 8 9.19 -32.27 -12.16
N ARG C 9 10.12 -31.65 -12.90
CA ARG C 9 11.29 -32.38 -13.41
C ARG C 9 12.15 -32.96 -12.28
N GLN C 10 12.79 -32.12 -11.46
CA GLN C 10 13.77 -32.64 -10.52
C GLN C 10 13.15 -33.60 -9.51
N VAL C 11 11.91 -33.36 -9.08
CA VAL C 11 11.25 -34.29 -8.16
C VAL C 11 10.96 -35.63 -8.80
N SER C 12 11.11 -35.77 -10.11
CA SER C 12 11.06 -37.09 -10.76
C SER C 12 12.32 -37.91 -10.49
N GLY C 13 13.37 -37.32 -9.94
CA GLY C 13 14.65 -38.00 -9.81
C GLY C 13 15.43 -38.07 -11.11
N ASP C 14 15.69 -36.92 -11.71
CA ASP C 14 16.09 -36.86 -13.11
C ASP C 14 17.46 -37.48 -13.35
N GLU C 15 18.28 -37.63 -12.31
CA GLU C 15 19.63 -38.17 -12.42
C GLU C 15 20.46 -37.50 -13.52
N ALA C 16 20.05 -36.30 -13.95
CA ALA C 16 20.86 -35.52 -14.89
C ALA C 16 22.13 -34.98 -14.24
N TYR C 17 22.14 -34.84 -12.92
CA TYR C 17 23.36 -34.46 -12.20
C TYR C 17 24.46 -35.50 -12.31
N LEU C 18 24.12 -36.76 -12.58
CA LEU C 18 25.13 -37.81 -12.61
C LEU C 18 26.04 -37.71 -13.83
N GLU C 19 25.62 -36.97 -14.86
CA GLU C 19 26.47 -36.68 -16.00
C GLU C 19 27.55 -35.65 -15.70
N ALA C 20 27.39 -34.84 -14.64
CA ALA C 20 28.27 -33.70 -14.42
C ALA C 20 29.72 -34.13 -14.28
N ALA C 21 30.60 -33.39 -14.98
CA ALA C 21 32.01 -33.73 -15.08
C ALA C 21 32.68 -33.78 -13.71
N PRO C 22 33.66 -34.66 -13.51
CA PRO C 22 34.37 -34.73 -12.23
C PRO C 22 35.26 -33.52 -11.97
N LEU C 23 35.55 -33.31 -10.70
CA LEU C 23 36.41 -32.22 -10.26
C LEU C 23 37.88 -32.52 -10.61
N ALA C 24 38.61 -31.46 -10.99
CA ALA C 24 39.93 -31.61 -11.66
C ALA C 24 40.86 -30.50 -11.16
N GLU C 25 41.54 -30.78 -10.05
CA GLU C 25 42.27 -29.75 -9.31
C GLU C 25 43.42 -29.17 -10.15
N LEU C 26 43.61 -27.85 -10.03
CA LEU C 26 44.72 -27.15 -10.63
C LEU C 26 46.04 -27.52 -9.94
N HIS C 27 47.15 -27.35 -10.68
CA HIS C 27 48.48 -27.46 -10.10
C HIS C 27 49.26 -26.17 -10.31
N ALA C 28 50.00 -25.78 -9.28
CA ALA C 28 50.72 -24.51 -9.25
C ALA C 28 51.98 -24.59 -10.11
N PRO C 29 52.21 -23.65 -11.02
CA PRO C 29 53.48 -23.62 -11.75
C PRO C 29 54.61 -23.18 -10.83
N ALA C 30 55.83 -23.29 -11.35
CA ALA C 30 57.01 -22.95 -10.57
C ALA C 30 56.99 -21.49 -10.14
N GLY C 31 57.32 -21.26 -8.87
CA GLY C 31 57.37 -19.91 -8.33
C GLY C 31 56.05 -19.27 -7.98
N MET C 32 54.97 -20.05 -7.84
CA MET C 32 53.67 -19.48 -7.53
C MET C 32 52.94 -20.37 -6.54
N ILE C 33 51.89 -19.82 -5.92
CA ILE C 33 50.98 -20.58 -5.09
C ILE C 33 49.56 -20.15 -5.45
N LEU C 34 48.65 -21.12 -5.50
CA LEU C 34 47.24 -20.81 -5.67
C LEU C 34 46.62 -20.30 -4.37
N PRO C 35 45.61 -19.45 -4.46
CA PRO C 35 44.97 -18.91 -3.26
C PRO C 35 44.53 -20.00 -2.30
N VAL C 36 44.59 -19.69 -1.00
CA VAL C 36 44.23 -20.66 0.03
C VAL C 36 42.76 -21.05 -0.09
N THR C 37 42.49 -22.34 -0.03
CA THR C 37 41.17 -22.91 -0.29
C THR C 37 40.21 -22.61 0.86
N SER C 38 38.92 -22.84 0.62
CA SER C 38 37.85 -22.41 1.52
C SER C 38 36.87 -23.55 1.76
N GLY C 39 35.70 -23.23 2.34
CA GLY C 39 34.85 -24.23 2.97
C GLY C 39 34.05 -25.13 2.04
N ASP C 40 33.90 -24.75 0.76
CA ASP C 40 33.15 -25.57 -0.19
C ASP C 40 33.98 -26.74 -0.73
N TYR C 41 34.38 -27.61 0.18
CA TYR C 41 35.13 -28.82 -0.18
C TYR C 41 34.19 -30.02 -0.10
N ALA C 42 34.22 -30.86 -1.12
CA ALA C 42 33.48 -32.12 -1.11
C ALA C 42 34.36 -33.20 -0.49
N ILE C 43 33.91 -33.74 0.63
CA ILE C 43 34.69 -34.75 1.36
C ILE C 43 34.81 -36.02 0.52
N PRO C 44 35.98 -36.66 0.47
CA PRO C 44 36.18 -37.81 -0.43
C PRO C 44 35.62 -39.13 0.06
N VAL C 45 34.97 -39.18 1.23
CA VAL C 45 34.46 -40.44 1.75
C VAL C 45 33.27 -40.91 0.92
N THR C 46 33.41 -42.08 0.31
CA THR C 46 32.35 -42.68 -0.48
C THR C 46 32.29 -44.17 -0.20
N ASN C 47 31.14 -44.78 -0.49
CA ASN C 47 30.90 -46.20 -0.25
C ASN C 47 30.35 -46.84 -1.52
N GLY C 48 30.96 -47.97 -1.91
CA GLY C 48 30.46 -48.70 -3.07
C GLY C 48 29.05 -49.20 -2.89
N SER C 49 28.69 -49.60 -1.67
CA SER C 49 27.33 -50.02 -1.38
C SER C 49 26.30 -48.95 -1.72
N GLY C 50 26.67 -47.68 -1.62
CA GLY C 50 25.71 -46.62 -1.85
C GLY C 50 25.26 -46.52 -3.29
N ALA C 51 23.99 -46.84 -3.52
CA ALA C 51 23.39 -46.69 -4.85
C ALA C 51 23.31 -45.22 -5.23
N VAL C 52 23.07 -44.97 -6.52
CA VAL C 52 23.04 -43.64 -7.08
C VAL C 52 21.99 -43.58 -8.18
N GLY C 53 21.41 -42.39 -8.37
CA GLY C 53 20.36 -42.20 -9.34
C GLY C 53 19.06 -42.91 -9.01
N LYS C 54 18.34 -43.31 -10.06
CA LYS C 54 17.07 -43.99 -9.90
C LYS C 54 17.18 -45.24 -9.04
N ALA C 55 18.36 -45.86 -8.99
CA ALA C 55 18.55 -47.10 -8.25
C ALA C 55 18.44 -46.90 -6.74
N LEU C 56 18.58 -45.67 -6.25
CA LEU C 56 18.53 -45.42 -4.81
C LEU C 56 17.09 -45.48 -4.30
N ASP C 57 16.87 -46.33 -3.29
CA ASP C 57 15.53 -46.57 -2.73
C ASP C 57 15.13 -45.41 -1.81
N ILE C 58 14.92 -44.26 -2.43
CA ILE C 58 14.68 -43.01 -1.70
C ILE C 58 13.49 -43.15 -0.74
N ARG C 59 12.57 -44.06 -1.01
CA ARG C 59 11.38 -44.21 -0.18
C ARG C 59 11.74 -44.45 1.29
N PRO C 60 10.92 -43.94 2.21
CA PRO C 60 11.33 -43.87 3.61
C PRO C 60 11.54 -45.25 4.20
N PRO C 61 12.39 -45.36 5.23
CA PRO C 61 12.69 -46.67 5.84
C PRO C 61 11.46 -47.42 6.32
N ALA C 62 11.64 -48.75 6.40
CA ALA C 62 10.53 -49.66 6.68
C ALA C 62 10.00 -49.53 8.10
N GLN C 63 10.87 -49.26 9.07
CA GLN C 63 10.48 -49.12 10.48
C GLN C 63 11.31 -48.03 11.14
N PRO C 64 10.95 -46.76 10.94
CA PRO C 64 11.67 -45.62 11.51
C PRO C 64 11.86 -45.75 13.03
N LYS D 5 -10.82 -32.01 0.74
CA LYS D 5 -11.36 -33.27 0.16
C LYS D 5 -12.06 -34.13 1.21
N GLU D 6 -12.83 -35.10 0.74
CA GLU D 6 -13.46 -36.08 1.60
C GLU D 6 -12.42 -36.95 2.29
N GLU D 7 -12.83 -37.55 3.41
CA GLU D 7 -11.96 -38.43 4.19
C GLU D 7 -12.69 -39.73 4.47
N VAL D 8 -11.92 -40.81 4.52
CA VAL D 8 -12.41 -42.15 4.83
C VAL D 8 -12.87 -42.27 6.28
N PRO D 9 -13.67 -43.28 6.61
CA PRO D 9 -13.91 -43.58 8.03
C PRO D 9 -12.63 -43.96 8.74
N ASP D 10 -12.56 -43.60 10.02
CA ASP D 10 -11.29 -43.35 10.70
C ASP D 10 -11.13 -44.06 12.04
N ASN D 11 -12.17 -44.72 12.56
CA ASN D 11 -12.08 -45.21 13.93
C ASN D 11 -10.94 -46.19 14.14
N PRO D 12 -10.64 -47.11 13.24
CA PRO D 12 -9.35 -47.80 13.29
C PRO D 12 -8.27 -47.01 12.58
N PRO D 13 -7.33 -46.40 13.32
CA PRO D 13 -6.28 -45.64 12.65
C PRO D 13 -5.40 -46.49 11.75
N ASN D 14 -5.28 -47.78 12.05
CA ASN D 14 -4.48 -48.67 11.20
C ASN D 14 -5.05 -48.79 9.80
N GLU D 15 -6.37 -48.75 9.65
CA GLU D 15 -6.93 -48.93 8.32
C GLU D 15 -6.83 -47.67 7.46
N ILE D 16 -7.02 -46.49 8.06
CA ILE D 16 -6.76 -45.25 7.34
C ILE D 16 -5.28 -45.11 7.02
N TYR D 17 -4.39 -45.58 7.89
CA TYR D 17 -2.99 -45.64 7.53
C TYR D 17 -2.74 -46.60 6.36
N ALA D 18 -3.34 -47.79 6.41
CA ALA D 18 -3.09 -48.77 5.36
C ALA D 18 -3.59 -48.28 4.01
N THR D 19 -4.74 -47.60 3.97
CA THR D 19 -5.22 -47.04 2.71
C THR D 19 -4.38 -45.85 2.24
N ALA D 20 -3.91 -45.02 3.17
CA ALA D 20 -2.99 -43.96 2.79
C ALA D 20 -1.70 -44.54 2.19
N GLN D 21 -1.14 -45.54 2.85
CA GLN D 21 0.08 -46.18 2.35
C GLN D 21 -0.16 -46.89 1.01
N GLN D 22 -1.34 -47.47 0.82
CA GLN D 22 -1.66 -48.05 -0.48
C GLN D 22 -1.70 -46.97 -1.57
N LYS D 23 -2.31 -45.82 -1.28
CA LYS D 23 -2.31 -44.72 -2.25
C LYS D 23 -0.92 -44.20 -2.50
N LEU D 24 -0.05 -44.22 -1.49
CA LEU D 24 1.33 -43.79 -1.68
C LEU D 24 2.14 -44.79 -2.50
N GLN D 25 1.89 -46.09 -2.30
CA GLN D 25 2.50 -47.11 -3.15
C GLN D 25 2.03 -46.97 -4.59
N ASP D 26 0.75 -46.62 -4.78
CA ASP D 26 0.21 -46.49 -6.13
C ASP D 26 0.87 -45.35 -6.89
N GLY D 27 1.34 -44.33 -6.17
CA GLY D 27 1.82 -43.11 -6.80
C GLY D 27 0.80 -42.01 -6.89
N ASN D 28 -0.35 -42.15 -6.23
CA ASN D 28 -1.39 -41.12 -6.19
C ASN D 28 -1.10 -40.15 -5.04
N TRP D 29 -0.05 -39.35 -5.22
CA TRP D 29 0.42 -38.51 -4.13
C TRP D 29 -0.65 -37.55 -3.63
N ARG D 30 -1.51 -37.05 -4.53
CA ARG D 30 -2.60 -36.18 -4.12
C ARG D 30 -3.60 -36.85 -3.17
N GLN D 31 -3.76 -38.17 -3.26
CA GLN D 31 -4.55 -38.88 -2.27
C GLN D 31 -3.74 -39.16 -1.00
N ALA D 32 -2.54 -39.71 -1.14
CA ALA D 32 -1.75 -40.06 0.03
C ALA D 32 -1.49 -38.85 0.92
N ILE D 33 -1.16 -37.71 0.32
CA ILE D 33 -0.91 -36.48 1.07
C ILE D 33 -2.10 -36.09 1.95
N THR D 34 -3.31 -36.08 1.36
CA THR D 34 -4.49 -35.66 2.10
C THR D 34 -4.88 -36.68 3.17
N GLN D 35 -4.74 -37.97 2.88
CA GLN D 35 -5.07 -38.97 3.90
C GLN D 35 -4.04 -39.05 5.02
N LEU D 36 -2.76 -38.84 4.72
CA LEU D 36 -1.77 -38.74 5.78
C LEU D 36 -1.95 -37.47 6.61
N GLU D 37 -2.29 -36.35 5.98
CA GLU D 37 -2.65 -35.17 6.76
C GLU D 37 -3.88 -35.43 7.64
N ALA D 38 -4.86 -36.16 7.13
CA ALA D 38 -6.01 -36.52 7.95
C ALA D 38 -5.61 -37.37 9.16
N LEU D 39 -4.78 -38.37 8.93
CA LEU D 39 -4.28 -39.20 10.03
C LEU D 39 -3.46 -38.38 11.04
N ASP D 40 -2.59 -37.49 10.55
CA ASP D 40 -1.86 -36.60 11.45
C ASP D 40 -2.79 -35.68 12.24
N ASN D 41 -3.89 -35.25 11.64
CA ASN D 41 -4.82 -34.38 12.35
C ASN D 41 -5.64 -35.13 13.38
N ARG D 42 -6.03 -36.37 13.06
CA ARG D 42 -6.89 -37.13 13.95
C ARG D 42 -6.14 -37.87 15.04
N TYR D 43 -4.87 -38.22 14.81
CA TYR D 43 -4.11 -38.98 15.79
C TYR D 43 -2.70 -38.41 15.91
N PRO D 44 -2.56 -37.11 16.15
CA PRO D 44 -1.25 -36.45 15.94
C PRO D 44 -0.13 -37.03 16.77
N PHE D 45 -0.41 -37.51 17.98
CA PHE D 45 0.62 -38.06 18.87
C PHE D 45 0.58 -39.57 18.98
N GLY D 46 -0.16 -40.24 18.10
CA GLY D 46 -0.24 -41.69 18.13
C GLY D 46 1.06 -42.33 17.73
N PRO D 47 1.16 -43.65 17.90
CA PRO D 47 2.39 -44.35 17.50
C PRO D 47 2.77 -44.15 16.04
N TYR D 48 1.80 -43.97 15.15
CA TYR D 48 2.10 -43.81 13.73
C TYR D 48 2.71 -42.45 13.41
N SER D 49 2.71 -41.52 14.36
CA SER D 49 3.08 -40.14 14.06
C SER D 49 4.42 -40.04 13.34
N GLN D 50 5.42 -40.81 13.78
CA GLN D 50 6.75 -40.70 13.19
C GLN D 50 6.75 -41.20 11.75
N GLN D 51 6.31 -42.43 11.53
CA GLN D 51 6.31 -42.98 10.18
C GLN D 51 5.34 -42.21 9.28
N VAL D 52 4.26 -41.70 9.87
CA VAL D 52 3.35 -40.83 9.13
C VAL D 52 4.06 -39.56 8.68
N GLN D 53 4.85 -38.94 9.57
CA GLN D 53 5.61 -37.76 9.18
C GLN D 53 6.65 -38.06 8.10
N LEU D 54 7.32 -39.21 8.17
CA LEU D 54 8.27 -39.55 7.11
C LEU D 54 7.58 -39.81 5.77
N ASP D 55 6.41 -40.46 5.81
CA ASP D 55 5.62 -40.61 4.58
C ASP D 55 5.12 -39.26 4.09
N LEU D 56 4.79 -38.36 4.99
CA LEU D 56 4.23 -37.08 4.58
C LEU D 56 5.28 -36.15 4.00
N ILE D 57 6.52 -36.17 4.53
CA ILE D 57 7.59 -35.44 3.86
C ILE D 57 7.93 -36.06 2.51
N TYR D 58 7.78 -37.38 2.38
CA TYR D 58 7.99 -38.01 1.07
C TYR D 58 6.89 -37.62 0.08
N ALA D 59 5.64 -37.59 0.53
CA ALA D 59 4.54 -37.18 -0.33
C ALA D 59 4.63 -35.70 -0.69
N TYR D 60 5.00 -34.83 0.25
CA TYR D 60 5.22 -33.43 -0.08
C TYR D 60 6.33 -33.27 -1.09
N TYR D 61 7.41 -34.04 -0.97
CA TYR D 61 8.47 -33.96 -1.97
C TYR D 61 8.00 -34.39 -3.34
N LYS D 62 7.49 -35.62 -3.45
CA LYS D 62 7.04 -36.11 -4.75
C LYS D 62 5.85 -35.34 -5.31
N ASN D 63 5.01 -34.79 -4.45
CA ASN D 63 3.94 -33.90 -4.91
C ASN D 63 4.42 -32.52 -5.31
N ALA D 64 5.72 -32.24 -5.18
CA ALA D 64 6.27 -30.92 -5.47
C ALA D 64 5.66 -29.82 -4.60
N ASP D 65 5.29 -30.15 -3.37
CA ASP D 65 4.92 -29.15 -2.36
C ASP D 65 6.15 -28.74 -1.56
N LEU D 66 7.21 -28.37 -2.27
CA LEU D 66 8.53 -28.22 -1.66
C LEU D 66 8.60 -27.30 -0.45
N PRO D 67 7.92 -26.14 -0.41
CA PRO D 67 8.00 -25.34 0.82
C PRO D 67 7.32 -25.99 2.01
N LEU D 68 6.33 -26.85 1.77
CA LEU D 68 5.75 -27.61 2.87
C LEU D 68 6.65 -28.78 3.27
N ALA D 69 7.30 -29.41 2.30
CA ALA D 69 8.30 -30.41 2.63
C ALA D 69 9.44 -29.81 3.46
N GLN D 70 9.87 -28.61 3.10
CA GLN D 70 10.86 -27.88 3.91
C GLN D 70 10.37 -27.62 5.32
N ALA D 71 9.15 -27.09 5.46
CA ALA D 71 8.63 -26.81 6.79
C ALA D 71 8.53 -28.08 7.62
N ALA D 72 7.98 -29.15 7.04
CA ALA D 72 7.85 -30.42 7.75
C ALA D 72 9.20 -31.03 8.10
N ILE D 73 10.19 -30.88 7.23
CA ILE D 73 11.52 -31.42 7.51
C ILE D 73 12.18 -30.65 8.66
N ASP D 74 12.13 -29.32 8.62
CA ASP D 74 12.69 -28.54 9.72
C ASP D 74 11.98 -28.86 11.04
N ARG D 75 10.65 -28.95 11.00
CA ARG D 75 9.90 -29.33 12.20
C ARG D 75 10.26 -30.72 12.69
N PHE D 76 10.46 -31.68 11.78
CA PHE D 76 10.85 -33.03 12.19
C PHE D 76 12.23 -33.04 12.84
N ILE D 77 13.21 -32.39 12.20
CA ILE D 77 14.56 -32.41 12.75
C ILE D 77 14.60 -31.67 14.08
N ARG D 78 13.72 -30.69 14.26
CA ARG D 78 13.58 -30.05 15.57
C ARG D 78 12.96 -30.98 16.60
N LEU D 79 11.89 -31.69 16.21
CA LEU D 79 11.14 -32.51 17.15
C LEU D 79 11.89 -33.76 17.59
N ASN D 80 12.66 -34.38 16.68
CA ASN D 80 13.45 -35.55 17.03
C ASN D 80 14.85 -35.45 16.41
N PRO D 81 15.70 -34.60 16.98
CA PRO D 81 17.07 -34.47 16.43
C PRO D 81 17.90 -35.74 16.56
N THR D 82 17.46 -36.71 17.35
CA THR D 82 18.20 -37.94 17.60
C THR D 82 17.54 -39.16 16.97
N HIS D 83 16.57 -38.95 16.08
CA HIS D 83 15.88 -40.08 15.46
C HIS D 83 16.89 -40.96 14.73
N PRO D 84 16.76 -42.29 14.82
CA PRO D 84 17.79 -43.17 14.23
C PRO D 84 17.87 -43.12 12.71
N ASN D 85 16.87 -42.60 12.02
CA ASN D 85 16.91 -42.41 10.57
C ASN D 85 16.85 -40.94 10.19
N ILE D 86 17.43 -40.07 11.03
CA ILE D 86 17.49 -38.66 10.72
C ILE D 86 18.38 -38.38 9.52
N ASP D 87 19.29 -39.30 9.18
CA ASP D 87 20.07 -39.17 7.96
C ASP D 87 19.19 -39.08 6.72
N TYR D 88 18.10 -39.85 6.69
CA TYR D 88 17.16 -39.73 5.58
C TYR D 88 16.50 -38.36 5.53
N VAL D 89 16.16 -37.81 6.70
CA VAL D 89 15.54 -36.47 6.71
C VAL D 89 16.54 -35.41 6.25
N MET D 90 17.80 -35.55 6.64
CA MET D 90 18.85 -34.66 6.15
C MET D 90 18.99 -34.74 4.64
N TYR D 91 18.95 -35.97 4.12
CA TYR D 91 19.03 -36.18 2.68
C TYR D 91 17.84 -35.54 1.97
N MET D 92 16.64 -35.72 2.51
CA MET D 92 15.46 -35.06 1.95
C MET D 92 15.54 -33.54 2.04
N ARG D 93 16.20 -32.97 3.05
CA ARG D 93 16.39 -31.53 3.03
C ARG D 93 17.33 -31.10 1.92
N GLY D 94 18.33 -31.93 1.63
CA GLY D 94 19.16 -31.67 0.46
C GLY D 94 18.38 -31.72 -0.83
N LEU D 95 17.63 -32.81 -1.03
CA LEU D 95 16.87 -32.96 -2.27
C LEU D 95 15.84 -31.85 -2.44
N THR D 96 15.14 -31.47 -1.37
CA THR D 96 14.13 -30.43 -1.51
C THR D 96 14.73 -29.06 -1.81
N ASN D 97 15.88 -28.72 -1.21
CA ASN D 97 16.51 -27.46 -1.57
C ASN D 97 17.06 -27.47 -3.00
N MET D 98 17.66 -28.58 -3.41
CA MET D 98 18.14 -28.67 -4.79
C MET D 98 16.99 -28.64 -5.79
N ALA D 99 15.87 -29.30 -5.47
CA ALA D 99 14.72 -29.24 -6.35
C ALA D 99 14.14 -27.83 -6.41
N LEU D 100 14.26 -27.06 -5.33
CA LEU D 100 13.87 -25.66 -5.41
C LEU D 100 14.80 -24.88 -6.34
N ASP D 101 16.06 -25.29 -6.45
CA ASP D 101 16.94 -24.65 -7.43
C ASP D 101 16.55 -25.00 -8.87
N ASP D 102 16.21 -26.26 -9.13
CA ASP D 102 15.97 -26.77 -10.47
C ASP D 102 14.61 -26.40 -11.08
N SER D 103 14.04 -25.26 -10.69
CA SER D 103 12.76 -24.82 -11.25
C SER D 103 12.78 -24.79 -12.79
N ALA D 104 11.61 -25.04 -13.37
CA ALA D 104 11.29 -24.59 -14.72
C ALA D 104 11.47 -23.09 -14.88
N LEU D 105 11.96 -22.70 -16.06
CA LEU D 105 11.89 -21.32 -16.55
C LEU D 105 10.56 -21.08 -17.27
N GLN D 106 9.59 -20.53 -16.54
CA GLN D 106 8.25 -20.26 -17.08
C GLN D 106 7.59 -21.51 -17.65
N GLY D 107 7.74 -22.62 -16.93
CA GLY D 107 7.22 -23.92 -17.32
C GLY D 107 8.01 -24.72 -18.34
N PHE D 108 9.05 -24.18 -18.95
CA PHE D 108 9.83 -24.95 -19.91
C PHE D 108 11.22 -25.24 -19.36
N PHE D 109 11.58 -26.51 -19.33
CA PHE D 109 12.90 -26.99 -18.92
C PHE D 109 13.92 -27.02 -20.06
N GLY D 110 15.19 -27.15 -19.66
CA GLY D 110 16.32 -27.34 -20.54
C GLY D 110 17.08 -26.10 -20.93
N VAL D 111 16.56 -24.91 -20.67
CA VAL D 111 17.37 -23.71 -20.74
C VAL D 111 18.46 -23.78 -19.66
N ASP D 112 19.68 -23.39 -20.03
CA ASP D 112 20.77 -23.29 -19.06
C ASP D 112 20.46 -22.18 -18.06
N ARG D 113 19.84 -22.56 -16.93
CA ARG D 113 19.50 -21.67 -15.83
C ARG D 113 20.57 -21.60 -14.75
N SER D 114 21.81 -21.98 -15.06
CA SER D 114 22.85 -21.97 -14.05
C SER D 114 23.17 -20.57 -13.52
N ASP D 115 22.78 -19.50 -14.22
CA ASP D 115 23.02 -18.15 -13.70
C ASP D 115 21.75 -17.44 -13.26
N ARG D 116 20.77 -18.19 -12.76
CA ARG D 116 19.72 -17.74 -11.87
C ARG D 116 20.09 -17.96 -10.42
N ASP D 117 19.40 -17.23 -9.54
CA ASP D 117 19.68 -17.15 -8.11
C ASP D 117 20.14 -18.48 -7.53
N PRO D 118 21.39 -18.55 -7.08
CA PRO D 118 21.96 -19.83 -6.60
C PRO D 118 21.64 -20.18 -5.16
N GLN D 119 20.90 -19.34 -4.43
CA GLN D 119 20.83 -19.52 -2.98
C GLN D 119 20.30 -20.90 -2.61
N HIS D 120 19.36 -21.45 -3.37
CA HIS D 120 18.86 -22.77 -3.05
C HIS D 120 19.86 -23.87 -3.38
N ALA D 121 20.67 -23.68 -4.42
CA ALA D 121 21.78 -24.60 -4.66
C ALA D 121 22.82 -24.50 -3.55
N ARG D 122 23.09 -23.29 -3.06
CA ARG D 122 24.03 -23.12 -1.97
C ARG D 122 23.55 -23.80 -0.70
N ALA D 123 22.26 -23.67 -0.39
CA ALA D 123 21.68 -24.37 0.75
C ALA D 123 21.72 -25.88 0.57
N ALA D 124 21.36 -26.37 -0.62
CA ALA D 124 21.45 -27.80 -0.88
C ALA D 124 22.88 -28.32 -0.71
N PHE D 125 23.87 -27.56 -1.17
CA PHE D 125 25.25 -27.97 -0.95
C PHE D 125 25.59 -28.01 0.53
N SER D 126 25.17 -27.00 1.28
CA SER D 126 25.43 -27.00 2.72
C SER D 126 24.82 -28.23 3.38
N ASP D 127 23.59 -28.58 3.01
CA ASP D 127 22.89 -29.65 3.71
C ASP D 127 23.36 -31.04 3.29
N PHE D 128 23.71 -31.23 2.02
CA PHE D 128 24.36 -32.48 1.62
C PHE D 128 25.72 -32.63 2.30
N SER D 129 26.51 -31.56 2.36
CA SER D 129 27.81 -31.70 3.00
C SER D 129 27.68 -31.92 4.50
N LYS D 130 26.67 -31.31 5.13
CA LYS D 130 26.35 -31.61 6.51
C LYS D 130 25.93 -33.06 6.71
N LEU D 131 25.30 -33.67 5.71
CA LEU D 131 25.05 -35.11 5.76
C LEU D 131 26.34 -35.91 5.66
N VAL D 132 27.09 -35.72 4.57
CA VAL D 132 28.21 -36.62 4.27
C VAL D 132 29.29 -36.52 5.35
N ARG D 133 29.52 -35.32 5.89
CA ARG D 133 30.50 -35.18 6.97
C ARG D 133 29.99 -35.71 8.29
N GLY D 134 28.67 -35.84 8.47
CA GLY D 134 28.12 -36.31 9.72
C GLY D 134 27.82 -37.79 9.77
N TYR D 135 27.31 -38.35 8.68
CA TYR D 135 26.81 -39.73 8.64
C TYR D 135 27.50 -40.53 7.53
N PRO D 136 28.84 -40.62 7.58
CA PRO D 136 29.57 -41.19 6.44
C PRO D 136 29.27 -42.65 6.17
N ASN D 137 28.62 -43.36 7.10
CA ASN D 137 28.25 -44.75 6.87
C ASN D 137 26.95 -44.89 6.08
N SER D 138 26.14 -43.84 5.98
CA SER D 138 24.80 -43.98 5.45
C SER D 138 24.83 -44.27 3.95
N GLN D 139 23.85 -45.05 3.50
CA GLN D 139 23.76 -45.43 2.10
C GLN D 139 23.53 -44.24 1.17
N TYR D 140 22.94 -43.15 1.69
CA TYR D 140 22.73 -41.95 0.89
C TYR D 140 24.00 -41.16 0.64
N THR D 141 25.12 -41.52 1.27
CA THR D 141 26.32 -40.68 1.22
C THR D 141 26.88 -40.57 -0.20
N THR D 142 26.89 -41.66 -0.96
CA THR D 142 27.45 -41.60 -2.32
C THR D 142 26.58 -40.76 -3.25
N ASP D 143 25.26 -40.87 -3.13
CA ASP D 143 24.39 -40.01 -3.94
C ASP D 143 24.51 -38.56 -3.51
N ALA D 144 24.58 -38.31 -2.20
CA ALA D 144 24.82 -36.95 -1.72
C ALA D 144 26.13 -36.40 -2.27
N THR D 145 27.17 -37.23 -2.32
CA THR D 145 28.44 -36.82 -2.90
C THR D 145 28.30 -36.42 -4.38
N LYS D 146 27.54 -37.20 -5.15
CA LYS D 146 27.31 -36.78 -6.54
C LYS D 146 26.44 -35.53 -6.66
N ARG D 147 25.54 -35.30 -5.70
CA ARG D 147 24.83 -34.03 -5.67
C ARG D 147 25.78 -32.89 -5.39
N LEU D 148 26.69 -33.07 -4.45
CA LEU D 148 27.67 -32.04 -4.12
C LEU D 148 28.56 -31.72 -5.32
N VAL D 149 29.07 -32.76 -5.98
CA VAL D 149 29.92 -32.57 -7.15
C VAL D 149 29.19 -31.80 -8.25
N PHE D 150 27.90 -32.07 -8.45
CA PHE D 150 27.13 -31.26 -9.40
C PHE D 150 26.93 -29.82 -8.91
N LEU D 151 26.53 -29.66 -7.64
CA LEU D 151 26.20 -28.34 -7.11
C LEU D 151 27.39 -27.38 -7.10
N LYS D 152 28.59 -27.87 -6.78
CA LYS D 152 29.74 -26.98 -6.78
C LYS D 152 29.99 -26.40 -8.18
N ASP D 153 29.95 -27.25 -9.19
CA ASP D 153 30.08 -26.78 -10.57
C ASP D 153 28.96 -25.80 -10.92
N ARG D 154 27.72 -26.11 -10.54
CA ARG D 154 26.61 -25.20 -10.79
C ARG D 154 26.74 -23.86 -10.07
N LEU D 155 27.47 -23.78 -8.97
CA LEU D 155 27.75 -22.49 -8.33
C LEU D 155 28.88 -21.74 -9.03
N ALA D 156 29.93 -22.47 -9.40
CA ALA D 156 31.03 -21.85 -10.14
C ALA D 156 30.57 -21.30 -11.47
N LYS D 157 29.60 -21.95 -12.13
CA LYS D 157 29.05 -21.36 -13.35
C LYS D 157 28.34 -20.05 -13.09
N TYR D 158 27.74 -19.86 -11.91
CA TYR D 158 27.16 -18.57 -11.59
C TYR D 158 28.22 -17.51 -11.42
N GLU D 159 29.26 -17.82 -10.64
CA GLU D 159 30.35 -16.85 -10.48
C GLU D 159 31.00 -16.51 -11.82
N TYR D 160 31.15 -17.51 -12.69
CA TYR D 160 31.66 -17.27 -14.04
C TYR D 160 30.73 -16.36 -14.85
N SER D 161 29.42 -16.57 -14.74
CA SER D 161 28.49 -15.70 -15.48
C SER D 161 28.58 -14.25 -15.01
N VAL D 162 28.76 -14.03 -13.70
CA VAL D 162 28.93 -12.66 -13.22
C VAL D 162 30.26 -12.06 -13.65
N ALA D 163 31.34 -12.85 -13.62
CA ALA D 163 32.62 -12.35 -14.12
C ALA D 163 32.56 -12.05 -15.62
N GLU D 164 31.81 -12.84 -16.37
CA GLU D 164 31.64 -12.57 -17.80
C GLU D 164 30.84 -11.30 -18.05
N TYR D 165 29.78 -11.07 -17.27
CA TYR D 165 29.05 -9.83 -17.43
C TYR D 165 29.91 -8.61 -17.10
N TYR D 166 30.66 -8.66 -16.00
CA TYR D 166 31.55 -7.54 -15.71
C TYR D 166 32.69 -7.41 -16.71
N THR D 167 33.10 -8.50 -17.35
CA THR D 167 34.01 -8.37 -18.47
C THR D 167 33.39 -7.56 -19.61
N GLU D 168 32.11 -7.84 -19.92
CA GLU D 168 31.45 -7.10 -20.99
C GLU D 168 31.23 -5.65 -20.62
N ARG D 169 30.81 -5.38 -19.37
CA ARG D 169 30.68 -4.02 -18.87
C ARG D 169 32.02 -3.31 -18.73
N GLY D 170 33.12 -4.05 -18.64
CA GLY D 170 34.42 -3.43 -18.42
C GLY D 170 34.70 -2.99 -16.99
N ALA D 171 34.13 -3.67 -16.00
CA ALA D 171 34.42 -3.41 -14.60
C ALA D 171 35.54 -4.34 -14.15
N TRP D 172 36.76 -4.02 -14.56
CA TRP D 172 37.86 -4.97 -14.46
C TRP D 172 38.23 -5.31 -13.02
N VAL D 173 37.92 -4.46 -12.05
CA VAL D 173 38.22 -4.83 -10.67
C VAL D 173 37.17 -5.78 -10.12
N ALA D 174 35.92 -5.70 -10.62
CA ALA D 174 34.94 -6.71 -10.28
C ALA D 174 35.30 -8.05 -10.89
N VAL D 175 35.75 -8.05 -12.15
CA VAL D 175 36.17 -9.30 -12.78
C VAL D 175 37.32 -9.94 -12.01
N VAL D 176 38.35 -9.15 -11.68
CA VAL D 176 39.46 -9.71 -10.93
C VAL D 176 39.02 -10.22 -9.56
N ASN D 177 38.20 -9.45 -8.85
CA ASN D 177 37.75 -9.91 -7.53
C ASN D 177 36.94 -11.18 -7.60
N ARG D 178 36.03 -11.29 -8.57
CA ARG D 178 35.19 -12.48 -8.65
C ARG D 178 35.99 -13.69 -9.10
N VAL D 179 36.90 -13.54 -10.06
CA VAL D 179 37.70 -14.70 -10.43
C VAL D 179 38.65 -15.12 -9.31
N GLU D 180 39.18 -14.18 -8.53
CA GLU D 180 39.92 -14.57 -7.33
C GLU D 180 39.03 -15.29 -6.32
N GLY D 181 37.77 -14.89 -6.24
CA GLY D 181 36.83 -15.63 -5.42
C GLY D 181 36.63 -17.06 -5.89
N MET D 182 36.45 -17.25 -7.20
CA MET D 182 36.37 -18.60 -7.73
C MET D 182 37.65 -19.39 -7.46
N LEU D 183 38.81 -18.76 -7.61
CA LEU D 183 40.07 -19.45 -7.36
C LEU D 183 40.29 -19.83 -5.90
N ARG D 184 39.59 -19.18 -4.97
CA ARG D 184 39.73 -19.61 -3.57
C ARG D 184 38.59 -20.49 -3.08
N ASP D 185 37.34 -20.22 -3.49
CA ASP D 185 36.22 -21.07 -3.10
C ASP D 185 36.10 -22.31 -3.98
N TYR D 186 36.27 -22.18 -5.29
CA TYR D 186 35.94 -23.23 -6.25
C TYR D 186 37.16 -23.58 -7.08
N PRO D 187 38.26 -23.99 -6.44
CA PRO D 187 39.52 -24.11 -7.18
C PRO D 187 39.54 -25.23 -8.20
N ASP D 188 38.80 -26.31 -7.96
CA ASP D 188 39.07 -27.60 -8.60
C ASP D 188 37.98 -27.99 -9.59
N THR D 189 37.48 -27.02 -10.36
CA THR D 189 36.32 -27.24 -11.20
C THR D 189 36.52 -26.52 -12.52
N GLN D 190 35.82 -26.99 -13.55
CA GLN D 190 35.55 -26.16 -14.71
C GLN D 190 34.77 -24.90 -14.30
N ALA D 191 34.59 -24.01 -15.27
CA ALA D 191 34.23 -22.62 -15.06
C ALA D 191 35.31 -21.79 -14.37
N THR D 192 36.03 -22.37 -13.40
CA THR D 192 37.20 -21.69 -12.86
C THR D 192 38.34 -21.69 -13.87
N ARG D 193 38.64 -22.86 -14.42
CA ARG D 193 39.61 -22.99 -15.49
C ARG D 193 39.16 -22.26 -16.75
N ASP D 194 37.85 -22.05 -16.91
CA ASP D 194 37.37 -21.20 -18.01
C ASP D 194 37.42 -19.72 -17.65
N ALA D 195 37.47 -19.40 -16.35
CA ALA D 195 37.46 -18.02 -15.92
C ALA D 195 38.85 -17.41 -15.88
N LEU D 196 39.89 -18.21 -15.73
CA LEU D 196 41.24 -17.65 -15.69
C LEU D 196 41.59 -16.75 -16.87
N PRO D 197 41.19 -17.04 -18.10
CA PRO D 197 41.38 -16.05 -19.18
C PRO D 197 40.69 -14.71 -18.93
N LEU D 198 39.56 -14.69 -18.22
CA LEU D 198 38.94 -13.42 -17.89
C LEU D 198 39.78 -12.62 -16.90
N MET D 199 40.39 -13.30 -15.92
CA MET D 199 41.26 -12.60 -14.98
C MET D 199 42.53 -12.10 -15.65
N GLU D 200 43.15 -12.92 -16.51
CA GLU D 200 44.31 -12.47 -17.26
C GLU D 200 43.99 -11.28 -18.14
N ASN D 201 42.83 -11.31 -18.79
CA ASN D 201 42.39 -10.14 -19.56
C ASN D 201 42.21 -8.92 -18.67
N ALA D 202 41.49 -9.07 -17.56
CA ALA D 202 41.23 -7.93 -16.69
C ALA D 202 42.53 -7.30 -16.18
N TYR D 203 43.48 -8.13 -15.77
CA TYR D 203 44.78 -7.59 -15.37
C TYR D 203 45.50 -6.89 -16.52
N ARG D 204 45.41 -7.43 -17.73
CA ARG D 204 46.07 -6.79 -18.86
C ARG D 204 45.44 -5.45 -19.22
N GLN D 205 44.11 -5.36 -19.17
CA GLN D 205 43.44 -4.08 -19.42
C GLN D 205 43.78 -3.03 -18.38
N MET D 206 44.05 -3.43 -17.15
CA MET D 206 44.48 -2.48 -16.11
C MET D 206 45.97 -2.20 -16.14
N GLN D 207 46.68 -2.68 -17.16
CA GLN D 207 48.13 -2.52 -17.27
C GLN D 207 48.90 -3.13 -16.10
N MET D 208 48.30 -4.07 -15.39
CA MET D 208 49.01 -4.83 -14.35
C MET D 208 49.64 -6.08 -14.96
N ASN D 209 50.64 -5.83 -15.80
CA ASN D 209 51.16 -6.88 -16.67
C ASN D 209 51.82 -8.02 -15.88
N ALA D 210 52.47 -7.72 -14.77
CA ALA D 210 53.04 -8.79 -13.94
C ALA D 210 52.00 -9.81 -13.54
N GLN D 211 50.84 -9.35 -13.06
CA GLN D 211 49.76 -10.25 -12.70
C GLN D 211 49.22 -10.99 -13.92
N ALA D 212 49.08 -10.29 -15.04
CA ALA D 212 48.62 -10.96 -16.26
C ALA D 212 49.55 -12.10 -16.66
N GLU D 213 50.86 -11.89 -16.55
CA GLU D 213 51.81 -12.96 -16.84
C GLU D 213 51.74 -14.09 -15.82
N LYS D 214 51.53 -13.78 -14.55
CA LYS D 214 51.31 -14.84 -13.56
C LYS D 214 50.10 -15.69 -13.90
N VAL D 215 48.99 -15.05 -14.27
CA VAL D 215 47.79 -15.80 -14.62
C VAL D 215 47.99 -16.58 -15.91
N ALA D 216 48.69 -16.00 -16.88
CA ALA D 216 49.03 -16.75 -18.10
C ALA D 216 49.90 -17.96 -17.79
N LYS D 217 50.78 -17.85 -16.78
CA LYS D 217 51.54 -19.01 -16.34
C LYS D 217 50.65 -20.09 -15.74
N ILE D 218 49.66 -19.69 -14.95
CA ILE D 218 48.71 -20.69 -14.43
C ILE D 218 47.92 -21.32 -15.56
N ILE D 219 47.45 -20.51 -16.51
CA ILE D 219 46.72 -21.05 -17.66
C ILE D 219 47.58 -22.07 -18.40
N ALA D 220 48.82 -21.68 -18.72
CA ALA D 220 49.70 -22.58 -19.47
C ALA D 220 49.93 -23.88 -18.72
N ALA D 221 50.36 -23.81 -17.46
CA ALA D 221 50.67 -25.02 -16.72
C ALA D 221 49.43 -25.89 -16.50
N ASN D 222 48.24 -25.28 -16.46
CA ASN D 222 47.00 -26.01 -16.27
C ASN D 222 46.19 -26.16 -17.55
N SER D 223 46.70 -25.71 -18.69
CA SER D 223 45.94 -25.80 -19.93
C SER D 223 45.66 -27.26 -20.27
N SER D 224 44.41 -27.54 -20.62
CA SER D 224 44.00 -28.89 -20.99
C SER D 224 44.48 -29.24 -22.39
N GLU E 5 34.89 5.26 -30.49
CA GLU E 5 34.03 6.13 -31.36
C GLU E 5 32.59 5.63 -31.33
N ARG E 6 31.92 5.89 -30.20
CA ARG E 6 30.49 5.65 -30.06
C ARG E 6 29.88 6.77 -29.24
N VAL E 7 28.63 7.09 -29.53
CA VAL E 7 27.94 8.22 -28.92
C VAL E 7 26.92 7.81 -27.85
N VAL E 8 26.60 6.51 -27.74
CA VAL E 8 25.54 6.10 -26.83
C VAL E 8 25.92 6.42 -25.39
N TYR E 9 24.92 6.86 -24.63
CA TYR E 9 25.07 7.33 -23.26
C TYR E 9 25.38 6.18 -22.31
N ARG E 10 26.69 6.05 -21.90
CA ARG E 10 27.10 5.15 -20.83
C ARG E 10 26.96 5.82 -19.46
N PRO E 11 26.65 5.04 -18.42
CA PRO E 11 26.89 5.51 -17.06
C PRO E 11 28.37 5.59 -16.75
N ASP E 12 28.67 6.27 -15.64
CA ASP E 12 30.04 6.44 -15.15
C ASP E 12 30.55 5.14 -14.52
N ILE E 13 31.27 4.35 -15.31
CA ILE E 13 32.04 3.22 -14.80
C ILE E 13 33.17 3.76 -13.93
N ASN E 14 33.12 3.45 -12.64
CA ASN E 14 34.20 3.78 -11.71
C ASN E 14 34.62 2.50 -11.02
N GLN E 15 35.92 2.38 -10.74
CA GLN E 15 36.46 1.10 -10.30
C GLN E 15 37.59 1.34 -9.31
N GLY E 16 37.74 0.39 -8.39
CA GLY E 16 38.78 0.43 -7.38
C GLY E 16 38.40 1.34 -6.23
N ASN E 17 39.43 1.79 -5.50
CA ASN E 17 39.25 2.60 -4.31
C ASN E 17 39.84 3.99 -4.50
N TYR E 18 39.30 4.95 -3.77
CA TYR E 18 39.55 6.36 -4.04
C TYR E 18 40.96 6.74 -3.60
N LEU E 19 41.67 7.46 -4.46
CA LEU E 19 43.00 7.97 -4.15
C LEU E 19 43.06 9.47 -4.41
N THR E 20 43.88 10.16 -3.61
CA THR E 20 44.23 11.54 -3.88
C THR E 20 45.67 11.78 -3.46
N ALA E 21 46.23 12.89 -3.93
CA ALA E 21 47.57 13.29 -3.50
C ALA E 21 47.65 13.40 -1.98
N ASN E 22 46.60 13.89 -1.34
CA ASN E 22 46.57 13.96 0.11
C ASN E 22 46.58 12.59 0.75
N ASP E 23 45.95 11.60 0.12
CA ASP E 23 45.90 10.25 0.66
C ASP E 23 47.23 9.52 0.47
N VAL E 24 47.71 9.42 -0.77
CA VAL E 24 48.87 8.58 -1.06
C VAL E 24 50.14 9.12 -0.40
N SER E 25 50.26 10.44 -0.25
CA SER E 25 51.46 11.00 0.38
C SER E 25 51.54 10.71 1.87
N LYS E 26 50.48 10.16 2.48
CA LYS E 26 50.59 9.67 3.85
C LYS E 26 51.51 8.46 3.96
N ILE E 27 51.60 7.63 2.92
CA ILE E 27 52.32 6.37 3.01
C ILE E 27 53.82 6.62 2.92
N ARG E 28 54.57 5.96 3.80
CA ARG E 28 56.02 6.01 3.77
C ARG E 28 56.56 4.63 4.11
N VAL E 29 57.79 4.37 3.65
CA VAL E 29 58.39 3.06 3.83
C VAL E 29 58.53 2.72 5.31
N GLY E 30 58.35 1.44 5.63
CA GLY E 30 58.47 0.94 6.98
C GLY E 30 57.18 0.90 7.78
N MET E 31 56.08 1.41 7.23
CA MET E 31 54.79 1.27 7.89
C MET E 31 54.41 -0.20 8.00
N THR E 32 53.75 -0.56 9.11
CA THR E 32 53.16 -1.88 9.21
C THR E 32 51.84 -1.91 8.44
N GLN E 33 51.49 -3.11 7.97
CA GLN E 33 50.35 -3.29 7.09
C GLN E 33 49.07 -2.70 7.66
N GLN E 34 48.87 -2.80 8.99
CA GLN E 34 47.65 -2.26 9.59
C GLN E 34 47.54 -0.74 9.45
N GLN E 35 48.66 -0.05 9.67
CA GLN E 35 48.73 1.44 9.64
C GLN E 35 48.49 1.98 8.24
N VAL E 36 49.00 1.32 7.19
CA VAL E 36 48.75 1.73 5.81
C VAL E 36 47.35 1.33 5.34
N ALA E 37 46.81 0.20 5.84
CA ALA E 37 45.40 -0.09 5.61
C ALA E 37 44.49 0.96 6.23
N TYR E 38 44.86 1.48 7.40
CA TYR E 38 44.12 2.59 8.00
C TYR E 38 44.28 3.88 7.19
N ALA E 39 45.49 4.14 6.68
CA ALA E 39 45.76 5.39 5.99
C ALA E 39 45.02 5.48 4.66
N LEU E 40 44.98 4.40 3.88
CA LEU E 40 44.26 4.43 2.62
C LEU E 40 42.92 3.71 2.64
N GLY E 41 42.61 2.94 3.67
CA GLY E 41 41.52 2.00 3.61
C GLY E 41 41.97 0.64 3.12
N THR E 42 41.10 -0.35 3.32
CA THR E 42 41.44 -1.72 2.97
C THR E 42 41.72 -1.82 1.47
N PRO E 43 42.73 -2.59 1.07
CA PRO E 43 43.05 -2.74 -0.36
C PRO E 43 41.95 -3.51 -1.07
N LEU E 44 41.39 -2.92 -2.12
CA LEU E 44 40.33 -3.59 -2.85
C LEU E 44 40.86 -4.65 -3.81
N MET E 45 42.17 -4.74 -3.98
CA MET E 45 42.81 -5.86 -4.65
C MET E 45 44.13 -6.15 -3.95
N SER E 46 44.51 -7.43 -3.95
CA SER E 46 45.81 -7.82 -3.44
C SER E 46 46.27 -9.06 -4.18
N ASP E 47 47.58 -9.24 -4.27
CA ASP E 47 48.14 -10.30 -5.08
C ASP E 47 47.79 -11.65 -4.50
N PRO E 48 46.90 -12.44 -5.13
CA PRO E 48 46.50 -13.71 -4.51
C PRO E 48 47.62 -14.73 -4.47
N PHE E 49 48.56 -14.66 -5.41
CA PHE E 49 49.45 -15.79 -5.72
C PHE E 49 50.69 -15.81 -4.84
N GLY E 50 50.49 -15.82 -3.52
CA GLY E 50 51.56 -16.13 -2.60
C GLY E 50 52.52 -14.99 -2.29
N THR E 51 52.05 -13.75 -2.32
CA THR E 51 52.88 -12.63 -1.90
C THR E 51 52.00 -11.52 -1.37
N ASN E 52 52.61 -10.59 -0.65
CA ASN E 52 51.90 -9.57 0.12
C ASN E 52 51.54 -8.34 -0.69
N THR E 53 51.96 -8.28 -1.95
CA THR E 53 51.78 -7.06 -2.74
C THR E 53 50.32 -6.63 -2.76
N TRP E 54 50.10 -5.32 -2.58
CA TRP E 54 48.77 -4.72 -2.63
C TRP E 54 48.68 -3.77 -3.81
N PHE E 55 47.48 -3.66 -4.38
CA PHE E 55 47.23 -2.85 -5.56
C PHE E 55 46.10 -1.87 -5.23
N TYR E 56 46.48 -0.63 -4.94
CA TYR E 56 45.52 0.48 -4.88
C TYR E 56 45.38 1.03 -6.29
N VAL E 57 44.43 0.49 -7.04
CA VAL E 57 44.06 1.00 -8.36
C VAL E 57 42.87 1.93 -8.21
N PHE E 58 43.02 3.16 -8.70
CA PHE E 58 41.93 4.12 -8.80
C PHE E 58 41.67 4.36 -10.29
N ARG E 59 40.49 4.00 -10.76
CA ARG E 59 40.17 4.04 -12.17
C ARG E 59 38.79 4.62 -12.37
N GLN E 60 38.67 5.53 -13.33
CA GLN E 60 37.40 6.17 -13.65
C GLN E 60 37.23 6.23 -15.17
N GLN E 61 36.02 5.98 -15.62
CA GLN E 61 35.66 6.12 -17.05
C GLN E 61 34.31 6.80 -17.15
N PRO E 62 34.20 8.03 -16.66
CA PRO E 62 32.92 8.72 -16.67
C PRO E 62 32.58 9.30 -18.04
N GLY E 63 31.29 9.56 -18.23
CA GLY E 63 30.82 10.13 -19.47
C GLY E 63 31.07 9.20 -20.65
N HIS E 64 30.96 9.80 -21.84
CA HIS E 64 30.88 9.01 -23.07
C HIS E 64 32.23 8.37 -23.41
N GLU E 65 33.32 9.13 -23.33
CA GLU E 65 34.63 8.60 -23.64
C GLU E 65 35.70 9.28 -22.78
N GLY E 66 36.84 8.61 -22.70
CA GLY E 66 37.95 9.03 -21.86
C GLY E 66 37.99 8.28 -20.56
N VAL E 67 39.20 7.86 -20.16
CA VAL E 67 39.40 6.99 -19.02
C VAL E 67 40.65 7.47 -18.27
N THR E 68 40.63 7.35 -16.95
CA THR E 68 41.74 7.76 -16.12
C THR E 68 42.03 6.65 -15.10
N GLN E 69 43.31 6.42 -14.83
CA GLN E 69 43.69 5.45 -13.82
C GLN E 69 44.94 5.91 -13.11
N GLN E 70 44.94 5.78 -11.79
CA GLN E 70 46.14 5.85 -10.97
C GLN E 70 46.40 4.49 -10.37
N THR E 71 47.61 3.96 -10.57
CA THR E 71 48.01 2.68 -9.98
C THR E 71 49.05 2.95 -8.90
N LEU E 72 48.67 2.69 -7.66
CA LEU E 72 49.59 2.63 -6.52
C LEU E 72 49.69 1.17 -6.10
N THR E 73 50.91 0.66 -5.99
CA THR E 73 51.13 -0.71 -5.54
C THR E 73 52.17 -0.77 -4.44
N LEU E 74 51.87 -1.56 -3.41
CA LEU E 74 52.67 -1.66 -2.20
C LEU E 74 53.09 -3.11 -2.03
N THR E 75 54.31 -3.33 -1.57
CA THR E 75 54.77 -4.70 -1.32
C THR E 75 55.51 -4.76 0.02
N PHE E 76 55.32 -5.87 0.72
CA PHE E 76 55.65 -5.98 2.14
C PHE E 76 56.49 -7.23 2.37
N ASN E 77 57.48 -7.13 3.24
CA ASN E 77 58.12 -8.31 3.77
C ASN E 77 57.12 -9.05 4.68
N SER E 78 57.42 -10.29 5.00
CA SER E 78 56.64 -11.02 5.99
C SER E 78 56.55 -10.28 7.32
N SER E 79 55.48 -10.56 8.07
CA SER E 79 54.99 -9.75 9.17
C SER E 79 54.45 -8.38 8.74
N GLY E 80 54.44 -8.07 7.46
CA GLY E 80 53.70 -6.91 6.98
C GLY E 80 54.38 -5.58 7.14
N VAL E 81 55.66 -5.47 6.77
CA VAL E 81 56.39 -4.20 6.78
C VAL E 81 56.55 -3.73 5.35
N LEU E 82 56.08 -2.52 5.07
CA LEU E 82 56.11 -1.96 3.72
C LEU E 82 57.54 -1.67 3.30
N THR E 83 58.04 -2.42 2.30
CA THR E 83 59.42 -2.30 1.87
C THR E 83 59.60 -1.54 0.56
N ASN E 84 58.62 -1.52 -0.33
CA ASN E 84 58.76 -0.78 -1.57
C ASN E 84 57.41 -0.24 -2.03
N ILE E 85 57.45 0.89 -2.73
CA ILE E 85 56.27 1.61 -3.16
C ILE E 85 56.45 1.99 -4.62
N ASP E 86 55.40 1.82 -5.42
CA ASP E 86 55.38 2.29 -6.79
C ASP E 86 54.05 2.98 -7.05
N ASN E 87 54.11 4.11 -7.77
CA ASN E 87 52.95 5.00 -7.91
C ASN E 87 52.94 5.54 -9.35
N LYS E 88 52.17 4.88 -10.21
CA LYS E 88 52.02 5.31 -11.59
C LYS E 88 50.88 6.32 -11.67
N PRO E 89 51.14 7.61 -11.93
CA PRO E 89 50.09 8.62 -11.77
C PRO E 89 49.06 8.62 -12.89
N ALA E 90 49.34 7.98 -14.02
CA ALA E 90 48.43 8.00 -15.16
C ALA E 90 48.59 6.71 -15.95
N LEU E 91 47.56 6.40 -16.72
CA LEU E 91 47.57 5.18 -17.53
C LEU E 91 48.59 5.33 -18.65
N SER E 92 49.71 4.64 -18.54
CA SER E 92 50.80 4.73 -19.50
C SER E 92 50.49 3.89 -20.74
N GLY E 93 49.42 4.27 -21.43
CA GLY E 93 49.01 3.59 -22.64
C GLY E 93 50.04 3.69 -23.74
N LYS F 368 -5.35 5.06 -22.88
CA LYS F 368 -6.66 4.47 -22.57
C LYS F 368 -6.84 4.22 -21.07
N VAL F 369 -8.10 4.21 -20.62
CA VAL F 369 -8.45 3.86 -19.25
C VAL F 369 -9.72 3.01 -19.25
N THR F 370 -9.73 2.00 -18.38
CA THR F 370 -10.93 1.21 -18.12
C THR F 370 -11.06 0.98 -16.62
N LEU F 371 -12.28 1.12 -16.10
CA LEU F 371 -12.57 0.84 -14.70
C LEU F 371 -13.89 0.10 -14.61
N ASP F 372 -13.96 -0.88 -13.70
CA ASP F 372 -15.15 -1.71 -13.57
C ASP F 372 -15.39 -2.10 -12.12
N THR F 373 -16.66 -2.36 -11.79
CA THR F 373 -17.10 -2.76 -10.46
C THR F 373 -18.04 -3.96 -10.57
N ALA F 374 -17.92 -4.89 -9.61
CA ALA F 374 -18.80 -6.04 -9.51
C ALA F 374 -19.26 -6.25 -8.07
N THR F 375 -20.56 -6.52 -7.91
CA THR F 375 -21.17 -6.88 -6.63
C THR F 375 -21.88 -8.23 -6.72
N TYR F 376 -21.81 -9.01 -5.63
CA TYR F 376 -22.37 -10.35 -5.58
C TYR F 376 -23.25 -10.47 -4.33
N VAL F 377 -24.41 -11.13 -4.42
CA VAL F 377 -25.35 -11.33 -3.27
C VAL F 377 -26.13 -12.65 -3.41
N PRO F 378 -25.90 -13.71 -2.59
CA PRO F 378 -26.60 -15.00 -2.78
C PRO F 378 -28.10 -14.96 -2.46
N ILE F 379 -28.91 -15.75 -3.18
CA ILE F 379 -30.40 -15.80 -2.99
C ILE F 379 -30.75 -16.94 -2.04
N ASP F 380 -30.09 -18.11 -2.14
CA ASP F 380 -30.30 -19.24 -1.24
C ASP F 380 -29.10 -19.36 -0.31
N ASP F 381 -29.36 -19.79 0.92
CA ASP F 381 -28.39 -19.66 2.00
C ASP F 381 -27.22 -20.63 1.89
N ASP F 382 -27.29 -21.64 1.02
CA ASP F 382 -26.10 -22.42 0.71
C ASP F 382 -25.22 -21.75 -0.34
N HIS F 383 -25.67 -20.62 -0.90
CA HIS F 383 -25.01 -19.88 -1.97
C HIS F 383 -24.83 -20.68 -3.25
N LYS F 384 -25.51 -21.82 -3.41
CA LYS F 384 -25.51 -22.48 -4.70
C LYS F 384 -26.30 -21.67 -5.72
N TRP F 385 -27.26 -20.87 -5.27
CA TRP F 385 -27.99 -19.90 -6.08
C TRP F 385 -27.62 -18.49 -5.65
N VAL F 386 -27.12 -17.68 -6.60
CA VAL F 386 -26.53 -16.39 -6.30
C VAL F 386 -26.74 -15.48 -7.50
N VAL F 387 -26.79 -14.16 -7.25
CA VAL F 387 -27.02 -13.17 -8.29
C VAL F 387 -25.95 -12.07 -8.24
N LEU F 388 -25.58 -11.59 -9.44
CA LEU F 388 -24.40 -10.76 -9.66
C LEU F 388 -24.76 -9.52 -10.48
N GLY F 389 -24.20 -8.37 -10.11
CA GLY F 389 -24.25 -7.17 -10.95
C GLY F 389 -22.89 -6.61 -11.30
N ARG F 390 -22.66 -6.27 -12.58
CA ARG F 390 -21.38 -5.76 -13.05
C ARG F 390 -21.54 -4.52 -13.92
N THR F 391 -20.67 -3.53 -13.71
CA THR F 391 -20.64 -2.31 -14.50
C THR F 391 -19.20 -2.00 -14.91
N ARG F 392 -19.01 -1.62 -16.17
CA ARG F 392 -17.69 -1.33 -16.72
C ARG F 392 -17.76 -0.03 -17.51
N TRP F 393 -16.75 0.82 -17.33
CA TRP F 393 -16.63 2.07 -18.08
C TRP F 393 -15.25 2.12 -18.71
N GLY F 394 -15.19 2.51 -19.98
CA GLY F 394 -13.94 2.55 -20.73
C GLY F 394 -13.79 3.75 -21.64
N TYR F 395 -12.57 4.29 -21.72
CA TYR F 395 -12.28 5.46 -22.53
C TYR F 395 -10.99 5.24 -23.32
N GLY F 396 -11.02 5.60 -24.59
CA GLY F 396 -9.88 5.43 -25.46
C GLY F 396 -10.16 5.85 -26.89
N ASN F 467 -13.04 6.99 -28.79
CA ASN F 467 -14.42 6.61 -28.47
C ASN F 467 -14.46 6.09 -27.04
N ALA F 468 -15.66 6.01 -26.45
CA ALA F 468 -15.82 5.57 -25.08
C ALA F 468 -17.02 4.65 -24.97
N MET F 469 -17.02 3.84 -23.91
CA MET F 469 -17.99 2.77 -23.72
C MET F 469 -18.50 2.73 -22.29
N ALA F 470 -19.80 2.49 -22.14
CA ALA F 470 -20.41 2.15 -20.86
C ALA F 470 -21.16 0.83 -20.97
N VAL F 471 -20.95 -0.07 -20.01
CA VAL F 471 -21.58 -1.38 -19.98
C VAL F 471 -22.18 -1.63 -18.60
N ALA F 472 -23.39 -2.20 -18.58
CA ALA F 472 -24.03 -2.65 -17.34
C ALA F 472 -24.59 -4.06 -17.55
N SER F 473 -24.44 -4.90 -16.52
CA SER F 473 -24.79 -6.31 -16.63
C SER F 473 -25.38 -6.82 -15.32
N LEU F 474 -26.31 -7.77 -15.42
CA LEU F 474 -26.83 -8.53 -14.30
C LEU F 474 -26.80 -10.01 -14.66
N GLU F 475 -26.37 -10.86 -13.72
CA GLU F 475 -26.24 -12.29 -13.96
C GLU F 475 -26.82 -13.11 -12.82
N PHE F 476 -27.53 -14.16 -13.19
CA PHE F 476 -28.03 -15.18 -12.27
C PHE F 476 -27.18 -16.43 -12.40
N ILE F 477 -26.93 -17.11 -11.27
CA ILE F 477 -26.01 -18.25 -11.23
C ILE F 477 -26.67 -19.44 -10.54
N THR F 478 -26.43 -20.63 -11.06
CA THR F 478 -27.15 -21.84 -10.72
C THR F 478 -26.19 -22.98 -10.42
N PRO F 479 -26.60 -23.96 -9.62
CA PRO F 479 -25.97 -25.28 -9.67
C PRO F 479 -25.96 -25.87 -11.08
N THR F 480 -24.97 -26.73 -11.36
CA THR F 480 -24.74 -27.26 -12.69
C THR F 480 -25.57 -28.52 -12.93
N PRO F 481 -25.83 -28.83 -14.21
CA PRO F 481 -26.81 -29.90 -14.51
C PRO F 481 -26.48 -31.31 -14.03
N PHE F 482 -25.26 -31.82 -14.31
CA PHE F 482 -25.01 -33.26 -14.37
C PHE F 482 -23.76 -33.73 -13.63
N ILE F 483 -23.22 -32.98 -12.67
CA ILE F 483 -22.00 -33.41 -11.98
C ILE F 483 -22.04 -32.96 -10.53
N SER F 484 -21.29 -33.70 -9.69
CA SER F 484 -21.30 -33.54 -8.24
C SER F 484 -20.58 -32.27 -7.78
N ASP F 485 -20.81 -31.96 -6.50
CA ASP F 485 -20.26 -30.77 -5.84
C ASP F 485 -18.74 -30.66 -5.94
N LYS F 486 -18.04 -31.79 -5.96
CA LYS F 486 -16.58 -31.75 -6.16
C LYS F 486 -16.21 -31.01 -7.44
N TYR F 487 -16.91 -31.30 -8.53
CA TYR F 487 -16.74 -30.52 -9.76
C TYR F 487 -17.38 -29.14 -9.68
N ALA F 488 -18.56 -29.03 -9.06
CA ALA F 488 -19.22 -27.74 -8.90
C ALA F 488 -18.32 -26.71 -8.21
N ASN F 489 -17.40 -27.16 -7.37
CA ASN F 489 -16.40 -26.26 -6.80
C ASN F 489 -15.68 -25.42 -7.85
N SER F 490 -15.59 -25.89 -9.10
CA SER F 490 -14.87 -25.12 -10.11
C SER F 490 -15.66 -24.85 -11.38
N VAL F 491 -16.51 -25.78 -11.82
CA VAL F 491 -17.41 -25.55 -12.95
C VAL F 491 -18.59 -24.70 -12.51
N ARG F 492 -19.01 -23.79 -13.40
CA ARG F 492 -20.08 -22.83 -13.11
C ARG F 492 -20.99 -22.69 -14.33
N THR F 493 -22.24 -22.32 -14.08
CA THR F 493 -23.21 -22.01 -15.14
C THR F 493 -24.02 -20.77 -14.77
N SER F 494 -24.35 -19.96 -15.77
CA SER F 494 -24.93 -18.64 -15.51
C SER F 494 -25.91 -18.25 -16.61
N PHE F 495 -26.88 -17.40 -16.26
CA PHE F 495 -27.75 -16.70 -17.19
C PHE F 495 -27.58 -15.20 -16.95
N PHE F 496 -27.58 -14.39 -18.01
CA PHE F 496 -27.19 -12.99 -17.88
C PHE F 496 -28.01 -12.07 -18.77
N TRP F 497 -28.12 -10.82 -18.32
CA TRP F 497 -28.64 -9.68 -19.10
C TRP F 497 -27.50 -8.68 -19.30
N ASP F 498 -27.33 -8.19 -20.53
CA ASP F 498 -26.34 -7.15 -20.79
C ASP F 498 -26.97 -5.96 -21.52
N MET F 499 -26.62 -4.75 -21.05
CA MET F 499 -26.93 -3.50 -21.73
C MET F 499 -25.66 -2.67 -21.90
N GLY F 500 -25.47 -2.14 -23.11
CA GLY F 500 -24.24 -1.42 -23.42
C GLY F 500 -24.48 -0.30 -24.41
N THR F 501 -23.66 0.76 -24.30
CA THR F 501 -23.73 1.89 -25.23
C THR F 501 -22.32 2.43 -25.48
N VAL F 502 -22.13 2.97 -26.69
CA VAL F 502 -20.82 3.42 -27.17
C VAL F 502 -20.97 4.79 -27.82
N TRP F 503 -20.01 5.68 -27.54
CA TRP F 503 -20.06 7.05 -28.01
C TRP F 503 -18.70 7.46 -28.58
N ASN F 523 -24.01 4.16 -30.40
CA ASN F 523 -24.69 2.88 -30.49
C ASN F 523 -25.25 2.44 -29.14
N ILE F 524 -26.32 1.64 -29.20
CA ILE F 524 -26.88 0.97 -28.03
C ILE F 524 -27.06 -0.50 -28.38
N ARG F 525 -26.68 -1.38 -27.44
CA ARG F 525 -26.79 -2.83 -27.62
C ARG F 525 -27.39 -3.46 -26.37
N MET F 526 -28.23 -4.48 -26.57
CA MET F 526 -28.83 -5.23 -25.48
C MET F 526 -28.89 -6.72 -25.83
N SER F 527 -28.53 -7.57 -24.88
CA SER F 527 -28.41 -9.01 -25.13
C SER F 527 -28.75 -9.79 -23.87
N ALA F 528 -29.23 -11.03 -24.05
CA ALA F 528 -29.38 -11.98 -22.94
C ALA F 528 -28.91 -13.36 -23.35
N GLY F 529 -28.31 -14.08 -22.41
CA GLY F 529 -27.37 -15.14 -22.74
C GLY F 529 -27.22 -16.13 -21.61
N ILE F 530 -26.83 -17.35 -21.96
CA ILE F 530 -26.39 -18.37 -21.00
C ILE F 530 -24.90 -18.62 -21.19
N ALA F 531 -24.21 -18.90 -20.08
CA ALA F 531 -22.76 -18.98 -20.08
C ALA F 531 -22.28 -20.11 -19.19
N LEU F 532 -21.15 -20.71 -19.59
CA LEU F 532 -20.44 -21.71 -18.80
C LEU F 532 -19.03 -21.21 -18.52
N GLN F 533 -18.52 -21.51 -17.32
CA GLN F 533 -17.14 -21.19 -16.97
C GLN F 533 -16.49 -22.41 -16.33
N TRP F 534 -15.21 -22.59 -16.59
CA TRP F 534 -14.44 -23.70 -16.04
C TRP F 534 -13.02 -23.20 -15.80
N MET F 535 -12.40 -23.69 -14.71
CA MET F 535 -10.96 -23.48 -14.48
C MET F 535 -10.25 -24.76 -14.90
N SER F 536 -9.76 -24.78 -16.14
CA SER F 536 -9.15 -25.97 -16.71
C SER F 536 -7.70 -26.11 -16.25
N PRO F 537 -7.11 -27.29 -16.44
CA PRO F 537 -5.67 -27.44 -16.17
C PRO F 537 -4.80 -26.44 -16.93
N LEU F 538 -5.26 -26.01 -18.11
CA LEU F 538 -4.54 -25.00 -18.88
C LEU F 538 -4.73 -23.61 -18.28
N GLY F 539 -5.97 -23.23 -18.01
CA GLY F 539 -6.27 -21.91 -17.52
C GLY F 539 -7.76 -21.67 -17.49
N PRO F 540 -8.19 -20.43 -17.33
CA PRO F 540 -9.61 -20.20 -17.02
C PRO F 540 -10.39 -19.87 -18.26
N LEU F 541 -11.52 -20.54 -18.41
CA LEU F 541 -12.18 -20.73 -19.69
C LEU F 541 -13.62 -20.25 -19.60
N VAL F 542 -14.10 -19.60 -20.66
CA VAL F 542 -15.48 -19.17 -20.75
C VAL F 542 -16.08 -19.68 -22.05
N PHE F 543 -17.32 -20.16 -21.98
CA PHE F 543 -18.13 -20.41 -23.16
C PHE F 543 -19.45 -19.69 -23.00
N SER F 544 -19.99 -19.17 -24.10
CA SER F 544 -21.15 -18.29 -24.01
C SER F 544 -22.04 -18.47 -25.24
N TYR F 545 -23.35 -18.30 -25.02
CA TYR F 545 -24.35 -18.28 -26.08
C TYR F 545 -25.26 -17.09 -25.86
N ALA F 546 -25.62 -16.39 -26.94
CA ALA F 546 -26.31 -15.10 -26.81
C ALA F 546 -27.38 -14.95 -27.88
N GLN F 547 -28.42 -14.17 -27.54
CA GLN F 547 -29.56 -13.95 -28.42
C GLN F 547 -29.98 -12.49 -28.28
N PRO F 548 -29.37 -11.59 -29.05
CA PRO F 548 -29.52 -10.15 -28.80
C PRO F 548 -30.89 -9.60 -29.18
N PHE F 549 -31.32 -8.60 -28.42
CA PHE F 549 -32.59 -7.90 -28.62
C PHE F 549 -32.44 -6.61 -29.42
N LYS F 550 -31.24 -6.28 -29.90
CA LYS F 550 -31.00 -4.97 -30.50
C LYS F 550 -30.01 -5.10 -31.65
N LYS F 551 -30.19 -4.23 -32.64
CA LYS F 551 -29.30 -4.12 -33.79
C LYS F 551 -29.20 -2.66 -34.22
N LYS F 556 -25.75 -9.52 -38.63
CA LYS F 556 -24.86 -10.53 -38.08
C LYS F 556 -24.64 -10.32 -36.58
N ALA F 557 -24.45 -11.41 -35.84
CA ALA F 557 -24.50 -11.36 -34.39
C ALA F 557 -23.59 -12.40 -33.76
N GLU F 558 -23.24 -12.14 -32.49
CA GLU F 558 -22.30 -12.91 -31.69
C GLU F 558 -22.93 -14.14 -31.04
N GLN F 559 -23.57 -15.01 -31.84
CA GLN F 559 -24.44 -16.04 -31.28
C GLN F 559 -23.70 -17.05 -30.40
N PHE F 560 -22.42 -17.35 -30.69
CA PHE F 560 -21.60 -18.19 -29.83
C PHE F 560 -20.24 -17.56 -29.61
N GLN F 561 -19.69 -17.72 -28.40
CA GLN F 561 -18.34 -17.28 -28.13
C GLN F 561 -17.63 -18.28 -27.21
N PHE F 562 -16.31 -18.39 -27.40
CA PHE F 562 -15.44 -19.24 -26.60
C PHE F 562 -14.15 -18.47 -26.34
N ASN F 563 -13.66 -18.52 -25.10
CA ASN F 563 -12.64 -17.55 -24.68
C ASN F 563 -11.76 -18.14 -23.58
N ILE F 564 -10.46 -18.25 -23.85
CA ILE F 564 -9.45 -18.71 -22.89
C ILE F 564 -8.49 -17.57 -22.62
N GLY F 565 -8.21 -17.29 -21.34
CA GLY F 565 -7.26 -16.25 -21.03
C GLY F 565 -6.53 -16.39 -19.70
N LYS F 566 -5.20 -16.37 -19.73
CA LYS F 566 -4.37 -16.61 -18.57
C LYS F 566 -3.11 -15.74 -18.65
N THR F 567 -2.53 -15.43 -17.50
CA THR F 567 -1.12 -15.09 -17.43
C THR F 567 -0.33 -16.32 -17.01
N TRP F 568 0.83 -16.51 -17.65
CA TRP F 568 1.39 -17.85 -17.84
C TRP F 568 1.41 -18.61 -16.52
N UNK G 1 -20.64 -9.53 -1.20
CA UNK G 1 -19.24 -9.25 -1.60
C UNK G 1 -19.21 -8.24 -2.75
N UNK G 2 -18.15 -7.43 -2.81
CA UNK G 2 -17.98 -6.47 -3.89
C UNK G 2 -16.50 -6.26 -4.17
N UNK G 3 -16.18 -5.95 -5.42
CA UNK G 3 -14.83 -5.58 -5.82
C UNK G 3 -14.91 -4.50 -6.90
N UNK G 4 -13.91 -3.62 -6.92
CA UNK G 4 -13.77 -2.62 -7.97
C UNK G 4 -12.31 -2.48 -8.35
N UNK G 5 -12.06 -2.18 -9.63
CA UNK G 5 -10.71 -2.09 -10.16
C UNK G 5 -10.65 -1.02 -11.24
N UNK G 6 -9.47 -0.43 -11.41
CA UNK G 6 -9.20 0.52 -12.49
C UNK G 6 -7.85 0.21 -13.10
N UNK G 7 -7.76 0.34 -14.42
CA UNK G 7 -6.59 -0.13 -15.16
C UNK G 7 -6.37 0.74 -16.39
N UNK G 8 -5.12 0.79 -16.82
CA UNK G 8 -4.74 1.54 -18.02
C UNK G 8 -3.67 0.78 -18.79
#